data_7NRI
#
_entry.id   7NRI
#
_cell.length_a   1.00
_cell.length_b   1.00
_cell.length_c   1.00
_cell.angle_alpha   90.00
_cell.angle_beta   90.00
_cell.angle_gamma   90.00
#
_symmetry.space_group_name_H-M   'P 1'
#
loop_
_entity.id
_entity.type
_entity.pdbx_description
1 polymer 'Outer membrane protein assembly factor BamA'
2 polymer 'Outer membrane protein assembly factor BamB'
3 polymer 'Outer membrane protein assembly factor BamC'
4 polymer 'Outer membrane protein assembly factor BamD'
5 polymer 'Outer membrane protein assembly factor BamE'
6 polymer 3-PYRIDIN-4-YL-2,4-DIHYDRO-INDENO[1,2-.C.]PYRAZOLE
#
loop_
_entity_poly.entity_id
_entity_poly.type
_entity_poly.pdbx_seq_one_letter_code
_entity_poly.pdbx_strand_id
1 'polypeptide(L)'
;AEGFVVKDIHFEGLQRVAVGAALLSMPVRTGDTVNDEDISNTIRALFATGNFEDVRVLRDGDTLLVQVKERPTIASITFS
GNKSVKDDMLKQNLEASGVRVGESLDRTTIADIEKGLEDFYYSVGKYSASVKAVVTPLPRNRVDLKLVFQEGVSAEIQQI
NIVGNHAFTTDELISHFQLRDEVPWWNVVGDRKYQKQKLAGDLETLRSYYLDRGYARFNIDSTQVSLTPDKKGIYVTVNI
TEGDQYKLSGVEVSGNLAGHSAEIEQLTKIEPGELYNGTKVTKMEDDIKKLLGRYGYAYPRVQSMPEINDADKTVKLRVN
VDAGNRFYVRKIRFEGNDTSKDAVLRREMRQMEGAWLGSDLVDQGKERLNRLGFFETVDTDTQRVPGSPDQVDVVYKVKE
RNTGSFNFGIGYGTESGVSFQAGVQQDNWLGTGYAVGINGTKNDYQTYAELSVTNPYFTVDGVSLGGRLFYNDFQADDAD
LSDYTNKSYGTDVTLGFPINEYNSLRAGLGYVHNSLSNMQPQVAMWRYLYSMGEHPSTSDQDNSFKTDDFTFNYGWTYNK
LDRGYFPTDGSRVNLTGKVTIPGSDNEYYKVTLDTATYVPIDDDHKWVVLGRTRWGYGDGLGGKEMPFYENFYAGGSSTV
RGFQSNTIGPKAVYFPHQASNYDPDYDYECATQDGAKDLCKSDDAVGGNAMAVASLEFITPTPFISDKYANSVRTSFFWD
MGTVWDTNWDSSQYSGYPDYSDPSNIRMSAGIALQWMSPLGPLVFSYAQPFKKYDGDKAEQFQFNIGK
;
A
2 'polypeptide(L)'
;CSLFNSEEDVVKMSPLPTVENQFTPTTAWSTSVGSGIGNFYSNLHPALADNVVYAADRAGLVKALNADDGKEIWSVSLAE
KDGWFSKEPALLSGGVTVSGGHVYIGSEKAQVYALNTSDGTVAWQTKVAGEALSRPVVSDGLVLIHTSNGQLQALNEADG
AVKWTVNLDMPSLSLRGESAPTTAFGAAVVGGDNGRVSAVLMEQGQMIWQQRISQATGSTEIDRLSDVDTTPVVVNGVVF
ALAYNGNLTALDLRSGQIMWKRELGSVNDFIVDGNRIYLVDQNDRVMALTIDGGVTLWTQSDLLHRLLTSPVLYNGNLVV
GDSEGYLHWINVEDGRFVAQQKVDSSGFQTEPVAADGKLLIQAKDGTVYSITRWSHPQFEK
;
B
3 'polypeptide(L)'
;CSSDSRYKRQVSGDEAYLEAAPLAELHAPAGMILPVTSGDYAIPVTNGSGAVGKALDIRPPAQPLALVSGARTQFTGDTA
SLLVENGRGNTLWPQVVSVLQAKNYTITQRDDAGQTLTTDWVQWNRLDEDEQYRGRYQISVKPQGYQQAVTVKLLNLEQA
GKPVADAASMQRYSTEMMNVISAGLDKSATDAANAAQNRASTTMDVQSAADDTGLPMLVVRGPFNVVWQRLPAALEKVGM
KVTDSTRSQGNMAVTYKPLSDSDWQELGASDPGLASGDYKLQVGDLDNRSSLQFIDPKGHTLTQSQNDALVAVFQAAFSK
;
C
4 'polypeptide(L)'
;CSGSKEEVPDNPPNEIYATAQQKLQDGNWRQAITQLEALDNRYPFGPYSQQVQLDLIYAYYKNADLPLAQAAIDRFIRLN
PTHPNIDYVMYMRGLTNMALDDSALQGFFGVDRSDRDPQHARAAFSDFSKLVRGYPNSQYTTDATKRLVFLKDRLAKYEY
SVAEYYTERGAWVAVVNRVEGMLRDYPDTQATRDALPLMENAYRQMQMNAQAEKVAKIIAANSSNT
;
D
5 'polypeptide(L)'
;CSTLERVVYRPDINQGNYLTANDVSKIRVGMTQQQVAYALGTPLMSDPFGTNTWFYVFRQQPGHEGVTQQTLTLTFNSSG
VLTNIDNKPALSGNKLHHHHHH
;
E
6 'polypeptide(L)' WN(UX8)SKSF G
#
# COMPACT_ATOMS: atom_id res chain seq x y z
N PHE A 4 -22.48 -14.41 -61.51
CA PHE A 4 -23.14 -13.20 -61.99
C PHE A 4 -22.11 -12.11 -62.25
N VAL A 5 -22.02 -11.67 -63.51
CA VAL A 5 -21.08 -10.60 -63.86
C VAL A 5 -21.54 -9.30 -63.21
N VAL A 6 -20.56 -8.51 -62.75
CA VAL A 6 -20.82 -7.22 -62.12
C VAL A 6 -20.16 -6.14 -62.97
N LYS A 7 -20.98 -5.23 -63.49
CA LYS A 7 -20.50 -4.12 -64.29
C LYS A 7 -20.39 -2.83 -63.48
N ASP A 8 -20.89 -2.82 -62.25
CA ASP A 8 -20.86 -1.64 -61.41
C ASP A 8 -21.16 -2.06 -59.97
N ILE A 9 -20.73 -1.24 -59.02
CA ILE A 9 -20.97 -1.47 -57.60
C ILE A 9 -21.58 -0.21 -57.02
N HIS A 10 -22.62 -0.37 -56.20
CA HIS A 10 -23.30 0.74 -55.54
C HIS A 10 -23.60 0.36 -54.10
N PHE A 11 -23.61 1.37 -53.23
CA PHE A 11 -23.83 1.19 -51.81
C PHE A 11 -24.96 2.10 -51.33
N GLU A 12 -25.67 1.63 -50.30
CA GLU A 12 -26.76 2.40 -49.70
C GLU A 12 -26.61 2.31 -48.19
N GLY A 13 -26.25 3.42 -47.55
CA GLY A 13 -26.08 3.48 -46.11
C GLY A 13 -24.69 3.89 -45.66
N LEU A 14 -23.74 4.11 -46.57
CA LEU A 14 -22.39 4.49 -46.18
C LEU A 14 -22.39 5.94 -45.68
N GLN A 15 -22.13 6.12 -44.39
CA GLN A 15 -22.12 7.45 -43.78
C GLN A 15 -20.73 7.88 -43.36
N ARG A 16 -20.04 7.07 -42.55
CA ARG A 16 -18.69 7.36 -42.10
C ARG A 16 -17.62 6.67 -42.93
N VAL A 17 -17.76 5.36 -43.13
CA VAL A 17 -16.80 4.61 -43.94
C VAL A 17 -16.93 5.06 -45.39
N ALA A 18 -15.82 5.50 -45.97
CA ALA A 18 -15.83 5.99 -47.33
C ALA A 18 -16.18 4.87 -48.31
N VAL A 19 -16.51 5.26 -49.54
CA VAL A 19 -16.80 4.27 -50.57
C VAL A 19 -15.53 3.51 -50.95
N GLY A 20 -14.38 4.20 -50.94
CA GLY A 20 -13.13 3.53 -51.25
C GLY A 20 -12.78 2.44 -50.24
N ALA A 21 -13.01 2.71 -48.95
CA ALA A 21 -12.72 1.72 -47.92
C ALA A 21 -13.59 0.48 -48.13
N ALA A 22 -14.88 0.67 -48.40
CA ALA A 22 -15.76 -0.46 -48.68
C ALA A 22 -15.27 -1.23 -49.90
N LEU A 23 -15.08 -0.54 -51.01
CA LEU A 23 -14.63 -1.21 -52.23
C LEU A 23 -13.33 -1.97 -52.00
N LEU A 24 -12.49 -1.48 -51.08
CA LEU A 24 -11.24 -2.18 -50.80
C LEU A 24 -11.48 -3.44 -49.96
N SER A 25 -12.25 -3.32 -48.89
CA SER A 25 -12.47 -4.45 -48.00
C SER A 25 -13.27 -5.56 -48.66
N MET A 26 -13.95 -5.28 -49.75
CA MET A 26 -14.78 -6.30 -50.41
C MET A 26 -13.91 -7.20 -51.27
N PRO A 27 -14.02 -8.53 -51.13
CA PRO A 27 -13.36 -9.41 -52.11
C PRO A 27 -13.84 -9.16 -53.54
N VAL A 28 -15.14 -8.90 -53.71
CA VAL A 28 -15.71 -8.67 -55.03
C VAL A 28 -15.39 -7.25 -55.48
N ARG A 29 -15.19 -7.09 -56.78
CA ARG A 29 -14.95 -5.79 -57.38
C ARG A 29 -15.72 -5.70 -58.70
N THR A 30 -15.77 -4.50 -59.26
CA THR A 30 -16.50 -4.28 -60.50
C THR A 30 -15.81 -5.02 -61.65
N GLY A 31 -16.59 -5.80 -62.40
CA GLY A 31 -16.06 -6.52 -63.53
C GLY A 31 -15.66 -7.95 -63.24
N ASP A 32 -16.37 -8.64 -62.36
CA ASP A 32 -16.06 -10.02 -62.01
C ASP A 32 -17.35 -10.80 -61.84
N THR A 33 -17.25 -12.11 -62.02
CA THR A 33 -18.40 -12.99 -61.82
C THR A 33 -18.64 -13.20 -60.33
N VAL A 34 -19.91 -13.27 -59.95
CA VAL A 34 -20.30 -13.37 -58.54
C VAL A 34 -21.33 -14.47 -58.37
N ASN A 35 -21.28 -15.11 -57.20
CA ASN A 35 -22.24 -16.13 -56.80
C ASN A 35 -22.71 -15.81 -55.38
N ASP A 36 -23.61 -16.64 -54.86
CA ASP A 36 -24.13 -16.40 -53.52
C ASP A 36 -23.03 -16.53 -52.47
N GLU A 37 -22.04 -17.39 -52.72
CA GLU A 37 -20.96 -17.57 -51.75
C GLU A 37 -20.16 -16.29 -51.59
N ASP A 38 -19.82 -15.64 -52.71
CA ASP A 38 -19.06 -14.39 -52.64
C ASP A 38 -19.88 -13.29 -52.01
N ILE A 39 -21.19 -13.28 -52.26
CA ILE A 39 -22.06 -12.27 -51.66
C ILE A 39 -22.11 -12.46 -50.15
N SER A 40 -22.23 -13.71 -49.69
CA SER A 40 -22.20 -13.98 -48.26
C SER A 40 -20.87 -13.59 -47.65
N ASN A 41 -19.77 -13.84 -48.37
CA ASN A 41 -18.45 -13.43 -47.89
C ASN A 41 -18.39 -11.91 -47.71
N THR A 42 -18.89 -11.18 -48.71
CA THR A 42 -18.92 -9.72 -48.60
C THR A 42 -19.76 -9.27 -47.42
N ILE A 43 -20.93 -9.88 -47.23
CA ILE A 43 -21.80 -9.50 -46.14
C ILE A 43 -21.11 -9.73 -44.79
N ARG A 44 -20.45 -10.89 -44.65
CA ARG A 44 -19.76 -11.18 -43.40
C ARG A 44 -18.57 -10.25 -43.19
N ALA A 45 -17.88 -9.86 -44.26
CA ALA A 45 -16.80 -8.89 -44.13
C ALA A 45 -17.33 -7.55 -43.62
N LEU A 46 -18.42 -7.07 -44.24
CA LEU A 46 -19.02 -5.82 -43.79
C LEU A 46 -19.44 -5.91 -42.32
N PHE A 47 -20.03 -7.04 -41.93
CA PHE A 47 -20.39 -7.24 -40.53
C PHE A 47 -19.15 -7.19 -39.65
N ALA A 48 -18.05 -7.80 -40.08
CA ALA A 48 -16.84 -7.86 -39.29
C ALA A 48 -16.14 -6.52 -39.20
N THR A 49 -16.43 -5.59 -40.11
CA THR A 49 -15.83 -4.26 -40.04
C THR A 49 -16.17 -3.54 -38.75
N GLY A 50 -17.13 -4.04 -37.97
CA GLY A 50 -17.48 -3.44 -36.70
C GLY A 50 -18.20 -2.12 -36.80
N ASN A 51 -18.58 -1.69 -38.00
CA ASN A 51 -19.27 -0.42 -38.20
C ASN A 51 -20.70 -0.59 -38.73
N PHE A 52 -21.13 -1.82 -39.00
CA PHE A 52 -22.44 -2.08 -39.56
C PHE A 52 -23.22 -3.02 -38.64
N GLU A 53 -24.52 -2.76 -38.50
CA GLU A 53 -25.40 -3.55 -37.66
C GLU A 53 -26.19 -4.59 -38.46
N ASP A 54 -26.82 -4.17 -39.56
CA ASP A 54 -27.57 -5.05 -40.43
C ASP A 54 -27.13 -4.79 -41.86
N VAL A 55 -26.88 -5.87 -42.61
CA VAL A 55 -26.37 -5.79 -43.97
C VAL A 55 -27.26 -6.64 -44.88
N ARG A 56 -27.42 -6.18 -46.12
CA ARG A 56 -28.22 -6.90 -47.11
C ARG A 56 -27.66 -6.60 -48.49
N VAL A 57 -27.06 -7.60 -49.13
CA VAL A 57 -26.49 -7.46 -50.47
C VAL A 57 -27.45 -8.16 -51.42
N LEU A 58 -28.29 -7.38 -52.09
CA LEU A 58 -29.27 -7.90 -53.04
C LEU A 58 -28.88 -7.49 -54.46
N ARG A 59 -29.64 -8.00 -55.42
CA ARG A 59 -29.40 -7.73 -56.84
C ARG A 59 -30.59 -6.98 -57.40
N ASP A 60 -30.35 -5.75 -57.85
CA ASP A 60 -31.37 -4.99 -58.57
C ASP A 60 -31.40 -5.47 -60.02
N GLY A 61 -32.07 -4.72 -60.89
CA GLY A 61 -32.12 -5.10 -62.30
C GLY A 61 -30.75 -5.46 -62.86
N ASP A 62 -29.76 -4.60 -62.62
CA ASP A 62 -28.41 -4.86 -63.11
C ASP A 62 -27.36 -4.68 -62.02
N THR A 63 -27.62 -3.79 -61.07
CA THR A 63 -26.63 -3.41 -60.07
C THR A 63 -26.73 -4.28 -58.84
N LEU A 64 -25.58 -4.50 -58.20
CA LEU A 64 -25.50 -5.19 -56.92
C LEU A 64 -25.71 -4.15 -55.83
N LEU A 65 -26.93 -4.11 -55.27
CA LEU A 65 -27.30 -3.07 -54.32
C LEU A 65 -27.00 -3.53 -52.89
N VAL A 66 -26.31 -2.68 -52.14
CA VAL A 66 -25.86 -2.99 -50.79
C VAL A 66 -26.60 -2.05 -49.84
N GLN A 67 -27.59 -2.58 -49.12
CA GLN A 67 -28.25 -1.86 -48.04
C GLN A 67 -27.56 -2.19 -46.74
N VAL A 68 -27.45 -1.20 -45.85
CA VAL A 68 -26.76 -1.39 -44.59
C VAL A 68 -27.28 -0.36 -43.60
N LYS A 69 -27.35 -0.76 -42.33
CA LYS A 69 -27.72 0.13 -41.23
C LYS A 69 -26.51 0.24 -40.32
N GLU A 70 -25.69 1.27 -40.54
CA GLU A 70 -24.52 1.50 -39.71
C GLU A 70 -24.91 1.52 -38.24
N ARG A 71 -24.05 0.94 -37.41
CA ARG A 71 -24.27 1.00 -35.97
C ARG A 71 -24.20 2.44 -35.51
N PRO A 72 -25.16 2.92 -34.71
CA PRO A 72 -25.15 4.33 -34.34
C PRO A 72 -23.88 4.73 -33.62
N THR A 73 -23.26 5.81 -34.08
CA THR A 73 -22.01 6.27 -33.49
C THR A 73 -22.25 6.75 -32.07
N ILE A 74 -21.39 6.29 -31.15
CA ILE A 74 -21.56 6.61 -29.73
C ILE A 74 -21.13 8.05 -29.49
N ALA A 75 -22.03 8.84 -28.90
CA ALA A 75 -21.78 10.25 -28.64
C ALA A 75 -21.43 10.54 -27.19
N SER A 76 -21.70 9.62 -26.27
CA SER A 76 -21.44 9.86 -24.86
C SER A 76 -21.70 8.57 -24.09
N ILE A 77 -21.06 8.46 -22.93
CA ILE A 77 -21.23 7.32 -22.03
C ILE A 77 -21.36 7.88 -20.62
N THR A 78 -22.59 7.84 -20.08
CA THR A 78 -22.88 8.38 -18.76
C THR A 78 -22.87 7.28 -17.70
N PHE A 79 -22.78 7.71 -16.46
CA PHE A 79 -22.79 6.81 -15.31
C PHE A 79 -23.67 7.40 -14.23
N SER A 80 -24.27 6.52 -13.43
CA SER A 80 -25.13 6.95 -12.32
C SER A 80 -25.14 5.85 -11.27
N GLY A 81 -24.37 6.04 -10.20
CA GLY A 81 -24.37 5.10 -9.10
C GLY A 81 -23.01 4.50 -8.80
N ASN A 82 -21.94 5.19 -9.21
CA ASN A 82 -20.58 4.71 -8.96
C ASN A 82 -20.05 5.43 -7.73
N LYS A 83 -20.52 4.98 -6.56
CA LYS A 83 -20.10 5.59 -5.30
C LYS A 83 -18.65 5.25 -4.98
N SER A 84 -18.33 3.96 -4.92
CA SER A 84 -17.01 3.48 -4.52
C SER A 84 -16.10 3.22 -5.70
N VAL A 85 -16.40 3.80 -6.87
CA VAL A 85 -15.59 3.62 -8.07
C VAL A 85 -15.58 4.94 -8.81
N LYS A 86 -14.39 5.42 -9.16
CA LYS A 86 -14.27 6.71 -9.83
C LYS A 86 -14.71 6.59 -11.28
N ASP A 87 -15.47 7.58 -11.74
CA ASP A 87 -15.92 7.61 -13.13
C ASP A 87 -14.75 7.49 -14.09
N ASP A 88 -13.61 8.12 -13.77
CA ASP A 88 -12.47 8.07 -14.68
C ASP A 88 -11.89 6.67 -14.76
N MET A 89 -11.76 5.97 -13.62
CA MET A 89 -11.24 4.61 -13.65
C MET A 89 -12.19 3.67 -14.37
N LEU A 90 -13.50 3.85 -14.17
CA LEU A 90 -14.48 3.03 -14.87
C LEU A 90 -14.40 3.26 -16.37
N LYS A 91 -14.29 4.53 -16.79
CA LYS A 91 -14.15 4.84 -18.20
C LYS A 91 -12.85 4.27 -18.76
N GLN A 92 -11.79 4.25 -17.96
CA GLN A 92 -10.53 3.65 -18.39
C GLN A 92 -10.71 2.17 -18.63
N ASN A 93 -11.32 1.46 -17.67
CA ASN A 93 -11.60 0.04 -17.87
C ASN A 93 -12.45 -0.19 -19.10
N LEU A 94 -13.44 0.69 -19.34
CA LEU A 94 -14.31 0.53 -20.49
C LEU A 94 -13.53 0.68 -21.79
N GLU A 95 -12.87 1.82 -21.96
CA GLU A 95 -12.09 2.04 -23.18
C GLU A 95 -10.98 1.01 -23.34
N ALA A 96 -10.58 0.34 -22.25
CA ALA A 96 -9.70 -0.80 -22.37
C ALA A 96 -10.45 -2.02 -22.90
N SER A 97 -11.74 -2.13 -22.56
CA SER A 97 -12.54 -3.21 -23.12
C SER A 97 -12.76 -3.04 -24.61
N GLY A 98 -12.71 -1.81 -25.10
CA GLY A 98 -12.86 -1.54 -26.52
C GLY A 98 -13.85 -0.44 -26.83
N VAL A 99 -14.91 -0.36 -26.04
CA VAL A 99 -15.96 0.63 -26.27
C VAL A 99 -15.49 1.99 -25.74
N ARG A 100 -15.74 3.04 -26.52
CA ARG A 100 -15.36 4.39 -26.15
C ARG A 100 -16.08 5.36 -27.08
N VAL A 101 -15.82 6.65 -26.90
CA VAL A 101 -16.44 7.68 -27.72
C VAL A 101 -15.91 7.57 -29.15
N GLY A 102 -16.71 8.07 -30.09
CA GLY A 102 -16.37 8.04 -31.50
C GLY A 102 -16.72 6.75 -32.21
N GLU A 103 -16.63 5.61 -31.51
CA GLU A 103 -16.96 4.33 -32.10
C GLU A 103 -18.47 4.18 -32.17
N SER A 104 -18.94 2.98 -32.51
CA SER A 104 -20.35 2.67 -32.62
C SER A 104 -20.78 1.80 -31.44
N LEU A 105 -22.06 1.42 -31.45
CA LEU A 105 -22.66 0.61 -30.39
C LEU A 105 -23.22 -0.66 -31.00
N ASP A 106 -22.58 -1.78 -30.72
CA ASP A 106 -23.12 -3.09 -31.11
C ASP A 106 -24.34 -3.39 -30.24
N ARG A 107 -25.51 -3.40 -30.86
CA ARG A 107 -26.77 -3.55 -30.14
C ARG A 107 -27.01 -4.97 -29.63
N THR A 108 -26.02 -5.87 -29.67
CA THR A 108 -26.15 -7.20 -29.14
C THR A 108 -25.16 -7.49 -28.01
N THR A 109 -24.26 -6.55 -27.71
CA THR A 109 -23.25 -6.74 -26.66
C THR A 109 -23.63 -6.04 -25.37
N ILE A 110 -24.91 -5.68 -25.20
CA ILE A 110 -25.34 -4.99 -24.00
C ILE A 110 -25.08 -5.84 -22.77
N ALA A 111 -25.69 -7.02 -22.72
CA ALA A 111 -25.51 -7.90 -21.58
C ALA A 111 -24.04 -8.26 -21.37
N ASP A 112 -23.27 -8.30 -22.44
CA ASP A 112 -21.84 -8.62 -22.31
C ASP A 112 -21.11 -7.54 -21.53
N ILE A 113 -21.35 -6.27 -21.88
CA ILE A 113 -20.72 -5.18 -21.16
C ILE A 113 -21.23 -5.13 -19.73
N GLU A 114 -22.52 -5.40 -19.54
CA GLU A 114 -23.07 -5.45 -18.19
C GLU A 114 -22.34 -6.48 -17.35
N LYS A 115 -22.14 -7.69 -17.89
CA LYS A 115 -21.45 -8.74 -17.15
C LYS A 115 -19.99 -8.41 -16.96
N GLY A 116 -19.37 -7.68 -17.89
CA GLY A 116 -17.99 -7.26 -17.69
C GLY A 116 -17.85 -6.32 -16.51
N LEU A 117 -18.72 -5.32 -16.44
CA LEU A 117 -18.70 -4.41 -15.30
C LEU A 117 -19.05 -5.14 -14.00
N GLU A 118 -19.97 -6.10 -14.08
CA GLU A 118 -20.29 -6.90 -12.91
C GLU A 118 -19.09 -7.71 -12.45
N ASP A 119 -18.30 -8.20 -13.40
CA ASP A 119 -17.08 -8.93 -13.04
C ASP A 119 -16.07 -8.01 -12.40
N PHE A 120 -15.96 -6.78 -12.90
CA PHE A 120 -15.10 -5.80 -12.24
C PHE A 120 -15.54 -5.57 -10.79
N TYR A 121 -16.85 -5.44 -10.57
CA TYR A 121 -17.34 -5.25 -9.21
C TYR A 121 -17.06 -6.48 -8.36
N TYR A 122 -17.17 -7.68 -8.94
CA TYR A 122 -16.81 -8.89 -8.21
C TYR A 122 -15.34 -8.88 -7.84
N SER A 123 -14.51 -8.25 -8.68
CA SER A 123 -13.08 -8.18 -8.41
C SER A 123 -12.76 -7.15 -7.34
N VAL A 124 -13.57 -6.09 -7.21
CA VAL A 124 -13.31 -5.07 -6.20
C VAL A 124 -13.93 -5.39 -4.85
N GLY A 125 -14.72 -6.46 -4.75
CA GLY A 125 -15.25 -6.88 -3.46
C GLY A 125 -16.75 -7.11 -3.44
N LYS A 126 -17.49 -6.37 -4.25
CA LYS A 126 -18.94 -6.44 -4.25
C LYS A 126 -19.42 -7.51 -5.23
N TYR A 127 -20.29 -8.40 -4.76
CA TYR A 127 -20.74 -9.54 -5.53
C TYR A 127 -22.21 -9.49 -5.89
N SER A 128 -23.00 -8.63 -5.24
CA SER A 128 -24.42 -8.51 -5.50
C SER A 128 -24.77 -7.28 -6.34
N ALA A 129 -23.82 -6.79 -7.14
CA ALA A 129 -24.02 -5.58 -7.91
C ALA A 129 -24.78 -5.88 -9.20
N SER A 130 -25.60 -4.92 -9.62
CA SER A 130 -26.44 -5.07 -10.81
C SER A 130 -26.22 -3.88 -11.73
N VAL A 131 -25.82 -4.14 -12.96
CA VAL A 131 -25.54 -3.10 -13.95
C VAL A 131 -26.61 -3.16 -15.03
N LYS A 132 -27.06 -1.99 -15.46
CA LYS A 132 -28.10 -1.89 -16.49
C LYS A 132 -27.71 -0.83 -17.49
N ALA A 133 -27.69 -1.20 -18.78
CA ALA A 133 -27.26 -0.30 -19.85
C ALA A 133 -28.50 0.19 -20.60
N VAL A 134 -28.83 1.45 -20.40
CA VAL A 134 -29.91 2.10 -21.13
C VAL A 134 -29.33 2.77 -22.37
N VAL A 135 -30.12 2.84 -23.43
CA VAL A 135 -29.66 3.29 -24.74
C VAL A 135 -30.60 4.39 -25.22
N THR A 136 -30.06 5.60 -25.38
CA THR A 136 -30.83 6.74 -25.84
C THR A 136 -30.49 7.04 -27.29
N PRO A 137 -31.40 6.85 -28.24
CA PRO A 137 -31.10 7.24 -29.63
C PRO A 137 -31.21 8.74 -29.84
N LEU A 138 -30.44 9.23 -30.80
CA LEU A 138 -30.40 10.63 -31.15
C LEU A 138 -30.19 10.77 -32.65
N PRO A 139 -30.65 11.87 -33.25
CA PRO A 139 -30.65 11.98 -34.72
C PRO A 139 -29.27 11.79 -35.32
N ARG A 140 -29.25 11.71 -36.64
CA ARG A 140 -28.03 11.47 -37.40
C ARG A 140 -27.38 10.15 -37.01
N ASN A 141 -28.20 9.20 -36.55
CA ASN A 141 -27.73 7.86 -36.21
C ASN A 141 -26.68 7.91 -35.10
N ARG A 142 -27.00 8.65 -34.04
CA ARG A 142 -26.15 8.70 -32.85
C ARG A 142 -26.88 8.07 -31.68
N VAL A 143 -26.12 7.74 -30.64
CA VAL A 143 -26.69 7.01 -29.51
C VAL A 143 -25.83 7.25 -28.28
N ASP A 144 -26.49 7.50 -27.16
CA ASP A 144 -25.84 7.61 -25.86
C ASP A 144 -26.09 6.34 -25.05
N LEU A 145 -25.10 5.96 -24.26
CA LEU A 145 -25.13 4.71 -23.51
C LEU A 145 -25.01 5.04 -22.02
N LYS A 146 -26.13 4.98 -21.31
CA LYS A 146 -26.15 5.24 -19.88
C LYS A 146 -25.98 3.94 -19.13
N LEU A 147 -25.27 4.00 -18.02
CA LEU A 147 -24.95 2.82 -17.21
C LEU A 147 -25.42 3.09 -15.77
N VAL A 148 -26.49 2.41 -15.36
CA VAL A 148 -26.98 2.50 -14.00
C VAL A 148 -26.37 1.36 -13.20
N PHE A 149 -25.79 1.68 -12.05
CA PHE A 149 -25.11 0.72 -11.19
C PHE A 149 -25.83 0.64 -9.85
N GLN A 150 -26.25 -0.55 -9.47
CA GLN A 150 -26.65 -0.86 -8.10
C GLN A 150 -25.46 -1.55 -7.45
N GLU A 151 -24.78 -0.84 -6.55
CA GLU A 151 -23.52 -1.33 -6.02
C GLU A 151 -23.74 -2.52 -5.08
N GLY A 152 -24.69 -2.40 -4.18
CA GLY A 152 -24.90 -3.43 -3.18
C GLY A 152 -24.07 -3.19 -1.94
N VAL A 153 -23.86 -4.27 -1.20
CA VAL A 153 -23.13 -4.25 0.06
C VAL A 153 -21.88 -5.10 -0.08
N SER A 154 -20.77 -4.62 0.48
CA SER A 154 -19.52 -5.34 0.37
C SER A 154 -19.54 -6.61 1.21
N ALA A 155 -18.62 -7.51 0.90
CA ALA A 155 -18.45 -8.77 1.62
C ALA A 155 -17.20 -8.69 2.48
N GLU A 156 -17.33 -9.11 3.73
CA GLU A 156 -16.24 -9.05 4.70
C GLU A 156 -15.96 -10.44 5.24
N ILE A 157 -14.70 -10.65 5.63
CA ILE A 157 -14.27 -11.94 6.15
C ILE A 157 -14.91 -12.18 7.51
N GLN A 158 -15.49 -13.36 7.69
CA GLN A 158 -16.07 -13.77 8.96
C GLN A 158 -15.21 -14.77 9.71
N GLN A 159 -14.23 -15.38 9.05
CA GLN A 159 -13.44 -16.43 9.67
C GLN A 159 -12.18 -16.67 8.86
N ILE A 160 -11.09 -16.96 9.56
CA ILE A 160 -9.84 -17.43 8.97
C ILE A 160 -9.40 -18.63 9.78
N ASN A 161 -9.39 -19.81 9.16
CA ASN A 161 -9.12 -21.06 9.85
C ASN A 161 -7.87 -21.70 9.27
N ILE A 162 -7.20 -22.49 10.10
CA ILE A 162 -6.01 -23.23 9.71
C ILE A 162 -6.11 -24.60 10.34
N VAL A 163 -6.09 -25.63 9.50
CA VAL A 163 -6.24 -27.01 9.93
C VAL A 163 -4.97 -27.76 9.56
N GLY A 164 -4.59 -28.70 10.42
CA GLY A 164 -3.32 -29.39 10.30
C GLY A 164 -2.25 -28.85 11.22
N ASN A 165 -2.57 -27.87 12.05
CA ASN A 165 -1.63 -27.29 13.00
C ASN A 165 -1.87 -27.86 14.38
N HIS A 166 -0.79 -28.21 15.07
CA HIS A 166 -0.86 -28.76 16.42
C HIS A 166 0.12 -28.14 17.39
N ALA A 167 1.17 -27.49 16.92
CA ALA A 167 2.15 -26.87 17.80
C ALA A 167 1.80 -25.43 18.13
N PHE A 168 1.25 -24.68 17.17
CA PHE A 168 0.92 -23.28 17.34
C PHE A 168 -0.57 -23.08 17.14
N THR A 169 -1.19 -22.31 18.04
CA THR A 169 -2.60 -22.00 17.92
C THR A 169 -2.84 -21.11 16.71
N THR A 170 -4.03 -21.24 16.12
CA THR A 170 -4.35 -20.49 14.91
C THR A 170 -4.31 -19.00 15.17
N ASP A 171 -4.75 -18.56 16.35
CA ASP A 171 -4.76 -17.14 16.66
C ASP A 171 -3.34 -16.57 16.63
N GLU A 172 -2.38 -17.29 17.19
CA GLU A 172 -1.00 -16.83 17.21
C GLU A 172 -0.46 -16.65 15.79
N LEU A 173 -0.97 -17.42 14.83
CA LEU A 173 -0.53 -17.29 13.46
C LEU A 173 -1.25 -16.14 12.75
N ILE A 174 -2.57 -16.05 12.92
CA ILE A 174 -3.33 -14.96 12.33
C ILE A 174 -2.83 -13.61 12.84
N SER A 175 -2.28 -13.57 14.05
CA SER A 175 -1.82 -12.30 14.61
C SER A 175 -0.83 -11.61 13.68
N HIS A 176 -0.11 -12.36 12.86
CA HIS A 176 0.92 -11.81 11.99
C HIS A 176 0.47 -11.70 10.54
N PHE A 177 -0.84 -11.69 10.30
CA PHE A 177 -1.40 -11.59 8.97
C PHE A 177 -1.79 -10.15 8.65
N GLN A 178 -1.92 -9.87 7.36
CA GLN A 178 -2.43 -8.59 6.91
C GLN A 178 -3.93 -8.60 6.77
N LEU A 179 -4.51 -9.74 6.42
CA LEU A 179 -5.96 -9.91 6.50
C LEU A 179 -6.39 -9.95 7.95
N ARG A 180 -7.69 -9.74 8.17
CA ARG A 180 -8.23 -9.67 9.53
C ARG A 180 -9.66 -10.18 9.53
N ASP A 181 -10.02 -10.82 10.65
CA ASP A 181 -11.38 -11.27 10.89
C ASP A 181 -12.05 -10.57 12.07
N GLU A 182 -11.27 -9.98 12.98
CA GLU A 182 -11.79 -9.17 14.07
C GLU A 182 -11.14 -7.80 14.02
N VAL A 183 -11.95 -6.75 14.15
CA VAL A 183 -11.45 -5.39 14.12
C VAL A 183 -12.19 -4.59 15.18
N PRO A 184 -11.70 -4.55 16.41
CA PRO A 184 -12.38 -3.79 17.46
C PRO A 184 -12.43 -2.31 17.15
N TRP A 185 -13.26 -1.61 17.91
CA TRP A 185 -13.44 -0.17 17.78
C TRP A 185 -12.43 0.63 18.58
N TRP A 186 -11.59 -0.03 19.37
CA TRP A 186 -10.60 0.64 20.21
C TRP A 186 -9.17 0.35 19.76
N ASN A 187 -8.99 -0.15 18.54
CA ASN A 187 -7.67 -0.42 18.01
C ASN A 187 -7.66 -0.13 16.52
N VAL A 188 -6.46 0.09 15.99
CA VAL A 188 -6.25 0.30 14.56
C VAL A 188 -5.38 -0.87 14.10
N VAL A 189 -6.03 -1.94 13.65
CA VAL A 189 -5.32 -3.13 13.22
C VAL A 189 -5.55 -3.45 11.75
N GLY A 190 -6.57 -2.90 11.10
CA GLY A 190 -6.79 -3.13 9.70
C GLY A 190 -8.26 -3.26 9.34
N ASP A 191 -8.54 -3.44 8.05
CA ASP A 191 -9.89 -3.63 7.58
C ASP A 191 -10.21 -5.11 7.45
N ARG A 192 -11.45 -5.41 7.09
CA ARG A 192 -11.95 -6.78 6.99
C ARG A 192 -12.31 -7.12 5.55
N LYS A 193 -11.45 -6.74 4.61
CA LYS A 193 -11.68 -6.97 3.18
C LYS A 193 -10.79 -8.10 2.69
N TYR A 194 -11.06 -8.54 1.46
CA TYR A 194 -10.38 -9.68 0.87
C TYR A 194 -9.68 -9.29 -0.42
N GLN A 195 -8.43 -9.71 -0.55
CA GLN A 195 -7.64 -9.48 -1.75
C GLN A 195 -6.65 -10.63 -1.93
N LYS A 196 -6.51 -11.11 -3.16
CA LYS A 196 -5.62 -12.22 -3.43
C LYS A 196 -4.18 -11.91 -3.03
N GLN A 197 -3.74 -10.67 -3.27
CA GLN A 197 -2.38 -10.29 -2.93
C GLN A 197 -2.11 -10.46 -1.44
N LYS A 198 -3.04 -9.97 -0.61
CA LYS A 198 -2.91 -10.15 0.82
C LYS A 198 -2.88 -11.62 1.19
N LEU A 199 -3.66 -12.44 0.49
CA LEU A 199 -3.70 -13.87 0.78
C LEU A 199 -2.35 -14.52 0.52
N ALA A 200 -1.73 -14.19 -0.62
CA ALA A 200 -0.42 -14.75 -0.92
C ALA A 200 0.63 -14.24 0.07
N GLY A 201 0.56 -12.96 0.42
CA GLY A 201 1.47 -12.44 1.43
C GLY A 201 1.35 -13.17 2.75
N ASP A 202 0.12 -13.49 3.14
CA ASP A 202 -0.10 -14.19 4.41
C ASP A 202 0.37 -15.63 4.33
N LEU A 203 0.18 -16.28 3.18
CA LEU A 203 0.72 -17.62 3.01
C LEU A 203 2.24 -17.61 3.14
N GLU A 204 2.89 -16.62 2.53
CA GLU A 204 4.33 -16.49 2.68
C GLU A 204 4.73 -16.24 4.13
N THR A 205 3.97 -15.39 4.82
CA THR A 205 4.26 -15.13 6.23
C THR A 205 4.16 -16.39 7.07
N LEU A 206 3.14 -17.21 6.81
CA LEU A 206 2.99 -18.47 7.53
C LEU A 206 4.13 -19.42 7.24
N ARG A 207 4.48 -19.56 5.95
CA ARG A 207 5.60 -20.42 5.59
C ARG A 207 6.89 -19.97 6.28
N SER A 208 7.10 -18.66 6.40
CA SER A 208 8.29 -18.16 7.07
C SER A 208 8.23 -18.43 8.56
N TYR A 209 7.09 -18.12 9.19
CA TYR A 209 6.91 -18.43 10.61
C TYR A 209 7.25 -19.87 10.91
N TYR A 210 6.96 -20.77 9.99
CA TYR A 210 7.23 -22.19 10.25
C TYR A 210 8.65 -22.59 9.90
N LEU A 211 9.22 -22.06 8.81
CA LEU A 211 10.58 -22.42 8.43
C LEU A 211 11.60 -21.84 9.41
N ASP A 212 11.28 -20.73 10.06
CA ASP A 212 12.16 -20.11 11.04
C ASP A 212 12.12 -20.78 12.40
N ARG A 213 11.57 -21.99 12.50
CA ARG A 213 11.48 -22.70 13.76
C ARG A 213 12.02 -24.12 13.69
N GLY A 214 12.44 -24.59 12.52
CA GLY A 214 12.95 -25.93 12.33
C GLY A 214 12.07 -26.79 11.46
N TYR A 215 10.92 -26.29 11.03
CA TYR A 215 9.95 -27.08 10.27
C TYR A 215 10.28 -26.95 8.79
N ALA A 216 11.33 -27.68 8.38
CA ALA A 216 11.77 -27.62 7.00
C ALA A 216 10.77 -28.26 6.05
N ARG A 217 10.15 -29.35 6.46
CA ARG A 217 9.21 -30.09 5.62
C ARG A 217 7.83 -29.47 5.60
N PHE A 218 7.66 -28.26 6.12
CA PHE A 218 6.38 -27.58 6.08
C PHE A 218 5.84 -27.52 4.66
N ASN A 219 4.55 -27.75 4.51
CA ASN A 219 3.89 -27.73 3.21
C ASN A 219 2.45 -27.27 3.38
N ILE A 220 2.04 -26.36 2.51
CA ILE A 220 0.66 -25.88 2.46
C ILE A 220 -0.07 -26.71 1.41
N ASP A 221 -0.94 -27.61 1.87
CA ASP A 221 -1.58 -28.55 0.95
C ASP A 221 -2.50 -27.82 -0.03
N SER A 222 -3.28 -26.86 0.45
CA SER A 222 -4.23 -26.16 -0.39
C SER A 222 -4.85 -25.02 0.39
N THR A 223 -5.61 -24.19 -0.32
CA THR A 223 -6.39 -23.12 0.27
C THR A 223 -7.80 -23.16 -0.31
N GLN A 224 -8.75 -22.70 0.48
CA GLN A 224 -10.16 -22.72 0.12
C GLN A 224 -10.80 -21.41 0.51
N VAL A 225 -11.40 -20.73 -0.47
CA VAL A 225 -12.16 -19.52 -0.24
C VAL A 225 -13.61 -19.81 -0.57
N SER A 226 -14.52 -19.42 0.33
CA SER A 226 -15.92 -19.74 0.19
C SER A 226 -16.76 -18.54 0.57
N LEU A 227 -17.98 -18.51 0.06
CA LEU A 227 -18.93 -17.43 0.29
C LEU A 227 -20.19 -17.98 0.94
N THR A 228 -21.02 -17.07 1.36
CA THR A 228 -22.33 -17.39 1.89
C THR A 228 -23.39 -17.25 0.80
N PRO A 229 -24.47 -18.00 0.88
CA PRO A 229 -25.53 -17.86 -0.13
C PRO A 229 -26.02 -16.45 -0.31
N ASP A 230 -25.95 -15.62 0.73
CA ASP A 230 -26.30 -14.21 0.60
C ASP A 230 -25.16 -13.37 0.06
N LYS A 231 -23.93 -13.92 0.03
CA LYS A 231 -22.78 -13.25 -0.55
C LYS A 231 -22.46 -11.96 0.18
N LYS A 232 -22.51 -12.01 1.51
CA LYS A 232 -22.06 -10.92 2.36
C LYS A 232 -21.02 -11.38 3.37
N GLY A 233 -20.58 -12.63 3.29
CA GLY A 233 -19.55 -13.14 4.18
C GLY A 233 -18.60 -14.04 3.44
N ILE A 234 -17.34 -14.02 3.87
CA ILE A 234 -16.27 -14.77 3.23
C ILE A 234 -15.59 -15.64 4.28
N TYR A 235 -15.22 -16.85 3.87
CA TYR A 235 -14.58 -17.81 4.74
C TYR A 235 -13.32 -18.33 4.07
N VAL A 236 -12.21 -18.35 4.81
CA VAL A 236 -10.92 -18.81 4.31
C VAL A 236 -10.50 -20.03 5.12
N THR A 237 -9.88 -20.99 4.44
CA THR A 237 -9.39 -22.20 5.07
C THR A 237 -8.05 -22.57 4.45
N VAL A 238 -7.12 -23.03 5.27
CA VAL A 238 -5.76 -23.30 4.85
C VAL A 238 -5.31 -24.62 5.50
N ASN A 239 -5.14 -25.64 4.68
CA ASN A 239 -4.63 -26.92 5.14
C ASN A 239 -3.12 -26.95 4.99
N ILE A 240 -2.44 -27.50 5.99
CA ILE A 240 -0.99 -27.54 6.04
C ILE A 240 -0.56 -28.90 6.59
N THR A 241 0.76 -29.12 6.58
CA THR A 241 1.34 -30.35 7.12
C THR A 241 2.71 -29.99 7.69
N GLU A 242 2.74 -29.72 9.00
CA GLU A 242 3.97 -29.36 9.69
C GLU A 242 4.71 -30.63 10.10
N GLY A 243 5.90 -30.82 9.53
CA GLY A 243 6.71 -31.97 9.87
C GLY A 243 7.67 -31.69 11.00
N ASP A 244 8.24 -32.77 11.53
CA ASP A 244 9.05 -32.66 12.73
C ASP A 244 10.15 -31.62 12.56
N GLN A 245 10.70 -31.18 13.69
CA GLN A 245 11.77 -30.19 13.68
C GLN A 245 13.07 -30.83 13.20
N TYR A 246 13.89 -30.02 12.54
CA TYR A 246 15.13 -30.48 11.95
C TYR A 246 16.28 -29.60 12.41
N LYS A 247 17.45 -30.22 12.55
CA LYS A 247 18.66 -29.53 12.94
C LYS A 247 19.51 -29.20 11.72
N LEU A 248 20.51 -28.36 11.95
CA LEU A 248 21.44 -27.90 10.91
C LEU A 248 22.80 -28.50 11.21
N SER A 249 23.12 -29.61 10.53
CA SER A 249 24.35 -30.33 10.83
C SER A 249 25.56 -29.57 10.31
N GLY A 250 25.54 -29.18 9.05
CA GLY A 250 26.68 -28.51 8.47
C GLY A 250 26.30 -27.73 7.23
N VAL A 251 27.32 -27.23 6.54
CA VAL A 251 27.16 -26.51 5.29
C VAL A 251 28.32 -26.88 4.38
N GLU A 252 28.04 -26.90 3.07
CA GLU A 252 29.04 -27.27 2.08
C GLU A 252 28.84 -26.39 0.86
N VAL A 253 29.87 -25.64 0.49
CA VAL A 253 29.82 -24.72 -0.62
C VAL A 253 30.56 -25.32 -1.81
N SER A 254 30.14 -24.95 -3.01
CA SER A 254 30.74 -25.46 -4.22
C SER A 254 30.34 -24.62 -5.43
N GLY A 255 31.33 -24.15 -6.18
CA GLY A 255 31.06 -23.35 -7.35
C GLY A 255 32.30 -22.56 -7.73
N ASN A 256 32.11 -21.65 -8.68
CA ASN A 256 33.19 -20.76 -9.13
C ASN A 256 33.29 -19.58 -8.16
N LEU A 257 33.83 -19.88 -6.99
CA LEU A 257 33.98 -18.88 -5.94
C LEU A 257 34.95 -17.76 -6.34
N ALA A 258 35.73 -17.96 -7.40
CA ALA A 258 36.66 -16.95 -7.90
C ALA A 258 37.88 -16.82 -7.01
N GLY A 259 38.27 -17.90 -6.35
CA GLY A 259 39.39 -17.88 -5.45
C GLY A 259 39.11 -17.29 -4.10
N HIS A 260 37.86 -16.93 -3.82
CA HIS A 260 37.47 -16.34 -2.55
C HIS A 260 36.92 -17.38 -1.57
N SER A 261 37.43 -18.61 -1.67
CA SER A 261 36.99 -19.68 -0.77
C SER A 261 37.43 -19.48 0.67
N ALA A 262 38.24 -18.45 0.94
CA ALA A 262 38.70 -18.18 2.30
C ALA A 262 37.80 -17.21 3.03
N GLU A 263 37.34 -16.16 2.35
CA GLU A 263 36.50 -15.15 2.96
C GLU A 263 35.06 -15.60 3.17
N ILE A 264 34.73 -16.83 2.76
CA ILE A 264 33.37 -17.33 2.82
C ILE A 264 33.19 -18.31 3.97
N GLU A 265 34.10 -19.27 4.11
CA GLU A 265 33.97 -20.27 5.16
C GLU A 265 33.85 -19.64 6.54
N GLN A 266 34.23 -18.36 6.68
CA GLN A 266 33.95 -17.64 7.91
C GLN A 266 32.53 -17.12 7.97
N LEU A 267 31.86 -17.00 6.82
CA LEU A 267 30.45 -16.65 6.79
C LEU A 267 29.55 -17.86 6.93
N THR A 268 30.06 -19.06 6.66
CA THR A 268 29.29 -20.30 6.78
C THR A 268 29.68 -21.07 8.03
N LYS A 269 29.94 -20.37 9.13
CA LYS A 269 30.28 -20.99 10.40
C LYS A 269 29.05 -20.99 11.30
N ILE A 270 28.84 -22.09 12.00
CA ILE A 270 27.67 -22.32 12.81
C ILE A 270 28.07 -23.13 14.04
N GLU A 271 27.11 -23.35 14.93
CA GLU A 271 27.28 -24.27 16.04
C GLU A 271 26.68 -25.62 15.64
N PRO A 272 27.50 -26.62 15.29
CA PRO A 272 26.93 -27.90 14.84
C PRO A 272 25.89 -28.44 15.81
N GLY A 273 24.65 -28.56 15.34
CA GLY A 273 23.55 -28.98 16.18
C GLY A 273 22.62 -27.83 16.49
N GLU A 274 22.40 -26.96 15.51
CA GLU A 274 21.53 -25.81 15.64
C GLU A 274 20.16 -26.09 15.02
N LEU A 275 19.22 -25.19 15.27
CA LEU A 275 17.87 -25.29 14.75
C LEU A 275 17.79 -24.61 13.39
N TYR A 276 17.31 -25.34 12.40
CA TYR A 276 17.19 -24.80 11.05
C TYR A 276 16.42 -23.48 11.06
N ASN A 277 16.83 -22.57 10.18
CA ASN A 277 16.18 -21.28 10.06
C ASN A 277 16.39 -20.77 8.65
N GLY A 278 15.38 -20.07 8.13
CA GLY A 278 15.42 -19.56 6.78
C GLY A 278 16.00 -18.17 6.70
N THR A 279 15.71 -17.35 7.70
CA THR A 279 16.27 -16.01 7.76
C THR A 279 17.80 -16.06 7.78
N LYS A 280 18.37 -16.99 8.55
CA LYS A 280 19.82 -17.09 8.63
C LYS A 280 20.42 -17.56 7.29
N VAL A 281 19.74 -18.48 6.61
CA VAL A 281 20.23 -18.94 5.31
C VAL A 281 20.20 -17.79 4.30
N THR A 282 19.10 -17.05 4.25
CA THR A 282 19.02 -15.91 3.36
C THR A 282 20.06 -14.86 3.72
N LYS A 283 20.36 -14.71 5.01
CA LYS A 283 21.39 -13.76 5.42
C LYS A 283 22.76 -14.21 4.94
N MET A 284 23.06 -15.51 5.04
CA MET A 284 24.30 -16.03 4.49
C MET A 284 24.39 -15.72 3.00
N GLU A 285 23.32 -15.98 2.27
CA GLU A 285 23.33 -15.73 0.83
C GLU A 285 23.55 -14.26 0.53
N ASP A 286 22.85 -13.38 1.23
CA ASP A 286 23.00 -11.95 1.01
C ASP A 286 24.40 -11.48 1.35
N ASP A 287 25.01 -12.04 2.40
CA ASP A 287 26.37 -11.67 2.75
C ASP A 287 27.36 -12.09 1.67
N ILE A 288 27.21 -13.32 1.16
CA ILE A 288 28.08 -13.76 0.08
C ILE A 288 27.91 -12.88 -1.14
N LYS A 289 26.68 -12.47 -1.43
CA LYS A 289 26.44 -11.60 -2.56
C LYS A 289 27.09 -10.24 -2.35
N LYS A 290 26.97 -9.68 -1.16
CA LYS A 290 27.60 -8.40 -0.86
C LYS A 290 29.11 -8.48 -1.01
N LEU A 291 29.70 -9.59 -0.57
CA LEU A 291 31.14 -9.77 -0.75
C LEU A 291 31.50 -9.80 -2.24
N LEU A 292 30.86 -10.69 -3.00
CA LEU A 292 31.18 -10.80 -4.41
C LEU A 292 30.90 -9.52 -5.17
N GLY A 293 30.04 -8.66 -4.65
CA GLY A 293 29.85 -7.34 -5.22
C GLY A 293 30.96 -6.41 -4.85
N ARG A 294 31.41 -6.51 -3.59
CA ARG A 294 32.60 -5.78 -3.16
C ARG A 294 33.78 -6.11 -4.05
N TYR A 295 33.80 -7.28 -4.65
CA TYR A 295 34.86 -7.68 -5.57
C TYR A 295 34.47 -7.52 -7.03
N GLY A 296 33.44 -6.73 -7.33
CA GLY A 296 33.15 -6.34 -8.69
C GLY A 296 31.93 -7.00 -9.32
N TYR A 297 31.76 -8.29 -9.07
CA TYR A 297 30.71 -9.04 -9.74
C TYR A 297 29.33 -8.47 -9.39
N ALA A 298 28.49 -8.36 -10.42
CA ALA A 298 27.22 -7.66 -10.32
C ALA A 298 26.03 -8.59 -10.08
N TYR A 299 26.00 -9.76 -10.72
CA TYR A 299 24.90 -10.72 -10.60
C TYR A 299 25.46 -12.05 -10.10
N PRO A 300 25.87 -12.10 -8.84
CA PRO A 300 26.45 -13.33 -8.30
C PRO A 300 25.40 -14.31 -7.80
N ARG A 301 24.86 -15.15 -8.68
CA ARG A 301 23.80 -16.06 -8.27
C ARG A 301 24.23 -16.94 -7.12
N VAL A 302 23.32 -17.15 -6.17
CA VAL A 302 23.57 -18.02 -5.03
C VAL A 302 22.29 -18.80 -4.74
N GLN A 303 22.42 -20.13 -4.67
CA GLN A 303 21.29 -21.02 -4.42
C GLN A 303 21.59 -21.90 -3.21
N SER A 304 20.54 -22.24 -2.48
CA SER A 304 20.64 -23.05 -1.27
C SER A 304 19.69 -24.23 -1.39
N MET A 305 20.26 -25.44 -1.44
CA MET A 305 19.48 -26.66 -1.54
C MET A 305 19.69 -27.48 -0.27
N PRO A 306 18.66 -27.75 0.52
CA PRO A 306 18.85 -28.57 1.72
C PRO A 306 18.72 -30.05 1.46
N GLU A 307 19.68 -30.83 1.95
CA GLU A 307 19.62 -32.28 1.93
C GLU A 307 19.19 -32.73 3.32
N ILE A 308 18.00 -33.29 3.42
CA ILE A 308 17.40 -33.61 4.71
C ILE A 308 17.51 -35.10 4.96
N ASN A 309 17.65 -35.46 6.24
CA ASN A 309 17.72 -36.84 6.68
C ASN A 309 16.76 -37.01 7.84
N ASP A 310 15.71 -37.81 7.62
CA ASP A 310 14.67 -37.96 8.63
C ASP A 310 15.05 -38.97 9.70
N ALA A 311 15.92 -39.93 9.36
CA ALA A 311 16.37 -40.91 10.33
C ALA A 311 16.96 -40.23 11.55
N ASP A 312 17.86 -39.28 11.34
CA ASP A 312 18.47 -38.50 12.41
C ASP A 312 17.94 -37.08 12.47
N LYS A 313 17.06 -36.70 11.56
CA LYS A 313 16.49 -35.35 11.52
C LYS A 313 17.59 -34.31 11.45
N THR A 314 18.46 -34.45 10.46
CA THR A 314 19.56 -33.53 10.23
C THR A 314 19.44 -32.91 8.85
N VAL A 315 19.52 -31.61 8.79
CA VAL A 315 19.60 -30.88 7.53
C VAL A 315 21.07 -30.62 7.22
N LYS A 316 21.39 -30.61 5.92
CA LYS A 316 22.71 -30.25 5.45
C LYS A 316 22.53 -29.33 4.25
N LEU A 317 22.94 -28.08 4.39
CA LEU A 317 22.77 -27.13 3.30
C LEU A 317 23.83 -27.35 2.24
N ARG A 318 23.45 -27.09 0.99
CA ARG A 318 24.35 -27.15 -0.16
C ARG A 318 24.22 -25.83 -0.89
N VAL A 319 25.28 -25.02 -0.87
CA VAL A 319 25.26 -23.69 -1.44
C VAL A 319 25.98 -23.73 -2.78
N ASN A 320 25.31 -23.25 -3.82
CA ASN A 320 25.87 -23.19 -5.17
C ASN A 320 26.07 -21.72 -5.51
N VAL A 321 27.29 -21.36 -5.84
CA VAL A 321 27.67 -19.98 -6.12
C VAL A 321 28.08 -19.89 -7.59
N ASP A 322 27.53 -18.91 -8.29
CA ASP A 322 27.87 -18.64 -9.69
C ASP A 322 28.13 -17.13 -9.77
N ALA A 323 29.39 -16.76 -9.60
CA ALA A 323 29.81 -15.37 -9.75
C ALA A 323 29.98 -15.08 -11.24
N GLY A 324 29.13 -14.19 -11.76
CA GLY A 324 29.07 -13.99 -13.19
C GLY A 324 30.18 -13.10 -13.70
N ASN A 325 29.83 -12.16 -14.57
CA ASN A 325 30.78 -11.26 -15.20
C ASN A 325 30.66 -9.87 -14.60
N ARG A 326 31.71 -9.07 -14.79
CA ARG A 326 31.73 -7.70 -14.33
C ARG A 326 31.05 -6.80 -15.36
N PHE A 327 30.12 -5.98 -14.89
CA PHE A 327 29.41 -5.03 -15.72
C PHE A 327 29.72 -3.62 -15.25
N TYR A 328 29.85 -2.70 -16.20
CA TYR A 328 30.21 -1.33 -15.91
C TYR A 328 29.08 -0.39 -16.30
N VAL A 329 28.99 0.74 -15.60
CA VAL A 329 27.93 1.71 -15.79
C VAL A 329 28.46 2.89 -16.57
N ARG A 330 27.78 3.24 -17.65
CA ARG A 330 28.14 4.37 -18.49
C ARG A 330 27.36 5.62 -18.15
N LYS A 331 26.08 5.47 -17.80
CA LYS A 331 25.21 6.61 -17.50
C LYS A 331 24.26 6.23 -16.38
N ILE A 332 23.62 7.25 -15.82
CA ILE A 332 22.52 7.09 -14.89
C ILE A 332 21.52 8.20 -15.18
N ARG A 333 20.28 7.83 -15.51
CA ARG A 333 19.28 8.77 -15.97
C ARG A 333 18.11 8.82 -15.01
N PHE A 334 17.42 9.94 -15.01
CA PHE A 334 16.23 10.15 -14.21
C PHE A 334 15.17 10.79 -15.10
N GLU A 335 14.04 10.12 -15.27
CA GLU A 335 12.92 10.62 -16.06
C GLU A 335 11.69 10.70 -15.18
N GLY A 336 10.97 11.81 -15.31
CA GLY A 336 9.82 12.11 -14.47
C GLY A 336 10.06 13.23 -13.48
N ASN A 337 11.25 13.83 -13.48
CA ASN A 337 11.59 14.89 -12.54
C ASN A 337 11.36 16.24 -13.20
N ASP A 338 10.08 16.58 -13.35
CA ASP A 338 9.72 17.84 -13.98
C ASP A 338 9.89 19.02 -13.02
N THR A 339 9.73 18.78 -11.72
CA THR A 339 9.93 19.80 -10.70
C THR A 339 11.29 19.65 -10.03
N SER A 340 11.56 18.49 -9.45
CA SER A 340 12.83 18.25 -8.77
C SER A 340 13.99 18.31 -9.75
N LYS A 341 15.14 18.73 -9.25
CA LYS A 341 16.34 18.80 -10.05
C LYS A 341 17.12 17.50 -9.96
N ASP A 342 18.08 17.35 -10.88
CA ASP A 342 18.81 16.09 -10.97
C ASP A 342 19.65 15.84 -9.73
N ALA A 343 20.18 16.90 -9.13
CA ALA A 343 21.05 16.73 -7.96
C ALA A 343 20.28 16.16 -6.77
N VAL A 344 19.00 16.48 -6.66
CA VAL A 344 18.20 16.01 -5.53
C VAL A 344 18.03 14.49 -5.60
N LEU A 345 18.02 13.93 -6.80
CA LEU A 345 17.86 12.50 -6.99
C LEU A 345 19.20 11.78 -7.10
N ARG A 346 20.25 12.49 -7.51
CA ARG A 346 21.56 11.90 -7.72
C ARG A 346 22.36 11.78 -6.43
N ARG A 347 22.23 12.73 -5.53
CA ARG A 347 22.94 12.67 -4.26
C ARG A 347 22.43 11.56 -3.36
N GLU A 348 21.33 10.91 -3.71
CA GLU A 348 20.82 9.77 -2.97
C GLU A 348 21.28 8.45 -3.56
N MET A 349 21.92 8.46 -4.72
CA MET A 349 22.40 7.25 -5.35
C MET A 349 23.69 6.80 -4.69
N ARG A 350 23.75 5.52 -4.33
CA ARG A 350 24.96 4.91 -3.81
C ARG A 350 25.81 4.26 -4.88
N GLN A 351 25.27 4.11 -6.09
CA GLN A 351 25.99 3.56 -7.24
C GLN A 351 26.53 4.72 -8.07
N MET A 352 27.84 4.75 -8.27
CA MET A 352 28.48 5.83 -8.99
C MET A 352 28.47 5.56 -10.49
N GLU A 353 28.28 6.62 -11.26
CA GLU A 353 28.39 6.55 -12.70
C GLU A 353 29.87 6.57 -13.09
N GLY A 354 30.24 5.70 -14.03
CA GLY A 354 31.62 5.54 -14.41
C GLY A 354 32.38 4.52 -13.61
N ALA A 355 31.70 3.55 -13.01
CA ALA A 355 32.33 2.53 -12.19
C ALA A 355 31.69 1.18 -12.49
N TRP A 356 32.21 0.13 -11.86
CA TRP A 356 31.61 -1.17 -11.98
C TRP A 356 30.24 -1.18 -11.30
N LEU A 357 29.51 -2.26 -11.51
CA LEU A 357 28.10 -2.32 -11.15
C LEU A 357 27.89 -3.14 -9.88
N GLY A 358 26.86 -2.76 -9.13
CA GLY A 358 26.38 -3.53 -8.02
C GLY A 358 24.87 -3.35 -7.88
N SER A 359 24.12 -4.45 -7.91
CA SER A 359 22.67 -4.34 -7.86
C SER A 359 22.18 -3.98 -6.47
N ASP A 360 22.92 -4.39 -5.44
CA ASP A 360 22.59 -3.98 -4.08
C ASP A 360 22.60 -2.46 -3.96
N LEU A 361 23.56 -1.81 -4.60
CA LEU A 361 23.65 -0.36 -4.53
C LEU A 361 22.51 0.30 -5.29
N VAL A 362 22.09 -0.30 -6.40
CA VAL A 362 20.93 0.21 -7.13
C VAL A 362 19.68 0.13 -6.26
N ASP A 363 19.48 -1.00 -5.59
CA ASP A 363 18.33 -1.12 -4.69
C ASP A 363 18.41 -0.14 -3.53
N GLN A 364 19.62 0.07 -3.00
CA GLN A 364 19.79 1.06 -1.95
C GLN A 364 19.40 2.45 -2.43
N GLY A 365 19.80 2.81 -3.64
CA GLY A 365 19.40 4.09 -4.20
C GLY A 365 17.90 4.20 -4.36
N LYS A 366 17.27 3.14 -4.83
CA LYS A 366 15.82 3.14 -4.98
C LYS A 366 15.13 3.36 -3.63
N GLU A 367 15.60 2.65 -2.60
CA GLU A 367 15.00 2.81 -1.27
C GLU A 367 15.24 4.21 -0.73
N ARG A 368 16.44 4.75 -0.94
CA ARG A 368 16.74 6.10 -0.47
C ARG A 368 15.85 7.12 -1.16
N LEU A 369 15.55 6.91 -2.44
CA LEU A 369 14.62 7.79 -3.13
C LEU A 369 13.20 7.62 -2.61
N ASN A 370 12.84 6.41 -2.18
CA ASN A 370 11.49 6.18 -1.66
C ASN A 370 11.28 6.88 -0.32
N ARG A 371 12.35 7.10 0.44
CA ARG A 371 12.20 7.64 1.80
C ARG A 371 11.93 9.14 1.80
N LEU A 372 12.39 9.87 0.78
CA LEU A 372 12.23 11.32 0.76
C LEU A 372 10.77 11.72 0.89
N GLY A 373 9.89 11.03 0.16
CA GLY A 373 8.49 11.36 0.14
C GLY A 373 8.07 12.25 -1.00
N PHE A 374 8.95 12.51 -1.95
CA PHE A 374 8.65 13.37 -3.08
C PHE A 374 8.12 12.60 -4.28
N PHE A 375 8.10 11.27 -4.21
CA PHE A 375 7.74 10.43 -5.34
C PHE A 375 6.75 9.37 -4.89
N GLU A 376 5.70 9.18 -5.68
CA GLU A 376 4.72 8.14 -5.37
C GLU A 376 5.25 6.76 -5.75
N THR A 377 5.74 6.63 -6.98
CA THR A 377 6.31 5.39 -7.47
C THR A 377 7.76 5.62 -7.88
N VAL A 378 8.56 4.57 -7.76
CA VAL A 378 9.97 4.60 -8.15
C VAL A 378 10.32 3.24 -8.73
N ASP A 379 10.60 3.20 -10.02
CA ASP A 379 10.95 1.97 -10.72
C ASP A 379 12.34 2.10 -11.32
N THR A 380 12.99 0.96 -11.51
CA THR A 380 14.35 0.90 -12.03
C THR A 380 14.40 0.06 -13.29
N ASP A 381 15.36 0.39 -14.15
CA ASP A 381 15.55 -0.34 -15.40
C ASP A 381 17.02 -0.25 -15.80
N THR A 382 17.68 -1.39 -15.90
CA THR A 382 19.09 -1.46 -16.24
C THR A 382 19.21 -1.88 -17.70
N GLN A 383 19.14 -0.89 -18.59
CA GLN A 383 19.21 -1.17 -20.01
C GLN A 383 20.65 -1.46 -20.41
N ARG A 384 20.80 -2.13 -21.55
CA ARG A 384 22.13 -2.40 -22.09
C ARG A 384 22.55 -1.27 -23.02
N VAL A 385 23.68 -1.43 -23.67
CA VAL A 385 24.25 -0.44 -24.56
C VAL A 385 24.42 -1.09 -25.94
N PRO A 386 23.83 -0.53 -27.00
CA PRO A 386 24.03 -1.14 -28.32
C PRO A 386 25.50 -1.24 -28.71
N GLY A 387 26.00 -2.45 -28.81
CA GLY A 387 27.37 -2.67 -29.24
C GLY A 387 28.36 -2.71 -28.10
N SER A 388 27.96 -3.28 -26.97
CA SER A 388 28.87 -3.44 -25.84
C SER A 388 28.35 -4.50 -24.89
N PRO A 389 29.14 -5.53 -24.59
CA PRO A 389 28.68 -6.59 -23.67
C PRO A 389 28.97 -6.36 -22.20
N ASP A 390 29.69 -5.30 -21.84
CA ASP A 390 30.06 -5.05 -20.46
C ASP A 390 29.58 -3.70 -19.94
N GLN A 391 28.81 -2.96 -20.74
CA GLN A 391 28.33 -1.64 -20.35
C GLN A 391 26.81 -1.65 -20.27
N VAL A 392 26.27 -0.81 -19.41
CA VAL A 392 24.83 -0.68 -19.21
C VAL A 392 24.52 0.76 -18.81
N ASP A 393 23.25 1.12 -18.91
CA ASP A 393 22.75 2.42 -18.49
C ASP A 393 21.59 2.19 -17.53
N VAL A 394 21.70 2.74 -16.34
CA VAL A 394 20.66 2.64 -15.33
C VAL A 394 19.66 3.76 -15.54
N VAL A 395 18.41 3.49 -15.21
CA VAL A 395 17.32 4.45 -15.37
C VAL A 395 16.39 4.33 -14.18
N TYR A 396 16.06 5.46 -13.57
CA TYR A 396 15.10 5.52 -12.47
C TYR A 396 13.90 6.32 -12.95
N LYS A 397 12.77 5.65 -13.10
CA LYS A 397 11.51 6.31 -13.45
C LYS A 397 10.77 6.65 -12.16
N VAL A 398 10.26 7.88 -12.08
CA VAL A 398 9.63 8.39 -10.88
C VAL A 398 8.35 9.12 -11.24
N LYS A 399 7.44 9.16 -10.28
CA LYS A 399 6.18 9.89 -10.40
C LYS A 399 6.09 10.84 -9.21
N GLU A 400 6.04 12.13 -9.48
CA GLU A 400 6.13 13.12 -8.43
C GLU A 400 4.81 13.19 -7.64
N ARG A 401 4.93 13.68 -6.41
CA ARG A 401 3.82 13.77 -5.48
C ARG A 401 3.80 15.18 -4.88
N ASN A 402 2.60 15.66 -4.57
CA ASN A 402 2.48 16.94 -3.91
C ASN A 402 3.11 16.89 -2.52
N THR A 403 3.83 17.94 -2.17
CA THR A 403 4.58 17.99 -0.93
C THR A 403 3.98 18.90 0.13
N GLY A 404 3.34 19.99 -0.27
CA GLY A 404 2.72 20.89 0.69
C GLY A 404 1.77 20.16 1.61
N SER A 405 1.52 20.72 2.79
CA SER A 405 0.67 20.06 3.77
C SER A 405 0.10 21.10 4.72
N PHE A 406 -1.20 21.33 4.64
CA PHE A 406 -1.95 21.94 5.72
C PHE A 406 -2.22 20.88 6.77
N ASN A 407 -2.18 21.27 8.04
CA ASN A 407 -2.33 20.30 9.11
C ASN A 407 -2.94 20.95 10.34
N PHE A 408 -3.92 20.27 10.92
CA PHE A 408 -4.50 20.62 12.20
C PHE A 408 -4.50 19.37 13.07
N GLY A 409 -4.50 19.57 14.38
CA GLY A 409 -4.43 18.45 15.31
C GLY A 409 -4.91 18.84 16.68
N ILE A 410 -5.52 17.86 17.36
CA ILE A 410 -6.07 18.06 18.70
C ILE A 410 -5.66 16.88 19.56
N GLY A 411 -5.58 17.13 20.87
CA GLY A 411 -5.22 16.09 21.81
C GLY A 411 -5.56 16.50 23.23
N TYR A 412 -5.53 15.53 24.12
CA TYR A 412 -5.85 15.75 25.52
C TYR A 412 -4.89 14.98 26.41
N GLY A 413 -4.79 15.42 27.65
CA GLY A 413 -3.91 14.80 28.60
C GLY A 413 -3.94 15.54 29.92
N THR A 414 -3.49 14.83 30.96
CA THR A 414 -3.48 15.39 32.30
C THR A 414 -2.46 16.51 32.43
N GLU A 415 -1.29 16.34 31.81
CA GLU A 415 -0.23 17.34 31.93
C GLU A 415 -0.61 18.63 31.21
N SER A 416 -0.83 18.54 29.91
CA SER A 416 -1.04 19.72 29.06
C SER A 416 -2.51 20.00 28.81
N GLY A 417 -3.40 19.44 29.61
CA GLY A 417 -4.82 19.63 29.38
C GLY A 417 -5.19 19.37 27.94
N VAL A 418 -5.79 20.36 27.28
CA VAL A 418 -6.14 20.28 25.87
C VAL A 418 -5.02 20.93 25.06
N SER A 419 -4.58 20.23 24.02
CA SER A 419 -3.45 20.66 23.20
C SER A 419 -3.90 20.75 21.75
N PHE A 420 -3.66 21.90 21.14
CA PHE A 420 -3.97 22.15 19.75
C PHE A 420 -2.67 22.38 18.97
N GLN A 421 -2.67 21.92 17.72
CA GLN A 421 -1.52 22.03 16.85
C GLN A 421 -2.00 22.41 15.46
N ALA A 422 -1.19 23.21 14.76
CA ALA A 422 -1.57 23.64 13.42
C ALA A 422 -0.34 24.10 12.67
N GLY A 423 -0.20 23.65 11.42
CA GLY A 423 0.99 23.97 10.67
C GLY A 423 0.83 23.79 9.19
N VAL A 424 1.61 24.58 8.44
CA VAL A 424 1.70 24.47 6.99
C VAL A 424 3.14 24.18 6.63
N GLN A 425 3.38 23.09 5.92
CA GLN A 425 4.71 22.61 5.62
C GLN A 425 4.91 22.45 4.12
N GLN A 426 6.17 22.58 3.70
CA GLN A 426 6.57 22.35 2.32
C GLN A 426 7.95 21.70 2.34
N ASP A 427 8.06 20.52 1.73
CA ASP A 427 9.27 19.72 1.83
C ASP A 427 10.21 19.89 0.65
N ASN A 428 9.72 20.28 -0.52
CA ASN A 428 10.54 20.49 -1.72
C ASN A 428 10.21 21.85 -2.30
N TRP A 429 10.90 22.88 -1.82
CA TRP A 429 10.64 24.25 -2.24
C TRP A 429 11.25 24.46 -3.62
N LEU A 430 10.40 24.45 -4.65
CA LEU A 430 10.82 24.70 -6.02
C LEU A 430 11.83 23.64 -6.49
N GLY A 431 11.59 22.40 -6.09
CA GLY A 431 12.49 21.32 -6.44
C GLY A 431 13.93 21.62 -6.07
N THR A 432 14.19 21.79 -4.77
CA THR A 432 15.52 22.09 -4.30
C THR A 432 15.92 21.32 -3.05
N GLY A 433 15.01 20.59 -2.42
CA GLY A 433 15.30 19.90 -1.19
C GLY A 433 15.03 20.69 0.07
N TYR A 434 15.01 22.02 -0.01
CA TYR A 434 14.73 22.84 1.15
C TYR A 434 13.36 22.48 1.72
N ALA A 435 13.26 22.52 3.04
CA ALA A 435 12.04 22.20 3.76
C ALA A 435 11.66 23.38 4.64
N VAL A 436 10.69 24.16 4.20
CA VAL A 436 10.21 25.30 4.95
C VAL A 436 8.91 24.92 5.65
N GLY A 437 8.59 25.63 6.71
CA GLY A 437 7.39 25.32 7.46
C GLY A 437 7.07 26.39 8.47
N ILE A 438 5.78 26.48 8.81
CA ILE A 438 5.28 27.35 9.85
C ILE A 438 4.36 26.53 10.74
N ASN A 439 4.72 26.39 12.00
CA ASN A 439 4.01 25.52 12.92
C ASN A 439 3.65 26.28 14.19
N GLY A 440 2.62 25.79 14.87
CA GLY A 440 2.14 26.42 16.08
C GLY A 440 1.46 25.41 16.98
N THR A 441 1.63 25.61 18.28
CA THR A 441 1.07 24.73 19.30
C THR A 441 0.55 25.59 20.44
N LYS A 442 -0.49 25.07 21.10
CA LYS A 442 -1.17 25.81 22.15
C LYS A 442 -1.71 24.82 23.17
N ASN A 443 -1.32 24.99 24.44
CA ASN A 443 -1.83 24.15 25.51
C ASN A 443 -2.20 25.01 26.73
N ASP A 444 -2.48 24.36 27.85
CA ASP A 444 -3.01 25.08 29.00
C ASP A 444 -2.01 26.06 29.59
N TYR A 445 -0.73 25.93 29.25
CA TYR A 445 0.28 26.78 29.89
C TYR A 445 1.34 27.31 28.93
N GLN A 446 1.16 27.21 27.62
CA GLN A 446 2.13 27.83 26.74
C GLN A 446 1.62 27.88 25.32
N THR A 447 2.00 28.94 24.61
CA THR A 447 1.85 29.06 23.17
C THR A 447 3.22 29.05 22.53
N TYR A 448 3.32 28.40 21.37
CA TYR A 448 4.58 28.31 20.64
C TYR A 448 4.30 28.48 19.16
N ALA A 449 5.13 29.26 18.49
CA ALA A 449 5.00 29.49 17.06
C ALA A 449 6.40 29.55 16.44
N GLU A 450 6.65 28.70 15.46
CA GLU A 450 7.97 28.62 14.85
C GLU A 450 7.87 28.68 13.33
N LEU A 451 8.85 29.35 12.73
CA LEU A 451 9.07 29.36 11.30
C LEU A 451 10.43 28.72 11.04
N SER A 452 10.44 27.61 10.31
CA SER A 452 11.61 26.76 10.18
C SER A 452 12.01 26.61 8.72
N VAL A 453 13.32 26.58 8.49
CA VAL A 453 13.92 26.34 7.18
C VAL A 453 15.15 25.47 7.38
N THR A 454 15.44 24.64 6.39
CA THR A 454 16.58 23.74 6.49
C THR A 454 16.99 23.15 5.15
N ASN A 455 18.29 23.17 4.86
CA ASN A 455 18.84 22.51 3.69
C ASN A 455 19.50 21.22 4.13
N PRO A 456 19.00 20.05 3.72
CA PRO A 456 19.59 18.80 4.22
C PRO A 456 20.97 18.51 3.67
N TYR A 457 21.37 19.18 2.59
CA TYR A 457 22.71 19.01 2.01
C TYR A 457 23.34 20.39 1.86
N PHE A 458 23.96 20.86 2.93
CA PHE A 458 24.85 22.00 2.87
C PHE A 458 26.25 21.58 2.43
N THR A 459 26.51 20.28 2.42
CA THR A 459 27.76 19.71 1.97
C THR A 459 27.44 18.33 1.38
N VAL A 460 28.27 17.90 0.44
CA VAL A 460 27.93 16.72 -0.36
C VAL A 460 27.74 15.51 0.53
N ASP A 461 28.46 15.42 1.65
CA ASP A 461 28.43 14.23 2.48
C ASP A 461 27.08 14.02 3.15
N GLY A 462 26.28 15.06 3.30
CA GLY A 462 24.99 14.94 3.95
C GLY A 462 24.78 15.95 5.04
N VAL A 463 25.76 16.83 5.24
CA VAL A 463 25.66 17.84 6.29
C VAL A 463 24.49 18.77 5.99
N SER A 464 23.80 19.18 7.05
CA SER A 464 22.63 20.04 6.94
C SER A 464 22.92 21.40 7.57
N LEU A 465 22.04 22.34 7.29
CA LEU A 465 22.11 23.67 7.91
C LEU A 465 20.68 24.16 8.09
N GLY A 466 20.26 24.29 9.33
CA GLY A 466 18.90 24.66 9.66
C GLY A 466 18.69 26.16 9.79
N GLY A 467 17.71 26.51 10.59
CA GLY A 467 17.27 27.88 10.73
C GLY A 467 15.89 27.91 11.35
N ARG A 468 15.65 28.85 12.26
CA ARG A 468 14.42 28.81 13.03
C ARG A 468 14.16 30.14 13.72
N LEU A 469 12.95 30.68 13.55
CA LEU A 469 12.45 31.79 14.35
C LEU A 469 11.35 31.25 15.24
N PHE A 470 11.28 31.74 16.48
CA PHE A 470 10.32 31.20 17.41
C PHE A 470 9.83 32.27 18.37
N TYR A 471 8.56 32.14 18.73
CA TYR A 471 7.90 32.94 19.75
C TYR A 471 7.25 31.98 20.73
N ASN A 472 7.41 32.24 22.03
CA ASN A 472 6.94 31.34 23.06
C ASN A 472 6.41 32.16 24.23
N ASP A 473 5.14 31.96 24.55
CA ASP A 473 4.53 32.53 25.74
C ASP A 473 4.31 31.42 26.75
N PHE A 474 4.66 31.69 28.01
CA PHE A 474 4.66 30.65 29.04
C PHE A 474 4.08 31.22 30.33
N GLN A 475 2.96 30.65 30.76
CA GLN A 475 2.39 30.91 32.07
C GLN A 475 2.71 29.75 32.99
N ALA A 476 3.14 30.06 34.21
CA ALA A 476 3.56 29.03 35.14
C ALA A 476 2.44 28.56 36.06
N ASP A 477 1.61 29.49 36.55
CA ASP A 477 0.51 29.12 37.43
C ASP A 477 -0.31 27.99 36.84
N ASP A 478 -0.32 27.86 35.52
CA ASP A 478 -1.06 26.81 34.83
C ASP A 478 -0.24 25.53 34.67
N ALA A 479 0.98 25.51 35.18
CA ALA A 479 1.86 24.34 35.07
C ALA A 479 2.21 23.74 36.42
N ASP A 480 1.47 24.10 37.47
CA ASP A 480 1.76 23.61 38.82
C ASP A 480 3.10 24.13 39.31
N LEU A 481 3.33 25.43 39.13
CA LEU A 481 4.54 26.07 39.63
C LEU A 481 4.20 27.39 40.32
N SER A 482 5.23 28.14 40.69
CA SER A 482 5.04 29.50 41.18
C SER A 482 4.75 30.43 40.00
N ASP A 483 4.14 31.57 40.31
CA ASP A 483 3.61 32.45 39.28
C ASP A 483 4.72 33.26 38.64
N TYR A 484 4.84 33.15 37.32
CA TYR A 484 5.69 34.02 36.52
C TYR A 484 5.38 33.78 35.06
N THR A 485 5.24 34.87 34.31
CA THR A 485 4.93 34.83 32.89
C THR A 485 6.18 35.21 32.11
N ASN A 486 6.59 34.34 31.19
CA ASN A 486 7.75 34.58 30.33
C ASN A 486 7.31 34.62 28.88
N LYS A 487 7.51 35.76 28.23
CA LYS A 487 7.29 35.91 26.81
C LYS A 487 8.64 36.07 26.13
N SER A 488 8.96 35.17 25.22
CA SER A 488 10.28 35.10 24.64
C SER A 488 10.19 35.00 23.12
N TYR A 489 11.18 35.58 22.46
CA TYR A 489 11.29 35.50 21.02
C TYR A 489 12.74 35.37 20.63
N GLY A 490 13.01 34.60 19.58
CA GLY A 490 14.40 34.41 19.23
C GLY A 490 14.57 33.65 17.92
N THR A 491 15.84 33.36 17.64
CA THR A 491 16.23 32.67 16.42
C THR A 491 17.36 31.70 16.73
N ASP A 492 17.55 30.74 15.83
CA ASP A 492 18.50 29.66 16.05
C ASP A 492 18.92 29.07 14.71
N VAL A 493 20.21 28.73 14.61
CA VAL A 493 20.74 28.01 13.46
C VAL A 493 21.62 26.89 13.98
N THR A 494 21.71 25.81 13.21
CA THR A 494 22.42 24.62 13.67
C THR A 494 22.81 23.76 12.47
N LEU A 495 24.00 23.19 12.55
CA LEU A 495 24.49 22.20 11.60
C LEU A 495 24.36 20.80 12.20
N GLY A 496 24.17 19.82 11.33
CA GLY A 496 24.05 18.43 11.70
C GLY A 496 25.01 17.55 10.95
N PHE A 497 25.77 16.73 11.67
CA PHE A 497 26.82 15.90 11.09
C PHE A 497 26.51 14.43 11.32
N PRO A 498 26.26 13.64 10.28
CA PRO A 498 26.14 12.19 10.46
C PRO A 498 27.48 11.49 10.27
N ILE A 499 27.75 10.50 11.11
CA ILE A 499 29.06 9.89 11.14
C ILE A 499 29.01 8.36 11.04
N ASN A 500 27.90 7.75 11.43
CA ASN A 500 27.86 6.30 11.59
C ASN A 500 26.54 5.64 11.20
N GLU A 501 25.58 6.38 10.68
CA GLU A 501 24.24 5.92 10.33
C GLU A 501 23.37 5.71 11.56
N TYR A 502 23.93 5.79 12.75
CA TYR A 502 23.18 5.79 14.00
C TYR A 502 23.53 6.97 14.88
N ASN A 503 24.79 7.38 14.88
CA ASN A 503 25.23 8.55 15.61
C ASN A 503 25.05 9.80 14.76
N SER A 504 24.75 10.91 15.43
CA SER A 504 24.56 12.18 14.77
C SER A 504 24.91 13.31 15.72
N LEU A 505 25.87 14.14 15.34
CA LEU A 505 26.21 15.33 16.11
C LEU A 505 25.47 16.53 15.55
N ARG A 506 25.41 17.58 16.37
CA ARG A 506 24.84 18.83 15.91
C ARG A 506 25.39 19.96 16.76
N ALA A 507 25.55 21.12 16.13
CA ALA A 507 26.14 22.27 16.78
C ALA A 507 25.60 23.55 16.16
N GLY A 508 25.28 24.53 16.99
CA GLY A 508 24.67 25.73 16.45
C GLY A 508 24.74 26.89 17.41
N LEU A 509 24.18 28.01 16.94
CA LEU A 509 24.11 29.25 17.67
C LEU A 509 22.66 29.69 17.79
N GLY A 510 22.40 30.58 18.74
CA GLY A 510 21.05 31.07 18.96
C GLY A 510 21.04 32.39 19.69
N TYR A 511 19.98 33.14 19.47
CA TYR A 511 19.68 34.37 20.19
C TYR A 511 18.28 34.27 20.75
N VAL A 512 18.09 34.73 21.99
CA VAL A 512 16.79 34.65 22.64
C VAL A 512 16.61 35.87 23.54
N HIS A 513 15.46 36.52 23.41
CA HIS A 513 15.07 37.63 24.25
C HIS A 513 13.90 37.17 25.12
N ASN A 514 14.04 37.34 26.43
CA ASN A 514 13.06 36.91 27.40
C ASN A 514 12.56 38.12 28.18
N SER A 515 11.24 38.20 28.37
CA SER A 515 10.63 39.20 29.23
C SER A 515 9.81 38.48 30.28
N LEU A 516 10.09 38.78 31.55
CA LEU A 516 9.47 38.14 32.69
C LEU A 516 8.63 39.15 33.45
N SER A 517 7.40 38.75 33.76
CA SER A 517 6.46 39.62 34.44
C SER A 517 5.57 38.80 35.34
N ASN A 518 4.81 39.50 36.19
CA ASN A 518 3.83 38.85 37.06
C ASN A 518 4.50 37.78 37.91
N MET A 519 5.43 38.23 38.74
CA MET A 519 6.32 37.34 39.49
C MET A 519 6.00 37.41 40.97
N GLN A 520 5.75 36.27 41.58
CA GLN A 520 5.47 36.21 43.01
C GLN A 520 6.78 36.29 43.79
N PRO A 521 6.92 37.24 44.71
CA PRO A 521 8.09 37.26 45.58
C PRO A 521 8.43 35.89 46.16
N GLN A 522 9.68 35.49 46.00
CA GLN A 522 10.18 34.27 46.61
C GLN A 522 11.71 34.29 46.58
N VAL A 523 12.30 33.48 47.45
CA VAL A 523 13.73 33.59 47.74
C VAL A 523 14.56 33.09 46.57
N ALA A 524 14.18 31.94 46.00
CA ALA A 524 14.96 31.37 44.90
C ALA A 524 14.94 32.23 43.65
N MET A 525 14.11 33.27 43.61
CA MET A 525 14.08 34.22 42.51
C MET A 525 14.98 35.42 42.76
N TRP A 526 14.89 36.01 43.95
CA TRP A 526 15.80 37.08 44.32
C TRP A 526 17.24 36.61 44.30
N ARG A 527 17.50 35.37 44.69
CA ARG A 527 18.87 34.87 44.65
C ARG A 527 19.51 35.09 43.28
N TYR A 528 18.70 35.05 42.23
CA TYR A 528 19.16 35.29 40.86
C TYR A 528 19.07 36.76 40.47
N LEU A 529 17.95 37.41 40.80
CA LEU A 529 17.79 38.82 40.53
C LEU A 529 18.96 39.62 41.09
N TYR A 530 19.17 39.56 42.40
CA TYR A 530 20.33 40.19 43.03
C TYR A 530 21.60 39.91 42.25
N SER A 531 21.87 38.63 41.95
CA SER A 531 23.05 38.26 41.17
C SER A 531 23.15 39.09 39.90
N MET A 532 22.02 39.37 39.26
CA MET A 532 22.00 40.14 38.02
C MET A 532 21.84 41.64 38.25
N GLY A 533 22.20 42.13 39.44
CA GLY A 533 22.25 43.54 39.71
C GLY A 533 20.96 44.17 40.19
N GLU A 534 19.82 43.54 39.92
CA GLU A 534 18.54 44.13 40.25
C GLU A 534 18.39 44.29 41.76
N HIS A 535 17.37 45.05 42.16
CA HIS A 535 17.01 45.26 43.56
C HIS A 535 15.52 45.52 43.68
N PRO A 536 14.67 44.55 43.34
CA PRO A 536 13.23 44.78 43.38
C PRO A 536 12.64 44.75 44.79
N SER A 537 11.31 44.85 44.87
CA SER A 537 10.60 44.94 46.14
C SER A 537 9.89 43.62 46.44
N THR A 538 9.67 43.37 47.73
CA THR A 538 9.03 42.15 48.17
C THR A 538 7.54 42.29 48.40
N SER A 539 7.04 43.50 48.64
CA SER A 539 5.66 43.74 49.00
C SER A 539 4.76 44.04 47.80
N ASP A 540 5.10 43.53 46.63
CA ASP A 540 4.34 43.81 45.42
C ASP A 540 4.87 42.95 44.29
N GLN A 541 3.99 42.61 43.36
CA GLN A 541 4.33 41.73 42.24
C GLN A 541 4.13 42.42 40.90
N ASP A 542 4.46 43.71 40.82
CA ASP A 542 4.56 44.41 39.54
C ASP A 542 6.04 44.51 39.19
N ASN A 543 6.59 43.38 38.77
CA ASN A 543 8.03 43.26 38.53
C ASN A 543 8.27 42.75 37.12
N SER A 544 9.10 43.48 36.37
CA SER A 544 9.46 43.13 35.01
C SER A 544 10.96 42.97 34.88
N PHE A 545 11.39 42.11 33.95
CA PHE A 545 12.81 41.91 33.74
C PHE A 545 13.04 41.39 32.32
N LYS A 546 13.88 42.08 31.56
CA LYS A 546 14.19 41.73 30.19
C LYS A 546 15.65 41.32 30.06
N THR A 547 15.89 40.29 29.25
CA THR A 547 17.25 39.83 28.97
C THR A 547 17.37 39.43 27.52
N ASP A 548 18.56 39.65 26.96
CA ASP A 548 18.89 39.24 25.61
C ASP A 548 20.16 38.42 25.67
N ASP A 549 20.08 37.15 25.28
CA ASP A 549 21.16 36.19 25.47
C ASP A 549 21.52 35.52 24.15
N PHE A 550 22.82 35.28 23.99
CA PHE A 550 23.35 34.50 22.88
C PHE A 550 23.90 33.19 23.43
N THR A 551 23.60 32.09 22.75
CA THR A 551 23.91 30.76 23.24
C THR A 551 24.58 29.93 22.16
N PHE A 552 25.55 29.13 22.56
CA PHE A 552 26.11 28.08 21.74
C PHE A 552 25.54 26.75 22.22
N ASN A 553 24.87 26.04 21.32
CA ASN A 553 24.20 24.79 21.63
C ASN A 553 24.90 23.64 20.93
N TYR A 554 25.05 22.53 21.64
CA TYR A 554 25.65 21.34 21.08
C TYR A 554 24.82 20.12 21.45
N GLY A 555 24.99 19.06 20.68
CA GLY A 555 24.21 17.87 20.91
C GLY A 555 24.72 16.63 20.18
N TRP A 556 24.40 15.48 20.75
CA TRP A 556 24.78 14.18 20.19
C TRP A 556 23.61 13.22 20.37
N THR A 557 23.39 12.39 19.35
CA THR A 557 22.27 11.47 19.36
C THR A 557 22.72 10.10 18.86
N TYR A 558 22.23 9.05 19.51
CA TYR A 558 22.51 7.67 19.15
C TYR A 558 21.19 6.92 19.12
N ASN A 559 20.87 6.31 17.97
CA ASN A 559 19.63 5.57 17.81
C ASN A 559 19.93 4.23 17.17
N LYS A 560 19.56 3.15 17.86
CA LYS A 560 19.78 1.79 17.39
C LYS A 560 18.52 0.93 17.55
N LEU A 561 17.38 1.55 17.85
CA LEU A 561 16.17 0.79 18.10
C LEU A 561 15.77 -0.01 16.87
N ASP A 562 15.40 -1.28 17.09
CA ASP A 562 14.96 -2.11 15.99
C ASP A 562 13.72 -1.56 15.31
N ARG A 563 12.85 -0.90 16.08
CA ARG A 563 11.62 -0.33 15.56
C ARG A 563 11.35 1.00 16.25
N GLY A 564 10.52 1.81 15.60
CA GLY A 564 10.14 3.08 16.16
C GLY A 564 8.90 2.99 17.02
N TYR A 565 8.02 2.04 16.71
CA TYR A 565 6.79 1.81 17.45
C TYR A 565 6.86 0.45 18.11
N PHE A 566 6.71 0.42 19.43
CA PHE A 566 6.79 -0.80 20.22
C PHE A 566 8.12 -1.51 19.94
N PRO A 567 9.25 -0.88 20.28
CA PRO A 567 10.54 -1.54 20.11
C PRO A 567 10.71 -2.69 21.09
N THR A 568 11.69 -3.54 20.77
CA THR A 568 11.94 -4.75 21.54
C THR A 568 13.40 -4.96 21.88
N ASP A 569 14.32 -4.22 21.28
CA ASP A 569 15.73 -4.38 21.56
C ASP A 569 16.47 -3.18 21.00
N GLY A 570 17.44 -2.68 21.76
CA GLY A 570 18.25 -1.58 21.31
C GLY A 570 18.39 -0.52 22.38
N SER A 571 18.85 0.66 21.96
CA SER A 571 19.10 1.74 22.90
C SER A 571 19.07 3.06 22.14
N ARG A 572 18.49 4.07 22.79
CA ARG A 572 18.52 5.45 22.32
C ARG A 572 19.18 6.31 23.38
N VAL A 573 19.92 7.31 22.93
CA VAL A 573 20.66 8.19 23.83
C VAL A 573 20.71 9.57 23.20
N ASN A 574 20.56 10.60 24.04
CA ASN A 574 20.59 11.97 23.57
C ASN A 574 21.26 12.84 24.61
N LEU A 575 22.25 13.61 24.18
CA LEU A 575 22.94 14.57 25.02
C LEU A 575 22.75 15.95 24.42
N THR A 576 22.21 16.88 25.22
CA THR A 576 22.01 18.26 24.82
C THR A 576 22.78 19.17 25.76
N GLY A 577 23.25 20.29 25.23
CA GLY A 577 24.03 21.20 26.03
C GLY A 577 23.98 22.60 25.46
N LYS A 578 24.17 23.57 26.34
CA LYS A 578 24.04 24.98 26.00
C LYS A 578 24.99 25.77 26.89
N VAL A 579 25.59 26.81 26.32
CA VAL A 579 26.48 27.67 27.08
C VAL A 579 26.37 29.09 26.55
N THR A 580 26.29 30.05 27.46
CA THR A 580 26.21 31.46 27.08
C THR A 580 27.60 32.00 26.82
N ILE A 581 27.78 32.63 25.68
CA ILE A 581 29.07 33.21 25.29
C ILE A 581 29.10 34.68 25.67
N PRO A 582 30.27 35.29 25.81
CA PRO A 582 30.34 36.68 26.27
C PRO A 582 29.47 37.63 25.47
N GLY A 583 29.20 38.80 26.04
CA GLY A 583 28.29 39.76 25.45
C GLY A 583 26.88 39.63 25.98
N SER A 584 26.44 38.39 26.16
CA SER A 584 25.11 38.13 26.69
C SER A 584 25.01 38.61 28.14
N ASP A 585 23.79 38.98 28.54
CA ASP A 585 23.56 39.41 29.91
C ASP A 585 23.77 38.27 30.88
N ASN A 586 23.23 37.10 30.57
CA ASN A 586 23.34 35.93 31.42
C ASN A 586 24.60 35.14 31.10
N GLU A 587 25.19 34.56 32.15
CA GLU A 587 26.32 33.65 32.02
C GLU A 587 25.94 32.33 32.68
N TYR A 588 25.74 31.29 31.88
CA TYR A 588 25.37 30.00 32.44
C TYR A 588 25.59 28.90 31.42
N TYR A 589 25.76 27.69 31.93
CA TYR A 589 25.87 26.48 31.14
C TYR A 589 24.83 25.48 31.64
N LYS A 590 24.38 24.63 30.73
CA LYS A 590 23.33 23.65 31.03
C LYS A 590 23.56 22.41 30.20
N VAL A 591 23.25 21.25 30.78
CA VAL A 591 23.49 19.95 30.14
C VAL A 591 22.38 19.00 30.56
N THR A 592 21.96 18.16 29.60
CA THR A 592 20.91 17.17 29.82
C THR A 592 21.26 15.90 29.05
N LEU A 593 20.92 14.76 29.64
CA LEU A 593 21.23 13.45 29.07
C LEU A 593 20.06 12.52 29.29
N ASP A 594 19.45 12.07 28.19
CA ASP A 594 18.35 11.12 28.22
C ASP A 594 18.82 9.79 27.64
N THR A 595 18.35 8.70 28.23
CA THR A 595 18.78 7.36 27.84
C THR A 595 17.62 6.39 27.98
N ALA A 596 17.48 5.52 26.99
CA ALA A 596 16.49 4.45 27.01
C ALA A 596 17.12 3.19 26.45
N THR A 597 16.81 2.05 27.06
CA THR A 597 17.42 0.78 26.69
C THR A 597 16.38 -0.33 26.77
N TYR A 598 16.12 -1.00 25.66
CA TYR A 598 15.23 -2.15 25.61
C TYR A 598 16.04 -3.41 25.46
N VAL A 599 15.79 -4.37 26.35
CA VAL A 599 16.53 -5.64 26.39
C VAL A 599 15.50 -6.77 26.41
N PRO A 600 15.50 -7.67 25.43
CA PRO A 600 14.59 -8.82 25.47
C PRO A 600 15.19 -10.01 26.20
N ILE A 601 14.30 -10.89 26.64
CA ILE A 601 14.71 -12.06 27.41
C ILE A 601 14.07 -13.32 26.84
N ASP A 602 13.50 -13.22 25.64
CA ASP A 602 12.92 -14.37 24.95
C ASP A 602 13.32 -14.30 23.48
N ASP A 603 12.81 -15.25 22.70
CA ASP A 603 13.11 -15.32 21.28
C ASP A 603 12.04 -14.68 20.41
N ASP A 604 10.80 -14.65 20.87
CA ASP A 604 9.70 -14.03 20.13
C ASP A 604 9.49 -12.57 20.51
N HIS A 605 10.29 -12.03 21.43
CA HIS A 605 10.24 -10.62 21.80
C HIS A 605 8.86 -10.23 22.31
N LYS A 606 8.47 -10.87 23.40
CA LYS A 606 7.24 -10.53 24.10
C LYS A 606 7.46 -10.17 25.56
N TRP A 607 8.57 -10.58 26.17
CA TRP A 607 8.96 -10.18 27.50
C TRP A 607 10.20 -9.30 27.38
N VAL A 608 10.12 -8.08 27.90
CA VAL A 608 11.20 -7.11 27.70
C VAL A 608 11.49 -6.39 29.00
N VAL A 609 12.72 -5.89 29.12
CA VAL A 609 13.18 -5.14 30.27
C VAL A 609 13.64 -3.78 29.77
N LEU A 610 12.87 -2.74 30.10
CA LEU A 610 13.18 -1.38 29.67
C LEU A 610 13.81 -0.60 30.81
N GLY A 611 14.84 0.17 30.47
CA GLY A 611 15.51 1.02 31.44
C GLY A 611 15.70 2.43 30.92
N ARG A 612 15.19 3.41 31.64
CA ARG A 612 15.27 4.80 31.25
C ARG A 612 15.99 5.61 32.31
N THR A 613 16.74 6.63 31.87
CA THR A 613 17.39 7.56 32.77
C THR A 613 17.36 8.96 32.17
N ARG A 614 17.35 9.94 33.06
CA ARG A 614 17.34 11.35 32.66
C ARG A 614 18.15 12.12 33.68
N TRP A 615 19.32 12.59 33.27
CA TRP A 615 20.20 13.38 34.10
C TRP A 615 20.25 14.81 33.60
N GLY A 616 20.51 15.74 34.51
CA GLY A 616 20.60 17.13 34.12
C GLY A 616 21.31 18.00 35.13
N TYR A 617 22.15 18.91 34.65
CA TYR A 617 22.88 19.80 35.53
C TYR A 617 23.18 21.11 34.82
N GLY A 618 23.04 22.20 35.56
CA GLY A 618 23.35 23.52 35.03
C GLY A 618 23.76 24.45 36.14
N ASP A 619 24.47 25.50 35.76
CA ASP A 619 24.99 26.44 36.76
C ASP A 619 25.58 27.65 36.05
N GLY A 620 25.84 28.69 36.83
CA GLY A 620 26.42 29.91 36.33
C GLY A 620 27.92 29.96 36.52
N LEU A 621 28.51 31.00 35.93
CA LEU A 621 29.97 31.11 35.85
C LEU A 621 30.52 32.33 36.56
N GLY A 622 30.02 33.52 36.25
CA GLY A 622 30.60 34.74 36.81
C GLY A 622 29.98 35.14 38.12
N GLY A 623 29.99 34.24 39.10
CA GLY A 623 29.32 34.48 40.37
C GLY A 623 27.82 34.59 40.28
N LYS A 624 27.25 34.51 39.09
CA LYS A 624 25.81 34.56 38.89
C LYS A 624 25.20 33.19 39.12
N GLU A 625 23.87 33.12 38.99
CA GLU A 625 23.12 31.90 39.15
C GLU A 625 22.48 31.53 37.83
N MET A 626 21.89 30.35 37.79
CA MET A 626 21.21 29.96 36.55
C MET A 626 19.79 30.54 36.54
N PRO A 627 19.31 30.95 35.37
CA PRO A 627 17.94 31.46 35.29
C PRO A 627 16.93 30.45 35.81
N PHE A 628 15.93 30.96 36.53
CA PHE A 628 14.89 30.12 37.08
C PHE A 628 13.85 29.71 36.06
N TYR A 629 14.02 30.11 34.80
CA TYR A 629 13.14 29.67 33.72
C TYR A 629 13.82 28.64 32.83
N GLU A 630 15.02 28.22 33.18
CA GLU A 630 15.73 27.15 32.49
C GLU A 630 15.89 25.94 33.39
N ASN A 631 15.19 25.90 34.52
CA ASN A 631 15.40 24.88 35.52
C ASN A 631 14.86 23.55 35.03
N PHE A 632 15.02 22.53 35.87
CA PHE A 632 14.58 21.18 35.59
C PHE A 632 13.37 20.86 36.44
N TYR A 633 12.43 20.11 35.87
CA TYR A 633 11.18 19.77 36.51
C TYR A 633 10.96 18.27 36.39
N ALA A 634 10.52 17.65 37.47
CA ALA A 634 10.28 16.23 37.51
C ALA A 634 8.87 15.98 38.01
N GLY A 635 8.35 14.79 37.68
CA GLY A 635 6.98 14.45 38.01
C GLY A 635 6.10 14.45 36.79
N GLY A 636 5.33 13.40 36.60
CA GLY A 636 4.40 13.31 35.49
C GLY A 636 4.46 11.96 34.83
N SER A 637 3.86 11.88 33.65
CA SER A 637 3.76 10.65 32.90
C SER A 637 4.95 10.42 31.98
N SER A 638 6.08 11.07 32.25
CA SER A 638 7.25 10.94 31.42
C SER A 638 8.50 10.62 32.24
N THR A 639 8.55 11.11 33.48
CA THR A 639 9.72 10.94 34.34
C THR A 639 9.42 10.09 35.56
N VAL A 640 8.43 10.49 36.37
CA VAL A 640 8.08 9.79 37.60
C VAL A 640 6.57 9.81 37.71
N ARG A 641 5.94 8.64 37.61
CA ARG A 641 4.50 8.54 37.56
C ARG A 641 3.93 8.32 38.95
N GLY A 642 2.74 8.85 39.16
CA GLY A 642 2.10 8.88 40.46
C GLY A 642 2.14 10.23 41.14
N PHE A 643 2.88 11.18 40.57
CA PHE A 643 3.03 12.50 41.12
C PHE A 643 2.41 13.53 40.18
N GLN A 644 2.05 14.68 40.75
CA GLN A 644 1.54 15.78 39.95
C GLN A 644 2.67 16.39 39.15
N SER A 645 2.34 16.78 37.92
CA SER A 645 3.37 17.26 37.00
C SER A 645 4.10 18.46 37.58
N ASN A 646 5.43 18.40 37.53
CA ASN A 646 6.30 19.50 37.96
C ASN A 646 6.06 19.86 39.41
N THR A 647 6.10 18.86 40.28
CA THR A 647 6.03 19.06 41.71
C THR A 647 7.21 18.49 42.48
N ILE A 648 7.92 17.51 41.91
CA ILE A 648 9.11 16.97 42.54
C ILE A 648 10.14 18.07 42.69
N GLY A 649 10.67 18.20 43.90
CA GLY A 649 11.84 19.02 44.12
C GLY A 649 11.63 20.14 45.11
N PRO A 650 12.36 21.24 44.92
CA PRO A 650 12.25 22.35 45.86
C PRO A 650 10.93 23.09 45.72
N LYS A 651 10.48 23.61 46.85
CA LYS A 651 9.27 24.43 46.93
C LYS A 651 9.64 25.87 47.20
N ALA A 652 8.63 26.72 47.13
CA ALA A 652 8.81 28.15 47.22
C ALA A 652 8.72 28.64 48.66
N VAL A 653 9.53 29.65 48.98
CA VAL A 653 9.52 30.29 50.28
C VAL A 653 9.15 31.74 50.02
N TYR A 654 7.88 32.07 50.21
CA TYR A 654 7.37 33.37 49.85
C TYR A 654 7.73 34.41 50.89
N PHE A 655 7.48 35.67 50.54
CA PHE A 655 7.67 36.81 51.39
C PHE A 655 6.33 37.38 51.83
N PRO A 656 6.30 38.18 52.90
CA PRO A 656 5.07 38.90 53.24
C PRO A 656 4.83 40.03 52.25
N HIS A 657 3.76 39.91 51.47
CA HIS A 657 3.55 40.83 50.35
C HIS A 657 2.08 40.99 50.04
N GLN A 658 1.62 42.24 49.98
CA GLN A 658 0.29 42.56 49.51
C GLN A 658 0.03 41.90 48.16
N ALA A 659 -1.24 41.70 47.83
CA ALA A 659 -1.62 41.06 46.58
C ALA A 659 -2.13 42.08 45.57
N SER A 660 -2.34 41.61 44.34
CA SER A 660 -2.81 42.48 43.27
C SER A 660 -4.19 43.05 43.59
N ASN A 661 -5.19 42.17 43.68
CA ASN A 661 -6.56 42.58 43.99
C ASN A 661 -7.13 41.55 44.97
N TYR A 662 -7.35 41.97 46.21
CA TYR A 662 -7.80 41.05 47.24
C TYR A 662 -9.31 40.83 47.15
N ASP A 663 -9.71 39.57 47.27
CA ASP A 663 -11.12 39.19 47.26
C ASP A 663 -11.26 37.90 48.05
N PRO A 664 -11.70 37.99 49.33
CA PRO A 664 -11.81 36.77 50.14
C PRO A 664 -12.61 35.67 49.45
N ASP A 665 -12.53 34.46 49.99
CA ASP A 665 -13.02 33.21 49.40
C ASP A 665 -12.02 32.69 48.36
N TYR A 666 -10.93 33.42 48.10
CA TYR A 666 -9.85 32.95 47.24
C TYR A 666 -8.61 32.73 48.09
N ASP A 667 -7.89 31.64 47.82
CA ASP A 667 -6.70 31.31 48.60
C ASP A 667 -5.51 32.13 48.11
N TYR A 668 -4.84 32.81 49.03
CA TYR A 668 -3.69 33.64 48.73
C TYR A 668 -2.46 33.11 49.44
N GLU A 669 -1.30 33.42 48.88
CA GLU A 669 -0.03 32.88 49.36
C GLU A 669 0.69 33.98 50.15
N CYS A 670 0.38 34.04 51.44
CA CYS A 670 1.06 34.91 52.41
C CYS A 670 1.03 36.38 51.98
N ALA A 671 -0.18 36.93 52.01
CA ALA A 671 -0.41 38.35 51.84
C ALA A 671 -0.46 39.04 53.20
N THR A 672 -0.02 40.30 53.25
CA THR A 672 -0.09 41.08 54.47
C THR A 672 -1.52 41.28 54.94
N GLN A 673 -2.49 41.17 54.04
CA GLN A 673 -3.90 41.35 54.38
C GLN A 673 -4.52 40.13 55.03
N ASP A 674 -3.70 39.20 55.52
CA ASP A 674 -4.22 37.98 56.16
C ASP A 674 -3.45 37.63 57.43
N GLY A 675 -2.66 38.57 57.97
CA GLY A 675 -1.88 38.29 59.16
C GLY A 675 -0.57 37.61 58.85
N ALA A 676 0.22 38.18 57.95
CA ALA A 676 1.50 37.64 57.54
C ALA A 676 2.61 38.61 57.93
N LYS A 677 3.61 38.11 58.65
CA LYS A 677 4.70 38.97 59.11
C LYS A 677 6.07 38.29 59.04
N ASP A 678 6.20 37.17 58.34
CA ASP A 678 7.50 36.53 58.18
C ASP A 678 7.41 35.54 57.02
N LEU A 679 8.55 34.92 56.70
CA LEU A 679 8.61 34.02 55.56
C LEU A 679 7.63 32.88 55.73
N CYS A 680 7.41 32.14 54.65
CA CYS A 680 6.16 31.40 54.45
C CYS A 680 6.41 30.22 53.54
N LYS A 681 6.45 29.01 54.11
CA LYS A 681 6.59 27.82 53.31
C LYS A 681 5.41 27.69 52.35
N SER A 682 5.56 26.78 51.39
CA SER A 682 4.53 26.53 50.40
C SER A 682 4.71 25.14 49.83
N ASP A 683 3.75 24.74 48.99
CA ASP A 683 3.75 23.44 48.35
C ASP A 683 3.78 23.54 46.84
N ASP A 684 4.08 24.71 46.29
CA ASP A 684 4.09 24.93 44.85
C ASP A 684 5.53 24.95 44.36
N ALA A 685 5.81 24.15 43.35
CA ALA A 685 7.18 23.85 42.97
C ALA A 685 7.80 25.00 42.19
N VAL A 686 9.13 24.99 42.16
CA VAL A 686 9.92 25.98 41.43
C VAL A 686 10.97 25.35 40.54
N GLY A 687 11.33 24.09 40.75
CA GLY A 687 12.36 23.44 39.98
C GLY A 687 13.73 23.55 40.62
N GLY A 688 14.68 22.82 40.05
CA GLY A 688 16.04 22.83 40.53
C GLY A 688 17.02 22.76 39.40
N ASN A 689 18.23 23.23 39.69
CA ASN A 689 19.32 23.22 38.72
C ASN A 689 19.92 21.84 38.51
N ALA A 690 19.62 20.87 39.36
CA ALA A 690 20.14 19.52 39.20
C ALA A 690 19.00 18.52 39.26
N MET A 691 19.07 17.48 38.42
CA MET A 691 18.02 16.49 38.30
C MET A 691 18.59 15.13 37.97
N ALA A 692 18.01 14.09 38.58
CA ALA A 692 18.37 12.71 38.30
C ALA A 692 17.12 11.84 38.41
N VAL A 693 16.80 11.13 37.34
CA VAL A 693 15.59 10.34 37.25
C VAL A 693 15.91 9.00 36.62
N ALA A 694 15.25 7.94 37.09
CA ALA A 694 15.44 6.60 36.58
C ALA A 694 14.10 5.87 36.55
N SER A 695 14.04 4.84 35.71
CA SER A 695 12.82 4.04 35.58
C SER A 695 13.18 2.65 35.10
N LEU A 696 12.77 1.63 35.84
CA LEU A 696 12.93 0.24 35.46
C LEU A 696 11.56 -0.35 35.21
N GLU A 697 11.32 -0.78 33.97
CA GLU A 697 10.02 -1.25 33.54
C GLU A 697 10.14 -2.67 32.99
N PHE A 698 9.09 -3.46 33.19
CA PHE A 698 9.03 -4.83 32.73
C PHE A 698 7.80 -4.97 31.84
N ILE A 699 8.03 -5.25 30.57
CA ILE A 699 6.99 -5.31 29.56
C ILE A 699 6.59 -6.76 29.34
N THR A 700 5.30 -7.04 29.43
CA THR A 700 4.74 -8.37 29.30
C THR A 700 3.62 -8.35 28.28
N PRO A 701 3.14 -9.52 27.87
CA PRO A 701 1.97 -9.57 26.99
C PRO A 701 0.69 -9.32 27.75
N THR A 702 -0.29 -8.77 27.05
CA THR A 702 -1.58 -8.51 27.64
C THR A 702 -2.30 -9.83 27.88
N PRO A 703 -2.71 -10.14 29.11
CA PRO A 703 -3.11 -11.52 29.43
C PRO A 703 -4.53 -11.88 29.06
N PHE A 704 -5.45 -10.90 29.11
CA PHE A 704 -6.87 -11.18 28.94
C PHE A 704 -7.38 -10.84 27.55
N ILE A 705 -6.65 -10.06 26.78
CA ILE A 705 -7.07 -9.72 25.44
C ILE A 705 -6.69 -10.85 24.49
N SER A 706 -7.52 -11.04 23.46
CA SER A 706 -7.30 -12.15 22.53
C SER A 706 -5.92 -12.10 21.92
N ASP A 707 -5.30 -13.28 21.80
CA ASP A 707 -4.00 -13.39 21.15
C ASP A 707 -4.06 -13.02 19.69
N LYS A 708 -5.25 -12.82 19.13
CA LYS A 708 -5.37 -12.44 17.73
C LYS A 708 -4.85 -11.02 17.50
N TYR A 709 -5.03 -10.14 18.48
CA TYR A 709 -4.60 -8.76 18.35
C TYR A 709 -4.01 -8.23 19.65
N ALA A 710 -3.47 -9.12 20.49
CA ALA A 710 -2.80 -8.70 21.71
C ALA A 710 -1.39 -8.21 21.46
N ASN A 711 -0.89 -8.33 20.23
CA ASN A 711 0.41 -7.80 19.88
C ASN A 711 0.38 -6.30 19.60
N SER A 712 -0.81 -5.71 19.53
CA SER A 712 -0.96 -4.28 19.32
C SER A 712 -1.10 -3.50 20.61
N VAL A 713 -1.22 -4.18 21.74
CA VAL A 713 -1.35 -3.55 23.05
C VAL A 713 -0.12 -3.91 23.87
N ARG A 714 0.39 -2.93 24.62
CA ARG A 714 1.58 -3.09 25.43
C ARG A 714 1.23 -2.90 26.89
N THR A 715 1.57 -3.89 27.71
CA THR A 715 1.33 -3.86 29.15
C THR A 715 2.67 -3.87 29.86
N SER A 716 2.79 -3.03 30.89
CA SER A 716 4.07 -2.83 31.56
C SER A 716 3.84 -2.65 33.05
N PHE A 717 4.80 -3.13 33.83
CA PHE A 717 4.85 -2.90 35.27
C PHE A 717 6.14 -2.16 35.57
N PHE A 718 6.02 -0.99 36.20
CA PHE A 718 7.14 -0.07 36.26
C PHE A 718 7.44 0.37 37.69
N TRP A 719 8.71 0.70 37.91
CA TRP A 719 9.24 1.25 39.15
C TRP A 719 10.05 2.49 38.78
N ASP A 720 9.59 3.65 39.21
CA ASP A 720 10.21 4.93 38.86
C ASP A 720 10.82 5.57 40.09
N MET A 721 11.92 6.30 39.88
CA MET A 721 12.63 6.99 40.94
C MET A 721 13.08 8.34 40.42
N GLY A 722 13.16 9.32 41.32
CA GLY A 722 13.53 10.64 40.88
C GLY A 722 13.89 11.62 41.98
N THR A 723 14.74 12.58 41.65
CA THR A 723 15.09 13.64 42.58
C THR A 723 15.54 14.86 41.80
N VAL A 724 15.24 16.02 42.37
CA VAL A 724 15.60 17.31 41.80
C VAL A 724 16.00 18.23 42.95
N TRP A 725 17.00 19.06 42.74
CA TRP A 725 17.52 19.85 43.84
C TRP A 725 18.31 21.03 43.35
N ASP A 726 18.46 22.00 44.25
CA ASP A 726 19.18 23.25 44.01
C ASP A 726 20.47 23.25 44.81
N THR A 727 21.57 23.56 44.15
CA THR A 727 22.88 23.53 44.79
C THR A 727 23.22 24.80 45.53
N ASN A 728 22.54 25.90 45.24
CA ASN A 728 22.89 27.21 45.81
C ASN A 728 22.01 27.61 46.98
N TRP A 729 21.20 26.69 47.52
CA TRP A 729 20.38 26.99 48.68
C TRP A 729 21.23 26.98 49.93
N ASP A 730 21.31 28.13 50.61
CA ASP A 730 22.11 28.26 51.83
C ASP A 730 21.27 27.79 53.01
N SER A 731 21.51 26.56 53.46
CA SER A 731 20.77 25.99 54.57
C SER A 731 21.15 26.60 55.91
N SER A 732 22.11 27.52 55.95
CA SER A 732 22.49 28.16 57.20
C SER A 732 21.67 29.40 57.49
N GLN A 733 21.44 30.24 56.46
CA GLN A 733 20.61 31.42 56.64
C GLN A 733 19.17 31.02 56.93
N TYR A 734 18.55 30.26 56.03
CA TYR A 734 17.17 29.80 56.18
C TYR A 734 17.19 28.43 56.87
N SER A 735 17.11 28.45 58.20
CA SER A 735 17.28 27.24 58.99
C SER A 735 15.98 26.46 59.13
N GLY A 736 14.93 27.11 59.62
CA GLY A 736 13.69 26.41 59.90
C GLY A 736 13.14 25.66 58.70
N TYR A 737 13.34 26.17 57.55
CA TYR A 737 12.83 25.53 56.34
C TYR A 737 13.80 24.47 55.84
N PRO A 738 13.30 23.43 55.16
CA PRO A 738 14.17 22.29 54.85
C PRO A 738 15.37 22.65 53.99
N ASP A 739 16.23 21.67 53.76
CA ASP A 739 17.40 21.82 52.90
C ASP A 739 17.06 21.20 51.56
N TYR A 740 16.91 22.03 50.55
CA TYR A 740 16.57 21.59 49.21
C TYR A 740 17.79 21.31 48.36
N SER A 741 18.99 21.39 48.94
CA SER A 741 20.22 21.00 48.29
C SER A 741 20.63 19.57 48.60
N ASP A 742 19.73 18.79 49.19
CA ASP A 742 20.02 17.40 49.53
C ASP A 742 19.45 16.49 48.45
N PRO A 743 20.29 15.77 47.71
CA PRO A 743 19.77 14.82 46.72
C PRO A 743 19.34 13.49 47.30
N SER A 744 19.58 13.24 48.59
CA SER A 744 19.17 11.98 49.19
C SER A 744 17.65 11.82 49.19
N ASN A 745 16.91 12.91 49.01
CA ASN A 745 15.45 12.88 49.02
C ASN A 745 14.95 12.28 47.71
N ILE A 746 15.02 10.95 47.64
CA ILE A 746 14.60 10.22 46.46
C ILE A 746 13.11 9.92 46.55
N ARG A 747 12.39 10.16 45.46
CA ARG A 747 10.97 9.92 45.38
C ARG A 747 10.73 8.71 44.49
N MET A 748 10.07 7.69 45.04
CA MET A 748 9.83 6.44 44.35
C MET A 748 8.34 6.26 44.06
N SER A 749 8.05 5.49 43.02
CA SER A 749 6.69 5.10 42.69
C SER A 749 6.72 3.78 41.94
N ALA A 750 5.58 3.11 41.92
CA ALA A 750 5.45 1.82 41.27
C ALA A 750 4.02 1.66 40.79
N GLY A 751 3.85 0.96 39.68
CA GLY A 751 2.51 0.74 39.18
C GLY A 751 2.47 0.04 37.84
N ILE A 752 1.35 0.24 37.16
CA ILE A 752 1.00 -0.47 35.93
C ILE A 752 0.75 0.56 34.83
N ALA A 753 0.98 0.13 33.59
CA ALA A 753 0.82 1.00 32.44
C ALA A 753 0.33 0.21 31.25
N LEU A 754 -0.53 0.84 30.46
CA LEU A 754 -1.03 0.29 29.21
C LEU A 754 -0.77 1.29 28.10
N GLN A 755 -0.59 0.78 26.88
CA GLN A 755 -0.24 1.65 25.76
C GLN A 755 -0.68 0.99 24.47
N TRP A 756 -1.41 1.73 23.64
CA TRP A 756 -1.84 1.20 22.35
C TRP A 756 -2.24 2.35 21.44
N MET A 757 -2.83 2.01 20.29
CA MET A 757 -3.17 2.97 19.26
C MET A 757 -4.67 2.96 19.01
N SER A 758 -5.25 4.14 18.88
CA SER A 758 -6.69 4.32 18.74
C SER A 758 -6.96 5.28 17.60
N PRO A 759 -8.18 5.26 17.05
CA PRO A 759 -8.53 6.25 16.02
C PRO A 759 -8.39 7.67 16.52
N LEU A 760 -8.82 7.94 17.75
CA LEU A 760 -8.59 9.26 18.35
C LEU A 760 -7.11 9.58 18.42
N GLY A 761 -6.24 8.57 18.39
CA GLY A 761 -4.82 8.78 18.48
C GLY A 761 -4.17 7.82 19.47
N PRO A 762 -2.86 7.92 19.62
CA PRO A 762 -2.17 7.06 20.58
C PRO A 762 -2.72 7.24 21.99
N LEU A 763 -2.80 6.13 22.73
CA LEU A 763 -3.32 6.12 24.08
C LEU A 763 -2.29 5.49 25.01
N VAL A 764 -2.11 6.09 26.17
CA VAL A 764 -1.24 5.53 27.20
C VAL A 764 -1.84 5.85 28.56
N PHE A 765 -2.17 4.81 29.31
CA PHE A 765 -2.73 4.92 30.65
C PHE A 765 -1.72 4.41 31.67
N SER A 766 -1.85 4.89 32.90
CA SER A 766 -0.92 4.53 33.95
C SER A 766 -1.58 4.72 35.30
N TYR A 767 -1.52 3.71 36.15
CA TYR A 767 -1.91 3.83 37.55
C TYR A 767 -0.70 3.51 38.42
N ALA A 768 -0.27 4.48 39.22
CA ALA A 768 0.89 4.35 40.07
C ALA A 768 0.54 4.75 41.49
N GLN A 769 1.32 4.25 42.44
CA GLN A 769 1.12 4.52 43.86
C GLN A 769 2.46 4.85 44.49
N PRO A 770 2.75 6.14 44.71
CA PRO A 770 4.00 6.50 45.39
C PRO A 770 4.01 6.05 46.83
N PHE A 771 5.03 5.25 47.18
CA PHE A 771 5.20 4.82 48.55
C PHE A 771 6.18 5.70 49.34
N LYS A 772 7.08 6.39 48.65
CA LYS A 772 7.99 7.33 49.29
C LYS A 772 7.75 8.71 48.69
N LYS A 773 7.36 9.66 49.54
CA LYS A 773 7.15 11.03 49.12
C LYS A 773 7.31 11.91 50.33
N TYR A 774 7.72 13.15 50.09
CA TYR A 774 8.09 14.08 51.15
C TYR A 774 7.09 15.22 51.21
N ASP A 775 7.17 15.98 52.30
CA ASP A 775 6.23 17.06 52.55
C ASP A 775 6.17 18.01 51.37
N GLY A 776 4.98 18.15 50.80
CA GLY A 776 4.72 19.08 49.72
C GLY A 776 4.43 18.43 48.39
N ASP A 777 4.90 17.21 48.17
CA ASP A 777 4.71 16.55 46.88
C ASP A 777 3.26 16.11 46.74
N LYS A 778 2.62 16.54 45.66
CA LYS A 778 1.22 16.24 45.40
C LYS A 778 1.10 15.03 44.51
N ALA A 779 0.21 14.12 44.88
CA ALA A 779 0.06 12.84 44.19
C ALA A 779 -1.07 12.91 43.18
N GLU A 780 -0.87 12.23 42.04
CA GLU A 780 -1.86 12.10 40.99
C GLU A 780 -1.70 10.70 40.40
N GLN A 781 -2.46 9.75 40.96
CA GLN A 781 -2.26 8.35 40.62
C GLN A 781 -2.60 8.06 39.17
N PHE A 782 -3.84 8.34 38.77
CA PHE A 782 -4.28 8.05 37.41
C PHE A 782 -3.82 9.13 36.45
N GLN A 783 -3.24 8.71 35.34
CA GLN A 783 -2.76 9.60 34.30
C GLN A 783 -3.03 8.99 32.94
N PHE A 784 -3.02 9.83 31.92
CA PHE A 784 -3.31 9.38 30.56
C PHE A 784 -2.95 10.50 29.59
N ASN A 785 -2.95 10.14 28.31
CA ASN A 785 -2.65 11.11 27.25
C ASN A 785 -3.16 10.57 25.92
N ILE A 786 -4.17 11.25 25.36
CA ILE A 786 -4.65 10.96 24.01
C ILE A 786 -3.95 11.96 23.09
N GLY A 787 -2.79 11.55 22.56
CA GLY A 787 -1.92 12.46 21.86
C GLY A 787 -2.30 12.68 20.42
N LYS A 788 -1.50 13.52 19.77
CA LYS A 788 -1.72 13.89 18.37
C LYS A 788 -0.90 12.99 17.44
N ASN B 5 -21.66 9.02 4.71
CA ASN B 5 -21.51 7.57 4.53
C ASN B 5 -22.84 6.86 4.74
N SER B 6 -23.26 6.09 3.73
CA SER B 6 -24.50 5.34 3.79
C SER B 6 -24.30 3.97 3.17
N GLU B 7 -25.21 3.07 3.50
CA GLU B 7 -25.16 1.68 3.05
C GLU B 7 -26.46 1.33 2.36
N GLU B 8 -26.36 0.72 1.18
CA GLU B 8 -27.53 0.39 0.38
C GLU B 8 -27.38 -1.03 -0.17
N ASP B 9 -28.53 -1.64 -0.47
CA ASP B 9 -28.58 -2.98 -1.03
C ASP B 9 -29.20 -2.93 -2.41
N VAL B 10 -28.61 -3.70 -3.34
CA VAL B 10 -29.16 -3.77 -4.70
C VAL B 10 -30.61 -4.24 -4.65
N VAL B 11 -30.84 -5.38 -4.00
CA VAL B 11 -32.16 -5.97 -3.90
C VAL B 11 -32.80 -5.54 -2.59
N LYS B 12 -34.03 -5.05 -2.66
CA LYS B 12 -34.74 -4.56 -1.49
C LYS B 12 -35.47 -5.70 -0.81
N MET B 13 -35.24 -5.86 0.49
CA MET B 13 -35.88 -6.92 1.24
C MET B 13 -37.40 -6.74 1.25
N SER B 14 -38.10 -7.86 1.29
CA SER B 14 -39.55 -7.84 1.24
C SER B 14 -40.12 -7.63 2.64
N PRO B 15 -41.34 -7.11 2.73
CA PRO B 15 -41.94 -6.86 4.04
C PRO B 15 -42.50 -8.15 4.65
N LEU B 16 -43.12 -7.98 5.82
CA LEU B 16 -43.73 -9.09 6.52
C LEU B 16 -45.19 -9.19 6.15
N PRO B 17 -45.66 -10.28 5.55
CA PRO B 17 -47.07 -10.39 5.18
C PRO B 17 -47.98 -10.20 6.37
N THR B 18 -49.27 -10.03 6.07
CA THR B 18 -50.32 -9.90 7.07
C THR B 18 -51.32 -11.01 6.84
N VAL B 19 -51.45 -11.92 7.81
CA VAL B 19 -52.21 -13.14 7.63
C VAL B 19 -53.12 -13.36 8.84
N GLU B 20 -54.25 -13.99 8.58
CA GLU B 20 -55.13 -14.48 9.64
C GLU B 20 -54.80 -15.94 9.91
N ASN B 21 -54.56 -16.26 11.18
CA ASN B 21 -54.16 -17.60 11.57
C ASN B 21 -55.39 -18.50 11.62
N GLN B 22 -55.56 -19.34 10.61
CA GLN B 22 -56.65 -20.31 10.63
C GLN B 22 -56.54 -21.21 11.85
N PHE B 23 -55.33 -21.45 12.33
CA PHE B 23 -55.08 -22.08 13.61
C PHE B 23 -53.99 -21.28 14.31
N THR B 24 -54.13 -21.11 15.62
CA THR B 24 -53.21 -20.29 16.37
C THR B 24 -52.06 -21.17 16.86
N PRO B 25 -50.83 -20.99 16.36
CA PRO B 25 -49.72 -21.79 16.85
C PRO B 25 -49.40 -21.51 18.31
N THR B 26 -48.41 -22.21 18.85
CA THR B 26 -48.05 -22.07 20.25
C THR B 26 -46.54 -22.30 20.38
N THR B 27 -46.09 -22.52 21.61
CA THR B 27 -44.69 -22.83 21.87
C THR B 27 -44.68 -23.78 23.08
N ALA B 28 -44.65 -25.08 22.80
CA ALA B 28 -44.80 -26.06 23.86
C ALA B 28 -43.70 -25.91 24.91
N TRP B 29 -42.49 -25.57 24.49
CA TRP B 29 -41.41 -25.32 25.43
C TRP B 29 -40.19 -24.80 24.67
N SER B 30 -39.24 -24.28 25.43
CA SER B 30 -38.00 -23.76 24.88
C SER B 30 -36.89 -23.90 25.91
N THR B 31 -35.75 -24.42 25.47
CA THR B 31 -34.54 -24.52 26.27
C THR B 31 -33.46 -23.68 25.64
N SER B 32 -32.45 -23.33 26.43
CA SER B 32 -31.36 -22.48 25.97
C SER B 32 -30.05 -23.26 25.94
N VAL B 33 -29.27 -23.02 24.90
CA VAL B 33 -27.93 -23.55 24.76
C VAL B 33 -26.98 -22.36 24.63
N GLY B 34 -25.71 -22.60 24.93
CA GLY B 34 -24.78 -21.51 25.09
C GLY B 34 -24.25 -20.90 23.81
N SER B 35 -24.76 -19.71 23.47
CA SER B 35 -24.17 -18.87 22.43
C SER B 35 -24.45 -19.38 21.02
N GLY B 36 -25.01 -20.58 20.91
CA GLY B 36 -25.34 -21.14 19.62
C GLY B 36 -24.21 -21.00 18.62
N ILE B 37 -24.58 -20.90 17.35
CA ILE B 37 -23.57 -20.76 16.29
C ILE B 37 -23.15 -19.30 16.15
N GLY B 38 -24.07 -18.37 16.33
CA GLY B 38 -23.76 -16.96 16.16
C GLY B 38 -24.08 -16.47 14.77
N ASN B 39 -23.26 -15.54 14.26
CA ASN B 39 -23.44 -14.99 12.93
C ASN B 39 -22.68 -15.79 11.87
N PHE B 40 -22.43 -17.06 12.13
CA PHE B 40 -21.72 -17.94 11.21
C PHE B 40 -22.70 -18.83 10.45
N TYR B 41 -22.28 -19.26 9.27
CA TYR B 41 -23.06 -20.18 8.46
C TYR B 41 -22.67 -21.61 8.85
N SER B 42 -23.65 -22.39 9.30
CA SER B 42 -23.39 -23.72 9.80
C SER B 42 -24.58 -24.62 9.53
N ASN B 43 -24.31 -25.93 9.48
CA ASN B 43 -25.33 -26.94 9.40
C ASN B 43 -25.84 -27.39 10.76
N LEU B 44 -25.11 -27.05 11.82
CA LEU B 44 -25.41 -27.51 13.16
C LEU B 44 -26.88 -27.31 13.50
N HIS B 45 -27.59 -28.42 13.71
CA HIS B 45 -29.02 -28.38 13.97
C HIS B 45 -29.34 -29.49 14.97
N PRO B 46 -30.55 -29.47 15.53
CA PRO B 46 -30.89 -30.48 16.54
C PRO B 46 -31.13 -31.87 15.97
N ALA B 47 -31.51 -32.80 16.84
CA ALA B 47 -31.85 -34.15 16.45
C ALA B 47 -32.90 -34.69 17.40
N LEU B 48 -33.35 -35.91 17.14
CA LEU B 48 -34.38 -36.54 17.96
C LEU B 48 -34.34 -38.03 17.73
N ALA B 49 -34.33 -38.81 18.81
CA ALA B 49 -34.36 -40.26 18.72
C ALA B 49 -34.81 -40.83 20.05
N ASP B 50 -35.96 -41.48 20.07
CA ASP B 50 -36.51 -42.11 21.28
C ASP B 50 -36.81 -41.06 22.36
N ASN B 51 -37.68 -40.12 22.00
CA ASN B 51 -38.20 -39.13 22.94
C ASN B 51 -37.08 -38.45 23.71
N VAL B 52 -36.00 -38.10 23.01
CA VAL B 52 -34.93 -37.31 23.59
C VAL B 52 -34.25 -36.54 22.48
N VAL B 53 -33.82 -35.32 22.80
CA VAL B 53 -33.36 -34.34 21.83
C VAL B 53 -31.92 -33.98 22.16
N TYR B 54 -31.03 -34.16 21.19
CA TYR B 54 -29.62 -33.85 21.36
C TYR B 54 -29.28 -32.64 20.52
N ALA B 55 -28.78 -31.60 21.18
CA ALA B 55 -28.41 -30.35 20.52
C ALA B 55 -27.01 -29.96 20.93
N ALA B 56 -26.46 -28.96 20.24
CA ALA B 56 -25.09 -28.54 20.48
C ALA B 56 -24.92 -27.09 20.08
N ASP B 57 -23.75 -26.54 20.43
CA ASP B 57 -23.39 -25.19 20.03
C ASP B 57 -22.04 -25.21 19.32
N ARG B 58 -21.47 -24.05 19.06
CA ARG B 58 -20.26 -23.95 18.27
C ARG B 58 -18.99 -23.95 19.10
N ALA B 59 -19.09 -23.67 20.40
CA ALA B 59 -17.89 -23.63 21.23
C ALA B 59 -17.46 -25.02 21.67
N GLY B 60 -18.40 -25.97 21.75
CA GLY B 60 -18.08 -27.32 22.14
C GLY B 60 -19.10 -27.94 23.07
N LEU B 61 -20.14 -27.18 23.41
CA LEU B 61 -21.15 -27.65 24.34
C LEU B 61 -22.17 -28.53 23.64
N VAL B 62 -22.57 -29.61 24.31
CA VAL B 62 -23.60 -30.51 23.81
C VAL B 62 -24.54 -30.83 24.96
N LYS B 63 -25.82 -30.94 24.65
CA LYS B 63 -26.86 -31.13 25.65
C LYS B 63 -27.86 -32.17 25.15
N ALA B 64 -28.43 -32.89 26.10
CA ALA B 64 -29.56 -33.77 25.86
C ALA B 64 -30.73 -33.28 26.71
N LEU B 65 -31.93 -33.35 26.13
CA LEU B 65 -33.12 -32.83 26.77
C LEU B 65 -34.27 -33.79 26.50
N ASN B 66 -35.29 -33.74 27.35
CA ASN B 66 -36.50 -34.51 27.11
C ASN B 66 -37.32 -33.85 26.02
N ALA B 67 -37.90 -34.65 25.14
CA ALA B 67 -38.72 -34.17 24.04
C ALA B 67 -40.15 -33.88 24.47
N ASP B 68 -40.43 -33.78 25.76
CA ASP B 68 -41.77 -33.54 26.27
C ASP B 68 -41.84 -32.31 27.16
N ASP B 69 -40.83 -32.06 27.98
CA ASP B 69 -40.80 -30.93 28.89
C ASP B 69 -39.61 -30.03 28.69
N GLY B 70 -38.43 -30.58 28.44
CA GLY B 70 -37.23 -29.80 28.23
C GLY B 70 -36.18 -30.04 29.28
N LYS B 71 -36.36 -31.08 30.09
CA LYS B 71 -35.46 -31.37 31.19
C LYS B 71 -34.15 -31.91 30.67
N GLU B 72 -33.04 -31.33 31.14
CA GLU B 72 -31.72 -31.73 30.69
C GLU B 72 -31.31 -33.03 31.36
N ILE B 73 -31.02 -34.06 30.56
CA ILE B 73 -30.55 -35.32 31.10
C ILE B 73 -29.05 -35.29 31.35
N TRP B 74 -28.30 -34.72 30.42
CA TRP B 74 -26.86 -34.55 30.62
C TRP B 74 -26.36 -33.44 29.71
N SER B 75 -25.15 -32.98 30.00
CA SER B 75 -24.50 -31.92 29.25
C SER B 75 -23.00 -32.10 29.37
N VAL B 76 -22.29 -31.81 28.28
CA VAL B 76 -20.85 -32.05 28.26
C VAL B 76 -20.21 -31.12 27.23
N SER B 77 -19.03 -30.62 27.57
CA SER B 77 -18.26 -29.75 26.69
C SER B 77 -17.10 -30.52 26.08
N LEU B 78 -16.61 -30.00 24.95
CA LEU B 78 -15.53 -30.63 24.20
C LEU B 78 -14.39 -29.66 23.92
N ALA B 79 -14.40 -28.48 24.55
CA ALA B 79 -13.32 -27.52 24.37
C ALA B 79 -12.22 -27.81 25.38
N GLU B 80 -11.03 -28.11 24.89
CA GLU B 80 -9.92 -28.45 25.77
C GLU B 80 -9.39 -27.17 26.44
N LYS B 81 -9.21 -27.23 27.75
CA LYS B 81 -8.74 -26.10 28.54
C LYS B 81 -7.35 -26.40 29.07
N ASP B 82 -6.40 -25.52 28.77
CA ASP B 82 -5.03 -25.65 29.28
C ASP B 82 -4.95 -25.05 30.69
N GLY B 83 -5.73 -25.64 31.59
CA GLY B 83 -5.84 -25.15 32.95
C GLY B 83 -7.18 -24.48 33.20
N TRP B 84 -7.21 -23.54 34.14
CA TRP B 84 -8.42 -22.81 34.46
C TRP B 84 -8.56 -21.51 33.67
N PHE B 85 -7.52 -21.09 32.96
CA PHE B 85 -7.51 -19.82 32.25
C PHE B 85 -7.78 -19.99 30.76
N SER B 86 -6.95 -20.77 30.07
CA SER B 86 -7.07 -20.91 28.63
C SER B 86 -8.17 -21.89 28.25
N LYS B 87 -8.82 -21.61 27.12
CA LYS B 87 -9.90 -22.46 26.64
C LYS B 87 -10.08 -22.22 25.15
N GLU B 88 -9.79 -23.24 24.33
CA GLU B 88 -9.94 -23.15 22.88
C GLU B 88 -11.23 -23.84 22.45
N PRO B 89 -12.09 -23.20 21.68
CA PRO B 89 -13.34 -23.86 21.28
C PRO B 89 -13.08 -25.03 20.35
N ALA B 90 -14.14 -25.81 20.13
CA ALA B 90 -14.09 -26.94 19.22
C ALA B 90 -14.60 -26.61 17.82
N LEU B 91 -15.39 -25.54 17.69
CA LEU B 91 -15.91 -25.11 16.39
C LEU B 91 -16.71 -26.22 15.71
N LEU B 92 -17.81 -26.60 16.37
CA LEU B 92 -18.71 -27.59 15.81
C LEU B 92 -19.46 -27.01 14.62
N SER B 93 -19.52 -27.78 13.53
CA SER B 93 -20.22 -27.35 12.33
C SER B 93 -21.00 -28.46 11.64
N GLY B 94 -21.05 -29.66 12.21
CA GLY B 94 -21.72 -30.78 11.60
C GLY B 94 -23.01 -31.12 12.31
N GLY B 95 -24.07 -31.26 11.53
CA GLY B 95 -25.38 -31.55 12.08
C GLY B 95 -25.38 -32.75 12.99
N VAL B 96 -25.99 -32.58 14.17
CA VAL B 96 -26.04 -33.67 15.14
C VAL B 96 -26.76 -34.85 14.54
N THR B 97 -26.10 -36.00 14.54
CA THR B 97 -26.63 -37.23 13.97
C THR B 97 -26.56 -38.32 15.02
N VAL B 98 -27.69 -38.99 15.25
CA VAL B 98 -27.80 -40.02 16.27
C VAL B 98 -28.30 -41.29 15.61
N SER B 99 -27.55 -42.38 15.78
CA SER B 99 -27.98 -43.67 15.26
C SER B 99 -27.25 -44.76 16.02
N GLY B 100 -27.99 -45.53 16.81
CA GLY B 100 -27.45 -46.71 17.46
C GLY B 100 -26.64 -46.41 18.70
N GLY B 101 -27.25 -45.74 19.66
CA GLY B 101 -26.56 -45.42 20.90
C GLY B 101 -25.27 -44.66 20.71
N HIS B 102 -25.20 -43.85 19.67
CA HIS B 102 -24.03 -43.01 19.42
C HIS B 102 -24.51 -41.67 18.86
N VAL B 103 -23.69 -40.64 19.06
CA VAL B 103 -24.00 -39.28 18.63
C VAL B 103 -22.78 -38.76 17.89
N TYR B 104 -22.92 -38.54 16.59
CA TYR B 104 -21.81 -38.15 15.72
C TYR B 104 -21.88 -36.67 15.43
N ILE B 105 -20.74 -35.98 15.60
CA ILE B 105 -20.65 -34.55 15.36
C ILE B 105 -19.34 -34.25 14.66
N GLY B 106 -19.34 -33.18 13.87
CA GLY B 106 -18.17 -32.72 13.15
C GLY B 106 -17.71 -31.36 13.65
N SER B 107 -16.49 -31.02 13.24
CA SER B 107 -15.84 -29.81 13.71
C SER B 107 -15.07 -29.15 12.58
N GLU B 108 -14.81 -27.85 12.75
CA GLU B 108 -14.03 -27.09 11.79
C GLU B 108 -12.54 -27.35 11.91
N LYS B 109 -12.11 -28.05 12.96
CA LYS B 109 -10.71 -28.40 13.16
C LYS B 109 -10.37 -29.76 12.58
N ALA B 110 -11.23 -30.30 11.71
CA ALA B 110 -11.04 -31.61 11.11
C ALA B 110 -11.04 -32.71 12.17
N GLN B 111 -11.99 -32.63 13.09
CA GLN B 111 -12.16 -33.61 14.15
C GLN B 111 -13.62 -34.04 14.19
N VAL B 112 -13.83 -35.35 14.25
CA VAL B 112 -15.16 -35.93 14.29
C VAL B 112 -15.29 -36.71 15.60
N TYR B 113 -16.31 -36.38 16.38
CA TYR B 113 -16.54 -37.01 17.67
C TYR B 113 -17.74 -37.94 17.57
N ALA B 114 -17.67 -39.05 18.30
CA ALA B 114 -18.79 -39.97 18.44
C ALA B 114 -18.94 -40.26 19.93
N LEU B 115 -20.01 -39.72 20.51
CA LEU B 115 -20.30 -39.87 21.91
C LEU B 115 -21.37 -40.95 22.12
N ASN B 116 -21.64 -41.22 23.38
CA ASN B 116 -22.70 -42.14 23.78
C ASN B 116 -23.93 -41.35 24.20
N THR B 117 -25.10 -41.96 24.03
CA THR B 117 -26.35 -41.29 24.36
C THR B 117 -26.62 -41.22 25.85
N SER B 118 -25.93 -42.05 26.64
CA SER B 118 -26.26 -42.19 28.06
C SER B 118 -25.62 -41.08 28.90
N ASP B 119 -24.29 -41.01 28.87
CA ASP B 119 -23.55 -40.12 29.76
C ASP B 119 -22.85 -38.99 29.03
N GLY B 120 -22.71 -39.07 27.71
CA GLY B 120 -21.98 -38.07 26.96
C GLY B 120 -20.50 -38.32 26.87
N THR B 121 -20.05 -39.55 27.06
CA THR B 121 -18.64 -39.87 27.05
C THR B 121 -18.22 -40.27 25.65
N VAL B 122 -17.08 -39.76 25.21
CA VAL B 122 -16.65 -39.96 23.83
C VAL B 122 -16.39 -41.43 23.60
N ALA B 123 -17.22 -42.05 22.76
CA ALA B 123 -16.93 -43.40 22.32
C ALA B 123 -15.72 -43.44 21.40
N TRP B 124 -15.52 -42.39 20.61
CA TRP B 124 -14.26 -42.25 19.88
C TRP B 124 -14.18 -40.85 19.26
N GLN B 125 -13.02 -40.56 18.71
CA GLN B 125 -12.72 -39.28 18.08
C GLN B 125 -11.69 -39.53 17.00
N THR B 126 -11.81 -38.81 15.89
CA THR B 126 -10.99 -39.10 14.73
C THR B 126 -10.63 -37.81 13.99
N LYS B 127 -9.43 -37.80 13.42
CA LYS B 127 -8.97 -36.71 12.57
C LYS B 127 -9.30 -37.02 11.12
N VAL B 128 -9.73 -36.00 10.38
CA VAL B 128 -10.12 -36.12 8.99
C VAL B 128 -9.30 -35.13 8.18
N ALA B 129 -9.57 -35.11 6.88
CA ALA B 129 -8.78 -34.29 5.96
C ALA B 129 -8.96 -32.80 6.25
N GLY B 130 -10.19 -32.31 6.14
CA GLY B 130 -10.46 -30.90 6.32
C GLY B 130 -11.67 -30.62 7.19
N GLU B 131 -12.17 -29.39 7.11
CA GLU B 131 -13.31 -28.98 7.91
C GLU B 131 -14.51 -29.86 7.58
N ALA B 132 -15.07 -30.48 8.61
CA ALA B 132 -16.26 -31.33 8.47
C ALA B 132 -17.48 -30.43 8.57
N LEU B 133 -18.01 -30.04 7.41
CA LEU B 133 -19.15 -29.13 7.34
C LEU B 133 -20.45 -29.83 6.99
N SER B 134 -20.46 -31.15 6.89
CA SER B 134 -21.61 -31.90 6.43
C SER B 134 -22.20 -32.72 7.57
N ARG B 135 -23.44 -33.11 7.38
CA ARG B 135 -24.11 -34.00 8.31
C ARG B 135 -23.46 -35.37 8.25
N PRO B 136 -22.97 -35.91 9.37
CA PRO B 136 -22.28 -37.20 9.31
C PRO B 136 -23.20 -38.36 9.02
N VAL B 137 -23.49 -38.58 7.74
CA VAL B 137 -24.47 -39.61 7.38
C VAL B 137 -24.02 -40.95 7.94
N VAL B 138 -25.00 -41.81 8.26
CA VAL B 138 -24.73 -43.11 8.85
C VAL B 138 -25.40 -44.16 8.00
N SER B 139 -24.64 -45.17 7.59
CA SER B 139 -25.18 -46.23 6.74
C SER B 139 -24.19 -47.38 6.64
N ASP B 140 -24.71 -48.60 6.76
CA ASP B 140 -23.93 -49.81 6.49
C ASP B 140 -22.69 -49.88 7.38
N GLY B 141 -22.90 -49.70 8.67
CA GLY B 141 -21.81 -49.71 9.62
C GLY B 141 -20.70 -48.74 9.23
N LEU B 142 -21.08 -47.65 8.60
CA LEU B 142 -20.13 -46.64 8.15
C LEU B 142 -20.69 -45.26 8.43
N VAL B 143 -19.80 -44.28 8.47
CA VAL B 143 -20.13 -42.89 8.73
C VAL B 143 -19.52 -42.07 7.60
N LEU B 144 -20.36 -41.53 6.74
CA LEU B 144 -19.92 -40.74 5.61
C LEU B 144 -19.78 -39.28 6.02
N ILE B 145 -18.62 -38.70 5.72
CA ILE B 145 -18.31 -37.31 6.01
C ILE B 145 -17.81 -36.65 4.73
N HIS B 146 -18.19 -35.39 4.54
CA HIS B 146 -17.83 -34.62 3.36
C HIS B 146 -17.12 -33.36 3.82
N THR B 147 -15.84 -33.23 3.46
CA THR B 147 -14.98 -32.17 3.95
C THR B 147 -14.89 -31.05 2.93
N SER B 148 -14.53 -29.86 3.43
CA SER B 148 -14.44 -28.68 2.57
C SER B 148 -13.38 -28.80 1.50
N ASN B 149 -12.37 -29.66 1.70
CA ASN B 149 -11.33 -29.85 0.71
C ASN B 149 -11.82 -30.59 -0.53
N GLY B 150 -13.01 -31.19 -0.46
CA GLY B 150 -13.51 -32.00 -1.55
C GLY B 150 -13.35 -33.49 -1.33
N GLN B 151 -12.94 -33.92 -0.15
CA GLN B 151 -12.66 -35.32 0.13
C GLN B 151 -13.84 -35.93 0.89
N LEU B 152 -14.44 -36.94 0.31
CA LEU B 152 -15.51 -37.70 0.96
C LEU B 152 -14.88 -38.92 1.62
N GLN B 153 -14.99 -39.00 2.95
CA GLN B 153 -14.38 -40.07 3.72
C GLN B 153 -15.45 -40.93 4.37
N ALA B 154 -15.09 -42.19 4.64
CA ALA B 154 -15.98 -43.12 5.32
C ALA B 154 -15.29 -43.69 6.55
N LEU B 155 -15.67 -43.22 7.72
CA LEU B 155 -15.21 -43.78 8.97
C LEU B 155 -16.08 -44.97 9.36
N ASN B 156 -15.68 -45.64 10.42
CA ASN B 156 -16.45 -46.74 10.98
C ASN B 156 -17.24 -46.25 12.18
N GLU B 157 -18.22 -47.06 12.58
CA GLU B 157 -19.15 -46.65 13.63
C GLU B 157 -18.58 -46.90 15.02
N ALA B 158 -18.06 -48.10 15.26
CA ALA B 158 -17.64 -48.52 16.59
C ALA B 158 -16.20 -48.15 16.90
N ASP B 159 -15.34 -48.02 15.89
CA ASP B 159 -13.93 -47.76 16.09
C ASP B 159 -13.55 -46.33 15.76
N GLY B 160 -13.82 -45.88 14.54
CA GLY B 160 -13.40 -44.57 14.08
C GLY B 160 -12.37 -44.59 12.98
N ALA B 161 -12.01 -45.76 12.48
CA ALA B 161 -10.92 -45.88 11.52
C ALA B 161 -11.39 -45.51 10.12
N VAL B 162 -10.65 -44.60 9.48
CA VAL B 162 -10.96 -44.21 8.11
C VAL B 162 -10.82 -45.43 7.21
N LYS B 163 -11.93 -45.84 6.61
CA LYS B 163 -11.94 -47.00 5.74
C LYS B 163 -11.56 -46.66 4.31
N TRP B 164 -12.04 -45.52 3.80
CA TRP B 164 -11.68 -45.10 2.45
C TRP B 164 -12.00 -43.62 2.26
N THR B 165 -11.45 -43.07 1.18
CA THR B 165 -11.57 -41.67 0.85
C THR B 165 -11.70 -41.53 -0.67
N VAL B 166 -12.38 -40.46 -1.08
CA VAL B 166 -12.59 -40.14 -2.48
C VAL B 166 -12.32 -38.67 -2.69
N ASN B 167 -11.49 -38.34 -3.68
CA ASN B 167 -11.05 -36.98 -3.92
C ASN B 167 -11.89 -36.37 -5.03
N LEU B 168 -12.84 -35.52 -4.64
CA LEU B 168 -13.65 -34.76 -5.59
C LEU B 168 -12.97 -33.43 -5.89
N ASP B 169 -13.10 -32.98 -7.13
CA ASP B 169 -12.45 -31.75 -7.55
C ASP B 169 -13.17 -30.54 -6.98
N MET B 170 -12.39 -29.55 -6.54
CA MET B 170 -12.93 -28.34 -5.96
C MET B 170 -12.41 -27.12 -6.71
N PRO B 171 -13.25 -26.12 -6.98
CA PRO B 171 -12.77 -24.92 -7.68
C PRO B 171 -12.12 -23.91 -6.75
N SER B 172 -11.79 -22.74 -7.31
CA SER B 172 -11.17 -21.69 -6.52
C SER B 172 -12.17 -21.06 -5.56
N LEU B 173 -13.26 -20.51 -6.10
CA LEU B 173 -14.30 -19.86 -5.32
C LEU B 173 -15.54 -20.75 -5.31
N SER B 174 -16.16 -20.87 -4.14
CA SER B 174 -17.32 -21.72 -3.97
C SER B 174 -18.19 -21.12 -2.86
N LEU B 175 -19.17 -21.91 -2.42
CA LEU B 175 -20.05 -21.52 -1.33
C LEU B 175 -19.63 -22.25 -0.05
N ARG B 176 -20.11 -21.73 1.08
CA ARG B 176 -19.78 -22.29 2.39
C ARG B 176 -20.82 -23.34 2.73
N GLY B 177 -20.52 -24.58 2.35
CA GLY B 177 -21.41 -25.69 2.61
C GLY B 177 -21.13 -26.87 1.72
N GLU B 178 -21.25 -28.07 2.26
CA GLU B 178 -20.97 -29.30 1.55
C GLU B 178 -22.17 -30.23 1.63
N SER B 179 -22.32 -31.06 0.61
CA SER B 179 -23.47 -31.94 0.49
C SER B 179 -23.32 -33.16 1.39
N ALA B 180 -24.42 -33.55 2.01
CA ALA B 180 -24.47 -34.78 2.77
C ALA B 180 -24.97 -35.91 1.88
N PRO B 181 -24.17 -36.95 1.62
CA PRO B 181 -24.61 -37.99 0.70
C PRO B 181 -25.93 -38.62 1.11
N THR B 182 -26.48 -39.40 0.19
CA THR B 182 -27.64 -40.23 0.42
C THR B 182 -27.34 -41.63 -0.07
N THR B 183 -27.68 -42.63 0.72
CA THR B 183 -27.37 -44.02 0.41
C THR B 183 -28.62 -44.72 -0.12
N ALA B 184 -28.41 -45.56 -1.14
CA ALA B 184 -29.50 -46.26 -1.79
C ALA B 184 -28.93 -47.48 -2.50
N PHE B 185 -29.53 -48.64 -2.28
CA PHE B 185 -29.15 -49.88 -2.95
C PHE B 185 -27.63 -50.06 -2.95
N GLY B 186 -27.04 -49.92 -1.77
CA GLY B 186 -25.60 -50.13 -1.63
C GLY B 186 -24.74 -49.20 -2.45
N ALA B 187 -25.15 -47.94 -2.58
CA ALA B 187 -24.33 -46.94 -3.25
C ALA B 187 -24.68 -45.56 -2.72
N ALA B 188 -23.68 -44.71 -2.60
CA ALA B 188 -23.83 -43.38 -2.04
C ALA B 188 -23.75 -42.35 -3.15
N VAL B 189 -24.77 -41.50 -3.23
CA VAL B 189 -24.83 -40.39 -4.18
C VAL B 189 -24.57 -39.11 -3.43
N VAL B 190 -23.72 -38.25 -3.99
CA VAL B 190 -23.26 -37.03 -3.34
C VAL B 190 -23.03 -35.99 -4.42
N GLY B 191 -22.80 -34.75 -3.99
CA GLY B 191 -22.51 -33.68 -4.92
C GLY B 191 -21.39 -32.81 -4.38
N GLY B 192 -20.79 -32.04 -5.28
CA GLY B 192 -19.65 -31.22 -4.95
C GLY B 192 -19.79 -29.81 -5.50
N ASP B 193 -18.90 -28.94 -5.04
CA ASP B 193 -18.90 -27.54 -5.44
C ASP B 193 -18.44 -27.34 -6.88
N ASN B 194 -18.16 -28.41 -7.61
CA ASN B 194 -17.80 -28.31 -9.02
C ASN B 194 -19.02 -28.32 -9.93
N GLY B 195 -20.16 -28.79 -9.45
CA GLY B 195 -21.37 -28.86 -10.25
C GLY B 195 -21.62 -30.25 -10.78
N ARG B 196 -21.25 -31.27 -10.01
CA ARG B 196 -21.31 -32.64 -10.45
C ARG B 196 -21.91 -33.52 -9.38
N VAL B 197 -22.85 -34.37 -9.78
CA VAL B 197 -23.38 -35.42 -8.92
C VAL B 197 -22.58 -36.69 -9.19
N SER B 198 -22.15 -37.34 -8.11
CA SER B 198 -21.25 -38.47 -8.20
C SER B 198 -21.76 -39.62 -7.36
N ALA B 199 -21.62 -40.84 -7.87
CA ALA B 199 -22.00 -42.04 -7.15
C ALA B 199 -20.76 -42.87 -6.83
N VAL B 200 -20.79 -43.55 -5.70
CA VAL B 200 -19.65 -44.33 -5.23
C VAL B 200 -20.17 -45.54 -4.47
N LEU B 201 -19.55 -46.69 -4.72
CA LEU B 201 -19.86 -47.87 -3.93
C LEU B 201 -19.35 -47.71 -2.50
N MET B 202 -20.17 -48.15 -1.54
CA MET B 202 -19.83 -47.93 -0.14
C MET B 202 -18.66 -48.79 0.32
N GLU B 203 -18.51 -49.98 -0.26
CA GLU B 203 -17.50 -50.93 0.24
C GLU B 203 -16.10 -50.35 0.10
N GLN B 204 -15.70 -49.97 -1.11
CA GLN B 204 -14.35 -49.51 -1.38
C GLN B 204 -14.29 -48.04 -1.81
N GLY B 205 -15.23 -47.58 -2.62
CA GLY B 205 -15.24 -46.19 -3.06
C GLY B 205 -15.10 -46.05 -4.56
N GLN B 206 -15.33 -47.14 -5.29
CA GLN B 206 -15.22 -47.09 -6.74
C GLN B 206 -16.31 -46.20 -7.31
N MET B 207 -15.90 -45.18 -8.07
CA MET B 207 -16.83 -44.24 -8.67
C MET B 207 -17.66 -44.94 -9.73
N ILE B 208 -18.96 -45.10 -9.48
CA ILE B 208 -19.85 -45.68 -10.48
C ILE B 208 -20.02 -44.72 -11.65
N TRP B 209 -20.42 -43.49 -11.36
CA TRP B 209 -20.61 -42.51 -12.43
C TRP B 209 -20.57 -41.11 -11.86
N GLN B 210 -20.53 -40.15 -12.77
CA GLN B 210 -20.51 -38.73 -12.46
C GLN B 210 -21.20 -37.99 -13.59
N GLN B 211 -22.07 -37.06 -13.24
CA GLN B 211 -22.79 -36.25 -14.22
C GLN B 211 -22.73 -34.79 -13.81
N ARG B 212 -22.82 -33.91 -14.80
CA ARG B 212 -22.77 -32.47 -14.60
C ARG B 212 -24.17 -31.90 -14.82
N ILE B 213 -24.75 -31.31 -13.78
CA ILE B 213 -26.12 -30.83 -13.82
C ILE B 213 -26.14 -29.32 -13.67
N SER B 214 -25.05 -28.66 -14.07
CA SER B 214 -24.96 -27.22 -13.96
C SER B 214 -25.63 -26.57 -15.16
N GLN B 215 -25.42 -25.28 -15.34
CA GLN B 215 -26.06 -24.52 -16.40
C GLN B 215 -25.05 -23.61 -17.10
N ARG B 224 -17.47 -15.39 -13.33
CA ARG B 224 -17.33 -16.32 -12.22
C ARG B 224 -18.70 -16.79 -11.73
N LEU B 225 -19.16 -17.92 -12.26
CA LEU B 225 -20.45 -18.50 -11.91
C LEU B 225 -20.23 -19.84 -11.23
N SER B 226 -20.96 -20.08 -10.15
CA SER B 226 -20.72 -21.22 -9.28
C SER B 226 -21.90 -22.19 -9.34
N ASP B 227 -21.73 -23.34 -8.69
CA ASP B 227 -22.75 -24.38 -8.64
C ASP B 227 -22.41 -25.36 -7.52
N VAL B 228 -23.42 -25.76 -6.77
CA VAL B 228 -23.27 -26.65 -5.62
C VAL B 228 -24.56 -27.43 -5.44
N ASP B 229 -24.45 -28.75 -5.29
CA ASP B 229 -25.60 -29.65 -5.30
C ASP B 229 -26.32 -29.71 -3.96
N THR B 230 -25.60 -30.00 -2.88
CA THR B 230 -26.17 -29.92 -1.53
C THR B 230 -27.34 -30.91 -1.33
N THR B 231 -26.96 -32.19 -1.22
CA THR B 231 -27.83 -33.24 -0.70
C THR B 231 -29.01 -33.62 -1.59
N PRO B 232 -28.78 -34.33 -2.68
CA PRO B 232 -29.89 -34.84 -3.49
C PRO B 232 -30.76 -35.85 -2.74
N VAL B 233 -31.79 -36.35 -3.40
CA VAL B 233 -32.72 -37.32 -2.83
C VAL B 233 -32.94 -38.42 -3.86
N VAL B 234 -33.55 -39.52 -3.42
CA VAL B 234 -33.76 -40.69 -4.27
C VAL B 234 -35.15 -41.26 -4.00
N VAL B 235 -35.84 -41.62 -5.09
CA VAL B 235 -37.15 -42.27 -4.99
C VAL B 235 -37.32 -43.21 -6.17
N ASN B 236 -37.68 -44.46 -5.89
CA ASN B 236 -38.00 -45.47 -6.90
C ASN B 236 -37.02 -45.42 -8.08
N GLY B 237 -35.74 -45.60 -7.75
CA GLY B 237 -34.73 -45.71 -8.78
C GLY B 237 -34.54 -44.45 -9.60
N VAL B 238 -34.83 -43.29 -9.02
CA VAL B 238 -34.62 -42.01 -9.70
C VAL B 238 -34.04 -41.03 -8.69
N VAL B 239 -32.94 -40.39 -9.07
CA VAL B 239 -32.27 -39.42 -8.23
C VAL B 239 -32.72 -38.03 -8.62
N PHE B 240 -32.86 -37.15 -7.63
CA PHE B 240 -33.25 -35.78 -7.84
C PHE B 240 -32.18 -34.88 -7.23
N ALA B 241 -31.64 -33.98 -8.05
CA ALA B 241 -30.57 -33.10 -7.61
C ALA B 241 -30.89 -31.67 -7.98
N LEU B 242 -30.27 -30.74 -7.27
CA LEU B 242 -30.57 -29.32 -7.39
C LEU B 242 -29.30 -28.54 -7.11
N ALA B 243 -29.02 -27.54 -7.95
CA ALA B 243 -27.79 -26.78 -7.89
C ALA B 243 -28.10 -25.31 -7.64
N TYR B 244 -27.03 -24.53 -7.49
CA TYR B 244 -27.12 -23.11 -7.22
C TYR B 244 -26.83 -22.35 -8.50
N ASN B 245 -27.75 -21.48 -8.92
CA ASN B 245 -27.60 -20.77 -10.18
C ASN B 245 -27.50 -21.76 -11.33
N GLY B 246 -28.29 -22.81 -11.26
CA GLY B 246 -28.21 -23.92 -12.19
C GLY B 246 -29.56 -24.52 -12.41
N ASN B 247 -29.58 -25.84 -12.63
CA ASN B 247 -30.78 -26.54 -13.05
C ASN B 247 -31.09 -27.67 -12.09
N LEU B 248 -32.34 -27.73 -11.63
CA LEU B 248 -32.84 -28.93 -11.00
C LEU B 248 -32.94 -30.03 -12.04
N THR B 249 -32.58 -31.25 -11.65
CA THR B 249 -32.46 -32.35 -12.60
C THR B 249 -32.93 -33.64 -11.97
N ALA B 250 -33.47 -34.52 -12.83
CA ALA B 250 -33.76 -35.90 -12.47
C ALA B 250 -32.82 -36.80 -13.26
N LEU B 251 -32.28 -37.80 -12.60
CA LEU B 251 -31.29 -38.69 -13.19
C LEU B 251 -31.66 -40.14 -12.91
N ASP B 252 -31.22 -41.02 -13.79
CA ASP B 252 -31.36 -42.44 -13.56
C ASP B 252 -30.35 -42.89 -12.52
N LEU B 253 -30.79 -43.73 -11.60
CA LEU B 253 -29.97 -44.14 -10.46
C LEU B 253 -28.78 -44.99 -10.87
N ARG B 254 -28.75 -45.49 -12.10
CA ARG B 254 -27.76 -46.48 -12.51
C ARG B 254 -26.86 -46.03 -13.66
N SER B 255 -27.21 -44.97 -14.39
CA SER B 255 -26.44 -44.59 -15.56
C SER B 255 -26.11 -43.10 -15.57
N GLY B 256 -26.94 -42.28 -14.94
CA GLY B 256 -26.76 -40.85 -14.95
C GLY B 256 -27.40 -40.13 -16.11
N GLN B 257 -28.39 -40.73 -16.76
CA GLN B 257 -29.04 -40.13 -17.93
C GLN B 257 -30.09 -39.14 -17.45
N ILE B 258 -29.81 -37.86 -17.66
CA ILE B 258 -30.76 -36.81 -17.33
C ILE B 258 -32.09 -37.11 -18.00
N MET B 259 -33.14 -37.33 -17.20
CA MET B 259 -34.46 -37.58 -17.74
C MET B 259 -35.26 -36.30 -17.93
N TRP B 260 -35.03 -35.30 -17.08
CA TRP B 260 -35.60 -33.98 -17.33
C TRP B 260 -34.91 -32.96 -16.42
N LYS B 261 -35.04 -31.70 -16.80
CA LYS B 261 -34.38 -30.59 -16.13
C LYS B 261 -35.36 -29.44 -15.95
N ARG B 262 -34.89 -28.42 -15.22
CA ARG B 262 -35.66 -27.19 -15.06
C ARG B 262 -34.75 -26.11 -14.49
N GLU B 263 -34.72 -24.95 -15.12
CA GLU B 263 -33.76 -23.90 -14.79
C GLU B 263 -34.23 -23.16 -13.54
N LEU B 264 -33.75 -23.62 -12.40
CA LEU B 264 -33.96 -22.95 -11.12
C LEU B 264 -33.07 -23.64 -10.09
N GLY B 265 -32.50 -22.85 -9.18
CA GLY B 265 -31.48 -23.35 -8.29
C GLY B 265 -31.75 -23.00 -6.84
N SER B 266 -31.07 -23.74 -5.96
CA SER B 266 -31.17 -23.54 -4.53
C SER B 266 -30.16 -24.45 -3.84
N VAL B 267 -29.67 -24.00 -2.69
CA VAL B 267 -28.75 -24.80 -1.89
C VAL B 267 -29.51 -25.44 -0.74
N ASN B 268 -30.56 -24.78 -0.26
CA ASN B 268 -31.33 -25.33 0.83
C ASN B 268 -32.14 -26.53 0.34
N ASP B 269 -32.23 -27.55 1.18
CA ASP B 269 -32.81 -28.82 0.79
C ASP B 269 -34.27 -28.66 0.38
N PHE B 270 -34.82 -29.76 -0.13
CA PHE B 270 -36.20 -29.81 -0.59
C PHE B 270 -36.82 -31.12 -0.16
N ILE B 271 -38.12 -31.25 -0.39
CA ILE B 271 -38.86 -32.44 0.04
C ILE B 271 -39.66 -32.97 -1.13
N VAL B 272 -39.88 -34.29 -1.11
CA VAL B 272 -40.64 -35.00 -2.13
C VAL B 272 -41.72 -35.80 -1.42
N ASP B 273 -42.98 -35.52 -1.74
CA ASP B 273 -44.09 -36.23 -1.14
C ASP B 273 -45.12 -36.56 -2.22
N GLY B 274 -45.53 -37.82 -2.27
CA GLY B 274 -46.48 -38.26 -3.28
C GLY B 274 -45.94 -38.04 -4.68
N ASN B 275 -46.54 -37.08 -5.38
CA ASN B 275 -46.09 -36.67 -6.70
C ASN B 275 -45.85 -35.17 -6.73
N ARG B 276 -45.21 -34.65 -5.69
CA ARG B 276 -44.99 -33.22 -5.55
C ARG B 276 -43.62 -32.97 -4.93
N ILE B 277 -42.87 -32.06 -5.55
CA ILE B 277 -41.54 -31.67 -5.10
C ILE B 277 -41.66 -30.24 -4.59
N TYR B 278 -41.61 -30.08 -3.27
CA TYR B 278 -41.66 -28.78 -2.64
C TYR B 278 -40.23 -28.30 -2.38
N LEU B 279 -39.90 -27.12 -2.90
CA LEU B 279 -38.55 -26.58 -2.76
C LEU B 279 -38.61 -25.07 -2.54
N VAL B 280 -37.44 -24.50 -2.26
CA VAL B 280 -37.28 -23.10 -1.93
C VAL B 280 -36.09 -22.57 -2.72
N ASP B 281 -36.36 -21.66 -3.66
CA ASP B 281 -35.30 -21.12 -4.49
C ASP B 281 -34.30 -20.33 -3.66
N GLN B 282 -33.24 -19.89 -4.33
CA GLN B 282 -32.25 -19.05 -3.67
C GLN B 282 -32.78 -17.65 -3.43
N ASN B 283 -33.72 -17.21 -4.26
CA ASN B 283 -34.44 -15.96 -4.05
C ASN B 283 -35.65 -16.12 -3.14
N ASP B 284 -35.81 -17.30 -2.54
CA ASP B 284 -36.87 -17.56 -1.57
C ASP B 284 -38.25 -17.53 -2.22
N ARG B 285 -38.41 -18.32 -3.27
CA ARG B 285 -39.69 -18.56 -3.92
C ARG B 285 -40.10 -20.00 -3.62
N VAL B 286 -41.03 -20.18 -2.70
CA VAL B 286 -41.51 -21.52 -2.36
C VAL B 286 -42.32 -22.07 -3.51
N MET B 287 -41.88 -23.18 -4.07
CA MET B 287 -42.49 -23.77 -5.25
C MET B 287 -42.83 -25.23 -5.01
N ALA B 288 -43.76 -25.73 -5.83
CA ALA B 288 -44.20 -27.13 -5.76
C ALA B 288 -44.32 -27.64 -7.19
N LEU B 289 -43.26 -28.26 -7.67
CA LEU B 289 -43.28 -28.88 -8.99
C LEU B 289 -43.90 -30.27 -8.91
N THR B 290 -44.22 -30.81 -10.09
CA THR B 290 -44.58 -32.22 -10.17
C THR B 290 -43.31 -33.05 -10.25
N ILE B 291 -43.49 -34.37 -10.31
CA ILE B 291 -42.38 -35.32 -10.21
C ILE B 291 -42.07 -36.01 -11.52
N ASP B 292 -42.90 -35.83 -12.55
CA ASP B 292 -42.70 -36.53 -13.82
C ASP B 292 -42.08 -35.65 -14.89
N GLY B 293 -42.34 -34.35 -14.89
CA GLY B 293 -41.81 -33.48 -15.93
C GLY B 293 -41.35 -32.12 -15.45
N GLY B 294 -41.49 -31.86 -14.15
CA GLY B 294 -41.10 -30.55 -13.63
C GLY B 294 -42.14 -29.48 -13.81
N VAL B 295 -43.41 -29.85 -13.94
CA VAL B 295 -44.46 -28.86 -14.13
C VAL B 295 -44.73 -28.13 -12.82
N THR B 296 -44.81 -26.82 -12.88
CA THR B 296 -45.11 -26.02 -11.71
C THR B 296 -46.60 -25.97 -11.45
N LEU B 297 -46.97 -26.09 -10.17
CA LEU B 297 -48.37 -26.10 -9.75
C LEU B 297 -48.78 -24.81 -9.07
N TRP B 298 -47.90 -24.21 -8.30
CA TRP B 298 -48.15 -22.89 -7.74
C TRP B 298 -46.84 -22.30 -7.24
N THR B 299 -46.86 -20.99 -7.01
CA THR B 299 -45.71 -20.26 -6.51
C THR B 299 -46.19 -19.29 -5.43
N GLN B 300 -45.24 -18.87 -4.59
CA GLN B 300 -45.54 -17.96 -3.49
C GLN B 300 -44.30 -17.10 -3.27
N SER B 301 -44.29 -15.91 -3.88
CA SER B 301 -43.13 -15.02 -3.87
C SER B 301 -43.31 -13.85 -2.92
N ASP B 302 -44.16 -14.01 -1.89
CA ASP B 302 -44.34 -13.00 -0.86
C ASP B 302 -43.22 -12.99 0.17
N LEU B 303 -42.12 -13.71 -0.07
CA LEU B 303 -41.03 -13.84 0.87
C LEU B 303 -39.68 -13.59 0.19
N LEU B 304 -39.69 -12.81 -0.88
CA LEU B 304 -38.47 -12.56 -1.64
C LEU B 304 -37.40 -11.92 -0.76
N HIS B 305 -36.26 -12.59 -0.64
CA HIS B 305 -35.08 -12.08 0.05
C HIS B 305 -35.33 -11.91 1.55
N ARG B 306 -35.98 -12.90 2.16
CA ARG B 306 -36.14 -12.96 3.60
C ARG B 306 -35.22 -13.97 4.25
N LEU B 307 -34.32 -14.60 3.48
CA LEU B 307 -33.35 -15.54 4.00
C LEU B 307 -34.03 -16.69 4.74
N LEU B 308 -34.81 -17.44 3.99
CA LEU B 308 -35.60 -18.53 4.56
C LEU B 308 -34.68 -19.68 4.94
N THR B 309 -35.27 -20.79 5.38
CA THR B 309 -34.55 -22.00 5.72
C THR B 309 -35.15 -23.16 4.94
N SER B 310 -34.55 -24.32 5.10
CA SER B 310 -35.08 -25.52 4.46
C SER B 310 -36.46 -25.81 5.03
N PRO B 311 -37.44 -26.13 4.19
CA PRO B 311 -38.80 -26.33 4.69
C PRO B 311 -38.95 -27.66 5.41
N VAL B 312 -40.08 -27.83 6.07
CA VAL B 312 -40.43 -29.13 6.64
C VAL B 312 -41.94 -29.32 6.55
N LEU B 313 -42.36 -30.54 6.27
CA LEU B 313 -43.76 -30.86 6.04
C LEU B 313 -44.35 -31.37 7.35
N TYR B 314 -45.00 -30.48 8.08
CA TYR B 314 -45.61 -30.79 9.36
C TYR B 314 -47.12 -30.78 9.21
N ASN B 315 -47.75 -31.94 9.43
CA ASN B 315 -49.20 -32.05 9.44
C ASN B 315 -49.81 -31.56 8.13
N GLY B 316 -49.17 -31.90 7.02
CA GLY B 316 -49.66 -31.47 5.72
C GLY B 316 -49.51 -29.99 5.45
N ASN B 317 -48.55 -29.33 6.09
CA ASN B 317 -48.32 -27.91 5.88
C ASN B 317 -46.82 -27.65 5.89
N LEU B 318 -46.36 -26.89 4.90
CA LEU B 318 -44.95 -26.53 4.89
C LEU B 318 -44.67 -25.53 6.01
N VAL B 319 -43.47 -25.62 6.56
CA VAL B 319 -43.02 -24.71 7.61
C VAL B 319 -41.65 -24.20 7.20
N VAL B 320 -41.47 -22.88 7.27
CA VAL B 320 -40.21 -22.23 6.92
C VAL B 320 -39.93 -21.11 7.88
N GLY B 321 -38.66 -20.89 8.18
CA GLY B 321 -38.23 -19.83 9.06
C GLY B 321 -37.81 -18.60 8.29
N ASP B 322 -37.02 -17.75 8.95
CA ASP B 322 -36.51 -16.53 8.35
C ASP B 322 -35.52 -15.91 9.34
N SER B 323 -34.73 -14.96 8.83
CA SER B 323 -33.72 -14.33 9.66
C SER B 323 -34.33 -13.44 10.74
N GLU B 324 -35.50 -12.88 10.48
CA GLU B 324 -36.16 -12.02 11.46
C GLU B 324 -36.75 -12.81 12.62
N GLY B 325 -36.98 -14.11 12.44
CA GLY B 325 -37.50 -14.96 13.48
C GLY B 325 -38.92 -15.42 13.28
N TYR B 326 -39.59 -15.01 12.21
CA TYR B 326 -40.98 -15.34 11.99
C TYR B 326 -41.08 -16.69 11.28
N LEU B 327 -41.83 -17.61 11.88
CA LEU B 327 -42.08 -18.92 11.31
C LEU B 327 -43.39 -18.91 10.55
N HIS B 328 -43.39 -19.48 9.36
CA HIS B 328 -44.55 -19.45 8.47
C HIS B 328 -45.00 -20.88 8.19
N TRP B 329 -46.27 -21.16 8.53
CA TRP B 329 -46.97 -22.34 8.05
C TRP B 329 -47.72 -21.96 6.78
N ILE B 330 -47.39 -22.62 5.68
CA ILE B 330 -47.94 -22.34 4.38
C ILE B 330 -48.59 -23.59 3.82
N ASN B 331 -49.76 -23.41 3.21
CA ASN B 331 -50.48 -24.50 2.59
C ASN B 331 -49.71 -25.03 1.38
N VAL B 332 -50.10 -26.21 0.93
CA VAL B 332 -49.38 -26.92 -0.13
C VAL B 332 -50.29 -27.15 -1.31
N GLU B 333 -51.60 -27.21 -1.07
CA GLU B 333 -52.55 -27.40 -2.17
C GLU B 333 -52.57 -26.18 -3.09
N ASP B 334 -52.57 -24.97 -2.53
CA ASP B 334 -52.58 -23.75 -3.31
C ASP B 334 -51.37 -22.85 -3.06
N GLY B 335 -50.95 -22.71 -1.80
CA GLY B 335 -49.75 -21.96 -1.49
C GLY B 335 -50.00 -20.75 -0.62
N ARG B 336 -51.11 -20.75 0.10
CA ARG B 336 -51.50 -19.65 0.94
C ARG B 336 -51.01 -19.86 2.37
N PHE B 337 -50.51 -18.80 2.98
CA PHE B 337 -50.07 -18.84 4.36
C PHE B 337 -51.24 -19.17 5.29
N VAL B 338 -51.18 -20.33 5.95
CA VAL B 338 -52.21 -20.68 6.92
C VAL B 338 -51.86 -20.24 8.33
N ALA B 339 -50.62 -19.80 8.58
CA ALA B 339 -50.31 -19.25 9.89
C ALA B 339 -48.93 -18.61 9.87
N GLN B 340 -48.72 -17.71 10.83
CA GLN B 340 -47.46 -17.01 10.99
C GLN B 340 -47.28 -16.74 12.47
N GLN B 341 -46.03 -16.85 12.94
CA GLN B 341 -45.75 -16.80 14.36
C GLN B 341 -44.41 -16.14 14.59
N LYS B 342 -44.26 -15.48 15.73
CA LYS B 342 -43.01 -14.88 16.17
C LYS B 342 -42.45 -15.69 17.32
N VAL B 343 -41.19 -16.10 17.21
CA VAL B 343 -40.59 -17.04 18.15
C VAL B 343 -39.38 -16.43 18.83
N ASP B 344 -38.36 -16.09 18.05
CA ASP B 344 -37.13 -15.53 18.59
C ASP B 344 -36.71 -14.34 17.74
N SER B 345 -35.91 -13.46 18.35
CA SER B 345 -35.46 -12.24 17.69
C SER B 345 -34.09 -12.38 17.05
N SER B 346 -33.26 -13.33 17.50
CA SER B 346 -31.94 -13.52 16.92
C SER B 346 -32.05 -13.95 15.46
N GLY B 347 -32.92 -14.91 15.19
CA GLY B 347 -33.15 -15.37 13.83
C GLY B 347 -32.98 -16.85 13.65
N PHE B 348 -33.59 -17.39 12.61
CA PHE B 348 -33.47 -18.79 12.24
C PHE B 348 -32.59 -18.93 11.02
N GLN B 349 -31.63 -19.85 11.09
CA GLN B 349 -30.71 -20.10 9.98
C GLN B 349 -30.65 -21.55 9.57
N THR B 350 -30.79 -22.48 10.51
CA THR B 350 -30.66 -23.90 10.25
C THR B 350 -32.02 -24.53 10.05
N GLU B 351 -32.00 -25.78 9.62
CA GLU B 351 -33.23 -26.43 9.20
C GLU B 351 -34.05 -26.91 10.39
N PRO B 352 -35.37 -26.93 10.28
CA PRO B 352 -36.19 -27.51 11.34
C PRO B 352 -36.06 -29.02 11.41
N VAL B 353 -36.82 -29.64 12.31
CA VAL B 353 -36.79 -31.08 12.51
C VAL B 353 -38.20 -31.51 12.87
N ALA B 354 -38.81 -32.31 11.99
CA ALA B 354 -40.17 -32.79 12.18
C ALA B 354 -40.15 -34.30 12.27
N ALA B 355 -40.50 -34.83 13.43
CA ALA B 355 -40.46 -36.28 13.62
C ALA B 355 -41.14 -36.64 14.92
N ASP B 356 -41.79 -37.80 14.92
CA ASP B 356 -42.47 -38.34 16.11
C ASP B 356 -43.57 -37.40 16.60
N GLY B 357 -44.16 -36.63 15.69
CA GLY B 357 -45.15 -35.65 16.05
C GLY B 357 -44.62 -34.39 16.69
N LYS B 358 -43.30 -34.24 16.76
CA LYS B 358 -42.66 -33.06 17.31
C LYS B 358 -42.05 -32.23 16.20
N LEU B 359 -42.11 -30.91 16.36
CA LEU B 359 -41.48 -29.96 15.45
C LEU B 359 -40.53 -29.11 16.27
N LEU B 360 -39.24 -29.43 16.19
CA LEU B 360 -38.21 -28.72 16.92
C LEU B 360 -37.39 -27.86 15.98
N ILE B 361 -36.92 -26.73 16.50
CA ILE B 361 -36.11 -25.80 15.72
C ILE B 361 -35.13 -25.12 16.65
N GLN B 362 -34.07 -24.56 16.07
CA GLN B 362 -32.99 -23.96 16.84
C GLN B 362 -32.57 -22.65 16.19
N ALA B 363 -32.43 -21.61 17.01
CA ALA B 363 -32.06 -20.29 16.54
C ALA B 363 -30.55 -20.10 16.61
N LYS B 364 -30.09 -18.89 16.29
CA LYS B 364 -28.66 -18.61 16.31
C LYS B 364 -28.13 -18.49 17.73
N ASP B 365 -28.96 -18.05 18.67
CA ASP B 365 -28.56 -17.92 20.06
C ASP B 365 -28.71 -19.22 20.84
N GLY B 366 -28.98 -20.33 20.15
CA GLY B 366 -29.02 -21.63 20.78
C GLY B 366 -30.37 -22.05 21.31
N THR B 367 -31.31 -21.13 21.44
CA THR B 367 -32.59 -21.44 22.07
C THR B 367 -33.37 -22.42 21.19
N VAL B 368 -33.42 -23.67 21.61
CA VAL B 368 -34.23 -24.69 20.96
C VAL B 368 -35.69 -24.51 21.36
N TYR B 369 -36.57 -24.54 20.38
CA TYR B 369 -38.01 -24.40 20.58
C TYR B 369 -38.73 -25.64 20.06
N SER B 370 -39.82 -25.98 20.73
CA SER B 370 -40.74 -27.01 20.27
C SER B 370 -42.11 -26.38 20.03
N ILE B 371 -42.68 -26.63 18.86
CA ILE B 371 -43.87 -25.96 18.40
C ILE B 371 -45.03 -26.95 18.33
N THR B 372 -46.23 -26.44 18.61
CA THR B 372 -47.45 -27.24 18.56
C THR B 372 -48.55 -26.34 17.98
N ARG B 373 -49.80 -26.76 18.14
CA ARG B 373 -50.92 -25.98 17.66
C ARG B 373 -52.17 -26.42 18.41
N TRP B 374 -52.90 -25.44 18.95
CA TRP B 374 -54.13 -25.72 19.70
C TRP B 374 -55.31 -24.97 19.09
N ARG C 6 0.50 24.22 -13.97
CA ARG C 6 -0.58 24.94 -14.64
C ARG C 6 -0.19 26.38 -14.93
N TYR C 7 0.07 27.15 -13.87
CA TYR C 7 0.40 28.56 -14.04
C TYR C 7 1.67 28.75 -14.86
N LYS C 8 2.63 27.82 -14.76
CA LYS C 8 3.83 27.93 -15.57
C LYS C 8 3.53 27.76 -17.05
N ARG C 9 2.66 26.81 -17.41
CA ARG C 9 2.32 26.55 -18.79
C ARG C 9 1.33 27.54 -19.37
N GLN C 10 1.03 28.62 -18.64
CA GLN C 10 0.21 29.71 -19.15
C GLN C 10 1.05 30.85 -19.69
N VAL C 11 2.38 30.77 -19.58
CA VAL C 11 3.28 31.82 -20.02
C VAL C 11 3.86 31.50 -21.39
N SER C 12 4.41 30.30 -21.55
CA SER C 12 4.95 29.90 -22.85
C SER C 12 3.86 29.82 -23.90
N GLY C 13 2.63 29.45 -23.50
CA GLY C 13 1.55 29.35 -24.46
C GLY C 13 1.24 30.67 -25.14
N ASP C 14 1.19 31.76 -24.36
CA ASP C 14 0.71 33.01 -24.91
C ASP C 14 1.61 33.57 -26.00
N GLU C 15 2.77 34.12 -25.62
CA GLU C 15 3.71 34.68 -26.59
C GLU C 15 5.17 34.43 -26.30
N ALA C 16 5.55 34.15 -25.05
CA ALA C 16 6.93 34.28 -24.59
C ALA C 16 7.92 33.72 -25.61
N TYR C 17 8.89 34.56 -25.99
CA TYR C 17 9.92 34.16 -26.93
C TYR C 17 11.25 34.74 -26.49
N LEU C 18 12.23 33.87 -26.33
CA LEU C 18 13.56 34.23 -25.85
C LEU C 18 14.60 33.94 -26.92
N GLU C 19 15.61 34.80 -26.99
CA GLU C 19 16.75 34.63 -27.88
C GLU C 19 17.98 34.32 -27.05
N ALA C 20 18.84 33.45 -27.58
CA ALA C 20 19.91 32.83 -26.81
C ALA C 20 21.27 33.22 -27.39
N ALA C 21 22.31 32.62 -26.85
CA ALA C 21 23.66 32.87 -27.32
C ALA C 21 23.88 32.13 -28.64
N PRO C 22 24.24 32.81 -29.72
CA PRO C 22 24.46 32.11 -30.99
C PRO C 22 25.50 31.02 -30.84
N LEU C 23 25.56 30.17 -31.86
CA LEU C 23 26.46 29.02 -31.85
C LEU C 23 27.76 29.38 -32.56
N ALA C 24 28.88 29.14 -31.88
CA ALA C 24 30.20 29.42 -32.40
C ALA C 24 30.99 28.12 -32.48
N GLU C 25 31.60 27.86 -33.63
CA GLU C 25 32.33 26.63 -33.84
C GLU C 25 33.53 26.54 -32.91
N LEU C 26 33.96 25.30 -32.67
CA LEU C 26 35.11 25.00 -31.82
C LEU C 26 36.33 24.74 -32.68
N HIS C 27 37.44 25.38 -32.36
CA HIS C 27 38.67 25.26 -33.13
C HIS C 27 39.47 24.05 -32.69
N ALA C 28 40.35 23.60 -33.59
CA ALA C 28 41.25 22.48 -33.33
C ALA C 28 42.68 22.98 -33.38
N PRO C 29 43.49 22.81 -32.33
CA PRO C 29 44.86 23.30 -32.39
C PRO C 29 45.72 22.52 -33.37
N ALA C 30 47.00 22.87 -33.44
CA ALA C 30 47.95 22.19 -34.29
C ALA C 30 48.56 21.02 -33.52
N GLY C 31 48.56 19.84 -34.13
CA GLY C 31 49.06 18.65 -33.48
C GLY C 31 48.01 17.80 -32.80
N MET C 32 46.73 17.99 -33.11
CA MET C 32 45.65 17.21 -32.53
C MET C 32 44.38 17.53 -33.31
N ILE C 33 43.30 16.85 -32.95
CA ILE C 33 42.01 17.06 -33.60
C ILE C 33 40.92 16.70 -32.59
N LEU C 34 39.79 17.39 -32.71
CA LEU C 34 38.68 17.18 -31.82
C LEU C 34 37.97 15.89 -32.18
N PRO C 35 37.06 15.41 -31.33
CA PRO C 35 36.32 14.18 -31.63
C PRO C 35 35.34 14.37 -32.78
N VAL C 36 34.62 13.30 -33.12
CA VAL C 36 33.59 13.36 -34.15
C VAL C 36 32.32 13.93 -33.52
N THR C 37 31.37 14.34 -34.36
CA THR C 37 30.19 15.05 -33.90
C THR C 37 28.92 14.21 -33.87
N SER C 38 28.83 13.19 -34.72
CA SER C 38 27.70 12.27 -34.72
C SER C 38 26.44 12.89 -35.34
N GLY C 39 26.48 14.18 -35.63
CA GLY C 39 25.41 14.85 -36.35
C GLY C 39 24.00 14.53 -35.90
N ASP C 40 23.82 14.07 -34.67
CA ASP C 40 22.47 13.78 -34.18
C ASP C 40 21.73 15.08 -33.88
N TYR C 41 22.36 15.98 -33.14
CA TYR C 41 21.79 17.29 -32.84
C TYR C 41 22.50 18.33 -33.70
N ALA C 42 22.01 18.48 -34.92
CA ALA C 42 22.57 19.41 -35.88
C ALA C 42 21.49 20.37 -36.38
N ILE C 43 21.93 21.55 -36.80
CA ILE C 43 21.07 22.61 -37.27
C ILE C 43 21.46 22.96 -38.70
N PRO C 44 20.65 22.56 -39.69
CA PRO C 44 20.94 23.01 -41.06
C PRO C 44 20.70 24.49 -41.22
N VAL C 45 20.92 25.02 -42.43
CA VAL C 45 20.65 26.42 -42.74
C VAL C 45 19.40 26.45 -43.62
N THR C 46 18.30 26.93 -43.04
CA THR C 46 17.03 27.06 -43.77
C THR C 46 16.91 28.51 -44.20
N ASN C 47 17.31 28.79 -45.43
CA ASN C 47 17.31 30.16 -45.92
C ASN C 47 15.90 30.72 -45.92
N GLY C 48 15.81 32.02 -46.19
CA GLY C 48 14.55 32.73 -46.15
C GLY C 48 14.43 33.57 -44.90
N SER C 49 13.60 34.61 -44.99
CA SER C 49 13.40 35.56 -43.90
C SER C 49 11.92 35.55 -43.55
N GLY C 50 11.55 34.62 -42.68
CA GLY C 50 10.21 34.60 -42.11
C GLY C 50 10.13 35.51 -40.90
N ALA C 51 9.04 35.35 -40.17
CA ALA C 51 8.79 36.13 -38.97
C ALA C 51 9.00 35.26 -37.73
N VAL C 52 9.27 35.93 -36.61
CA VAL C 52 9.59 35.25 -35.37
C VAL C 52 9.07 36.09 -34.20
N GLY C 53 8.59 35.40 -33.18
CA GLY C 53 8.30 36.04 -31.91
C GLY C 53 7.15 37.03 -31.93
N LYS C 54 5.92 36.52 -32.06
CA LYS C 54 4.67 37.26 -32.04
C LYS C 54 4.40 37.97 -33.37
N ALA C 55 5.34 37.98 -34.29
CA ALA C 55 5.10 38.48 -35.64
C ALA C 55 4.70 37.37 -36.60
N LEU C 56 4.66 36.13 -36.13
CA LEU C 56 4.26 34.99 -36.92
C LEU C 56 2.80 34.66 -36.66
N ASP C 57 2.05 34.46 -37.74
CA ASP C 57 0.63 34.14 -37.65
C ASP C 57 0.48 32.63 -37.49
N ILE C 58 0.18 32.19 -36.28
CA ILE C 58 -0.09 30.79 -36.02
C ILE C 58 -1.59 30.50 -36.02
N ARG C 59 -2.37 31.38 -36.62
CA ARG C 59 -3.81 31.16 -36.72
C ARG C 59 -4.09 30.15 -37.83
N PRO C 60 -4.79 29.06 -37.55
CA PRO C 60 -5.01 28.04 -38.58
C PRO C 60 -5.70 28.64 -39.79
N PRO C 61 -5.32 28.24 -40.99
CA PRO C 61 -5.92 28.80 -42.21
C PRO C 61 -7.28 28.17 -42.49
N ALA C 62 -7.86 28.58 -43.62
CA ALA C 62 -9.22 28.16 -43.99
C ALA C 62 -9.21 26.90 -44.85
N GLN C 63 -8.54 25.86 -44.37
CA GLN C 63 -8.46 24.60 -45.08
C GLN C 63 -8.16 23.45 -44.11
N LYS D 5 -23.76 24.08 -17.43
CA LYS D 5 -22.46 23.47 -17.68
C LYS D 5 -22.09 23.58 -19.15
N GLU D 6 -22.08 24.80 -19.68
CA GLU D 6 -21.69 25.06 -21.06
C GLU D 6 -22.60 24.29 -22.03
N GLU D 7 -23.90 24.44 -21.84
CA GLU D 7 -24.87 23.71 -22.66
C GLU D 7 -24.99 24.37 -24.02
N VAL D 8 -25.03 23.53 -25.06
CA VAL D 8 -24.98 23.98 -26.45
C VAL D 8 -26.30 23.59 -27.12
N PRO D 9 -26.99 24.51 -27.78
CA PRO D 9 -28.19 24.12 -28.53
C PRO D 9 -27.83 23.50 -29.87
N ASP D 10 -28.86 22.94 -30.52
CA ASP D 10 -28.69 22.27 -31.81
C ASP D 10 -28.93 23.21 -32.98
N ASN D 11 -28.23 24.34 -32.98
CA ASN D 11 -28.28 25.23 -34.12
C ASN D 11 -27.48 24.62 -35.28
N PRO D 12 -27.75 25.03 -36.50
CA PRO D 12 -27.03 24.47 -37.64
C PRO D 12 -25.53 24.73 -37.52
N PRO D 13 -24.71 23.95 -38.23
CA PRO D 13 -23.25 24.09 -38.02
C PRO D 13 -22.71 25.45 -38.38
N ASN D 14 -23.30 26.12 -39.38
CA ASN D 14 -22.78 27.41 -39.82
C ASN D 14 -22.68 28.39 -38.67
N GLU D 15 -23.77 28.56 -37.93
CA GLU D 15 -23.78 29.56 -36.87
C GLU D 15 -22.88 29.16 -35.70
N ILE D 16 -22.81 27.86 -35.39
CA ILE D 16 -21.90 27.42 -34.33
C ILE D 16 -20.46 27.75 -34.71
N TYR D 17 -20.08 27.45 -35.95
CA TYR D 17 -18.71 27.70 -36.38
C TYR D 17 -18.42 29.18 -36.43
N ALA D 18 -19.38 29.99 -36.87
CA ALA D 18 -19.18 31.43 -36.91
C ALA D 18 -19.06 32.00 -35.51
N THR D 19 -19.81 31.47 -34.54
CA THR D 19 -19.67 31.91 -33.16
C THR D 19 -18.30 31.52 -32.62
N ALA D 20 -17.85 30.30 -32.93
CA ALA D 20 -16.50 29.89 -32.56
C ALA D 20 -15.48 30.90 -33.07
N GLN D 21 -15.45 31.10 -34.39
CA GLN D 21 -14.57 32.09 -34.98
C GLN D 21 -14.79 33.48 -34.39
N GLN D 22 -15.95 33.74 -33.79
CA GLN D 22 -16.24 35.01 -33.16
C GLN D 22 -15.91 35.04 -31.68
N LYS D 23 -15.39 33.94 -31.14
CA LYS D 23 -14.89 33.91 -29.77
C LYS D 23 -13.38 33.71 -29.69
N LEU D 24 -12.77 33.14 -30.72
CA LEU D 24 -11.31 33.07 -30.78
C LEU D 24 -10.72 34.45 -31.02
N GLN D 25 -11.27 35.19 -31.98
CA GLN D 25 -10.75 36.51 -32.29
C GLN D 25 -10.70 37.42 -31.08
N ASP D 26 -11.58 37.18 -30.10
CA ASP D 26 -11.64 38.06 -28.92
C ASP D 26 -10.58 37.69 -27.89
N GLY D 27 -10.30 36.40 -27.72
CA GLY D 27 -9.31 35.96 -26.77
C GLY D 27 -9.85 35.06 -25.68
N ASN D 28 -10.95 34.35 -25.98
CA ASN D 28 -11.56 33.40 -25.05
C ASN D 28 -11.56 32.03 -25.71
N TRP D 29 -10.82 31.09 -25.14
CA TRP D 29 -10.66 29.76 -25.72
C TRP D 29 -11.54 28.72 -25.08
N ARG D 30 -11.79 28.83 -23.77
CA ARG D 30 -12.63 27.83 -23.10
C ARG D 30 -14.04 27.79 -23.68
N GLN D 31 -14.47 28.86 -24.35
CA GLN D 31 -15.81 28.87 -24.94
C GLN D 31 -15.86 28.11 -26.25
N ALA D 32 -14.97 28.46 -27.18
CA ALA D 32 -14.97 27.83 -28.50
C ALA D 32 -14.59 26.36 -28.45
N ILE D 33 -13.86 25.94 -27.41
CA ILE D 33 -13.52 24.53 -27.28
C ILE D 33 -14.79 23.67 -27.22
N THR D 34 -15.77 24.11 -26.44
CA THR D 34 -17.01 23.35 -26.32
C THR D 34 -17.74 23.29 -27.65
N GLN D 35 -17.84 24.43 -28.34
CA GLN D 35 -18.54 24.45 -29.62
C GLN D 35 -17.88 23.54 -30.63
N LEU D 36 -16.54 23.51 -30.63
CA LEU D 36 -15.83 22.68 -31.60
C LEU D 36 -15.92 21.20 -31.24
N GLU D 37 -15.84 20.87 -29.95
CA GLU D 37 -16.07 19.50 -29.52
C GLU D 37 -17.46 19.04 -29.95
N ALA D 38 -18.46 19.89 -29.79
CA ALA D 38 -19.80 19.56 -30.25
C ALA D 38 -19.82 19.32 -31.75
N LEU D 39 -19.45 20.33 -32.53
CA LEU D 39 -19.45 20.23 -33.98
C LEU D 39 -18.60 19.07 -34.48
N ASP D 40 -17.71 18.53 -33.64
CA ASP D 40 -16.98 17.33 -34.03
C ASP D 40 -17.78 16.07 -33.72
N ASN D 41 -18.30 15.97 -32.50
CA ASN D 41 -19.12 14.82 -32.14
C ASN D 41 -20.36 14.75 -33.00
N ARG D 42 -21.12 15.85 -33.04
CA ARG D 42 -22.40 15.86 -33.77
C ARG D 42 -22.23 15.66 -35.26
N TYR D 43 -21.04 15.93 -35.81
CA TYR D 43 -20.77 15.77 -37.23
C TYR D 43 -19.34 15.30 -37.42
N PRO D 44 -19.05 14.03 -37.10
CA PRO D 44 -17.69 13.51 -37.26
C PRO D 44 -17.28 13.31 -38.72
N PHE D 45 -18.14 13.63 -39.67
CA PHE D 45 -17.81 13.51 -41.09
C PHE D 45 -18.32 14.68 -41.90
N GLY D 46 -18.57 15.83 -41.25
CA GLY D 46 -19.06 16.99 -41.94
C GLY D 46 -18.12 17.44 -43.03
N PRO D 47 -18.48 18.52 -43.73
CA PRO D 47 -17.63 18.99 -44.84
C PRO D 47 -16.35 19.65 -44.40
N TYR D 48 -16.26 20.15 -43.16
CA TYR D 48 -15.06 20.82 -42.67
C TYR D 48 -14.71 20.31 -41.27
N SER D 49 -14.67 18.99 -41.11
CA SER D 49 -14.24 18.43 -39.83
C SER D 49 -12.74 18.57 -39.62
N GLN D 50 -11.96 18.55 -40.70
CA GLN D 50 -10.51 18.73 -40.57
C GLN D 50 -10.19 20.12 -40.04
N GLN D 51 -10.67 21.15 -40.73
CA GLN D 51 -10.61 22.52 -40.24
C GLN D 51 -10.87 22.58 -38.73
N VAL D 52 -11.89 21.85 -38.29
CA VAL D 52 -12.24 21.83 -36.88
C VAL D 52 -11.11 21.19 -36.07
N GLN D 53 -10.41 20.21 -36.65
CA GLN D 53 -9.32 19.57 -35.94
C GLN D 53 -8.15 20.53 -35.76
N LEU D 54 -7.81 21.28 -36.83
CA LEU D 54 -6.78 22.30 -36.71
C LEU D 54 -7.15 23.33 -35.65
N ASP D 55 -8.38 23.84 -35.71
CA ASP D 55 -8.81 24.83 -34.74
C ASP D 55 -8.76 24.27 -33.33
N LEU D 56 -9.03 22.97 -33.17
CA LEU D 56 -9.01 22.37 -31.85
C LEU D 56 -7.58 22.24 -31.35
N ILE D 57 -6.64 21.93 -32.24
CA ILE D 57 -5.23 21.93 -31.85
C ILE D 57 -4.83 23.30 -31.35
N TYR D 58 -5.13 24.33 -32.14
CA TYR D 58 -4.82 25.70 -31.74
C TYR D 58 -5.43 26.03 -30.38
N ALA D 59 -6.70 25.68 -30.18
CA ALA D 59 -7.38 26.01 -28.94
C ALA D 59 -6.78 25.29 -27.75
N TYR D 60 -6.58 23.98 -27.88
CA TYR D 60 -5.99 23.21 -26.78
C TYR D 60 -4.59 23.69 -26.47
N TYR D 61 -3.86 24.21 -27.47
CA TYR D 61 -2.54 24.76 -27.21
C TYR D 61 -2.64 26.03 -26.39
N LYS D 62 -3.44 26.99 -26.85
CA LYS D 62 -3.52 28.28 -26.18
C LYS D 62 -4.36 28.24 -24.91
N ASN D 63 -4.96 27.09 -24.58
CA ASN D 63 -5.74 26.93 -23.36
C ASN D 63 -5.05 26.07 -22.31
N ALA D 64 -3.83 25.62 -22.57
CA ALA D 64 -3.00 24.85 -21.66
C ALA D 64 -3.42 23.40 -21.53
N ASP D 65 -4.26 22.90 -22.43
CA ASP D 65 -4.63 21.48 -22.45
C ASP D 65 -3.75 20.79 -23.50
N LEU D 66 -2.51 20.52 -23.10
CA LEU D 66 -1.46 20.09 -24.02
C LEU D 66 -1.54 18.60 -24.36
N PRO D 67 -1.84 17.72 -23.40
CA PRO D 67 -1.97 16.29 -23.76
C PRO D 67 -3.05 16.04 -24.80
N LEU D 68 -4.17 16.74 -24.70
CA LEU D 68 -5.23 16.59 -25.69
C LEU D 68 -4.76 17.10 -27.05
N ALA D 69 -3.95 18.16 -27.07
CA ALA D 69 -3.41 18.63 -28.33
C ALA D 69 -2.44 17.62 -28.92
N GLN D 70 -1.62 16.98 -28.08
CA GLN D 70 -0.77 15.90 -28.55
C GLN D 70 -1.59 14.79 -29.19
N ALA D 71 -2.66 14.37 -28.53
CA ALA D 71 -3.51 13.33 -29.07
C ALA D 71 -4.11 13.75 -30.40
N ALA D 72 -4.64 14.98 -30.46
CA ALA D 72 -5.23 15.48 -31.69
C ALA D 72 -4.22 15.52 -32.82
N ILE D 73 -2.98 15.91 -32.52
CA ILE D 73 -1.95 15.98 -33.55
C ILE D 73 -1.61 14.59 -34.06
N ASP D 74 -1.39 13.65 -33.15
CA ASP D 74 -1.10 12.28 -33.58
C ASP D 74 -2.23 11.74 -34.46
N ARG D 75 -3.48 11.96 -34.03
CA ARG D 75 -4.62 11.48 -34.80
C ARG D 75 -4.65 12.11 -36.18
N PHE D 76 -4.52 13.44 -36.25
CA PHE D 76 -4.58 14.11 -37.53
C PHE D 76 -3.46 13.66 -38.46
N ILE D 77 -2.30 13.35 -37.91
CA ILE D 77 -1.19 12.92 -38.76
C ILE D 77 -1.41 11.49 -39.22
N ARG D 78 -2.09 10.67 -38.42
CA ARG D 78 -2.42 9.32 -38.85
C ARG D 78 -3.48 9.32 -39.95
N LEU D 79 -4.53 10.12 -39.78
CA LEU D 79 -5.67 10.07 -40.68
C LEU D 79 -5.45 10.89 -41.95
N ASN D 80 -4.69 11.97 -41.88
CA ASN D 80 -4.40 12.82 -43.03
C ASN D 80 -2.91 13.10 -43.10
N PRO D 81 -2.12 12.10 -43.48
CA PRO D 81 -0.66 12.29 -43.54
C PRO D 81 -0.17 13.11 -44.72
N THR D 82 -1.02 13.36 -45.72
CA THR D 82 -0.66 14.15 -46.90
C THR D 82 -1.53 15.40 -47.01
N HIS D 83 -1.98 15.92 -45.89
CA HIS D 83 -2.75 17.15 -45.90
C HIS D 83 -1.84 18.31 -46.23
N PRO D 84 -2.16 19.13 -47.25
CA PRO D 84 -1.30 20.26 -47.60
C PRO D 84 -0.77 21.04 -46.40
N ASN D 85 -1.65 21.33 -45.45
CA ASN D 85 -1.29 22.11 -44.27
C ASN D 85 -0.95 21.17 -43.11
N ILE D 86 0.02 20.30 -43.35
CA ILE D 86 0.54 19.43 -42.30
C ILE D 86 1.77 20.00 -41.62
N ASP D 87 2.48 20.93 -42.26
CA ASP D 87 3.57 21.63 -41.58
C ASP D 87 3.08 22.29 -40.31
N TYR D 88 1.89 22.89 -40.37
CA TYR D 88 1.31 23.52 -39.18
C TYR D 88 1.26 22.54 -38.02
N VAL D 89 0.93 21.29 -38.30
CA VAL D 89 0.74 20.32 -37.23
C VAL D 89 2.07 19.95 -36.58
N MET D 90 3.12 19.85 -37.39
CA MET D 90 4.44 19.56 -36.84
C MET D 90 4.97 20.72 -36.02
N TYR D 91 4.74 21.95 -36.50
CA TYR D 91 5.09 23.12 -35.70
C TYR D 91 4.35 23.12 -34.37
N MET D 92 3.05 22.83 -34.39
CA MET D 92 2.30 22.77 -33.15
C MET D 92 2.80 21.67 -32.23
N ARG D 93 3.26 20.55 -32.80
CA ARG D 93 3.85 19.50 -31.98
C ARG D 93 5.10 19.99 -31.26
N GLY D 94 6.01 20.60 -32.01
CA GLY D 94 7.19 21.17 -31.40
C GLY D 94 6.85 22.17 -30.31
N LEU D 95 5.88 23.05 -30.59
CA LEU D 95 5.48 24.06 -29.60
C LEU D 95 4.90 23.41 -28.35
N THR D 96 4.08 22.39 -28.52
CA THR D 96 3.50 21.69 -27.37
C THR D 96 4.59 21.07 -26.51
N ASN D 97 5.59 20.45 -27.14
CA ASN D 97 6.67 19.85 -26.36
C ASN D 97 7.49 20.93 -25.66
N MET D 98 7.80 22.03 -26.36
CA MET D 98 8.49 23.14 -25.72
C MET D 98 7.73 23.63 -24.50
N ALA D 99 6.41 23.74 -24.60
CA ALA D 99 5.61 24.20 -23.48
C ALA D 99 5.66 23.21 -22.34
N LEU D 100 5.60 21.91 -22.64
CA LEU D 100 5.70 20.91 -21.59
C LEU D 100 7.05 20.97 -20.90
N ASP D 101 8.10 21.36 -21.63
CA ASP D 101 9.40 21.58 -20.99
C ASP D 101 9.31 22.71 -19.96
N ASP D 102 8.76 23.85 -20.35
CA ASP D 102 8.55 24.96 -19.43
C ASP D 102 9.86 25.45 -18.84
N ARG D 113 15.68 26.39 -15.26
CA ARG D 113 15.12 25.05 -15.17
C ARG D 113 15.81 24.10 -16.13
N SER D 114 17.13 24.13 -16.16
CA SER D 114 17.90 23.29 -17.06
C SER D 114 18.36 21.99 -16.42
N ASP D 115 18.23 21.87 -15.10
CA ASP D 115 18.56 20.63 -14.41
C ASP D 115 17.46 19.58 -14.48
N ARG D 116 16.29 19.94 -14.99
CA ARG D 116 15.14 19.07 -14.98
C ARG D 116 15.13 18.17 -16.22
N ASP D 117 14.10 17.33 -16.32
CA ASP D 117 14.01 16.32 -17.36
C ASP D 117 14.01 16.96 -18.74
N PRO D 118 14.97 16.64 -19.61
CA PRO D 118 15.03 17.23 -20.97
C PRO D 118 14.37 16.42 -22.07
N GLN D 119 13.67 15.33 -21.76
CA GLN D 119 13.14 14.47 -22.82
C GLN D 119 12.18 15.24 -23.71
N HIS D 120 11.37 16.12 -23.14
CA HIS D 120 10.47 16.94 -23.94
C HIS D 120 11.25 17.83 -24.89
N ALA D 121 12.40 18.33 -24.45
CA ALA D 121 13.23 19.15 -25.31
C ALA D 121 13.82 18.34 -26.46
N ARG D 122 14.21 17.09 -26.20
CA ARG D 122 14.68 16.23 -27.28
C ARG D 122 13.58 15.96 -28.28
N ALA D 123 12.36 15.70 -27.79
CA ALA D 123 11.23 15.48 -28.69
C ALA D 123 10.97 16.70 -29.55
N ALA D 124 10.96 17.88 -28.94
CA ALA D 124 10.77 19.11 -29.69
C ALA D 124 11.86 19.30 -30.73
N PHE D 125 13.10 18.96 -30.38
CA PHE D 125 14.19 19.08 -31.34
C PHE D 125 13.97 18.16 -32.53
N SER D 126 13.58 16.92 -32.25
CA SER D 126 13.33 15.97 -33.32
C SER D 126 12.22 16.47 -34.24
N ASP D 127 11.13 16.98 -33.65
CA ASP D 127 10.01 17.46 -34.44
C ASP D 127 10.41 18.63 -35.33
N PHE D 128 11.06 19.65 -34.74
CA PHE D 128 11.49 20.79 -35.52
C PHE D 128 12.50 20.39 -36.58
N SER D 129 13.32 19.37 -36.32
CA SER D 129 14.26 18.89 -37.32
C SER D 129 13.51 18.29 -38.50
N LYS D 130 12.57 17.39 -38.23
CA LYS D 130 11.70 16.88 -39.28
C LYS D 130 11.14 18.01 -40.12
N LEU D 131 10.53 18.99 -39.46
CA LEU D 131 9.87 20.08 -40.16
C LEU D 131 10.85 20.85 -41.04
N VAL D 132 12.00 21.23 -40.49
CA VAL D 132 12.89 22.11 -41.24
C VAL D 132 13.60 21.37 -42.36
N ARG D 133 13.89 20.09 -42.17
CA ARG D 133 14.54 19.32 -43.23
C ARG D 133 13.57 18.98 -44.35
N GLY D 134 12.31 18.70 -43.99
CA GLY D 134 11.32 18.33 -44.98
C GLY D 134 10.79 19.52 -45.78
N TYR D 135 10.52 20.62 -45.09
CA TYR D 135 9.91 21.80 -45.69
C TYR D 135 10.64 23.04 -45.21
N PRO D 136 11.63 23.51 -45.97
CA PRO D 136 12.37 24.72 -45.57
C PRO D 136 11.81 26.02 -46.12
N ASN D 137 10.86 25.98 -47.06
CA ASN D 137 10.28 27.18 -47.64
C ASN D 137 8.97 27.58 -46.97
N SER D 138 8.75 27.14 -45.73
CA SER D 138 7.53 27.44 -45.01
C SER D 138 7.72 28.69 -44.14
N GLN D 139 6.61 29.13 -43.55
CA GLN D 139 6.64 30.25 -42.61
C GLN D 139 6.95 29.83 -41.19
N TYR D 140 6.78 28.55 -40.86
CA TYR D 140 6.97 28.04 -39.52
C TYR D 140 8.34 27.43 -39.32
N THR D 141 9.35 27.88 -40.08
CA THR D 141 10.68 27.28 -40.05
C THR D 141 11.71 28.16 -39.37
N THR D 142 11.82 29.44 -39.72
CA THR D 142 12.78 30.32 -39.07
C THR D 142 12.61 30.29 -37.54
N ASP D 143 11.38 30.45 -37.07
CA ASP D 143 11.12 30.26 -35.64
C ASP D 143 11.57 28.89 -35.18
N ALA D 144 11.48 27.88 -36.05
CA ALA D 144 11.92 26.55 -35.69
C ALA D 144 13.41 26.53 -35.36
N THR D 145 14.22 27.19 -36.21
CA THR D 145 15.66 27.24 -35.94
C THR D 145 15.96 28.05 -34.69
N LYS D 146 15.29 29.20 -34.54
CA LYS D 146 15.48 30.00 -33.34
C LYS D 146 15.13 29.23 -32.08
N ARG D 147 14.25 28.23 -32.19
CA ARG D 147 13.93 27.38 -31.06
C ARG D 147 14.90 26.22 -30.89
N LEU D 148 15.43 25.71 -32.00
CA LEU D 148 16.38 24.62 -31.95
C LEU D 148 17.67 25.05 -31.27
N VAL D 149 18.13 26.25 -31.57
CA VAL D 149 19.34 26.77 -30.91
C VAL D 149 19.13 26.79 -29.39
N PHE D 150 17.99 27.32 -28.95
CA PHE D 150 17.69 27.38 -27.54
C PHE D 150 17.66 25.99 -26.91
N LEU D 151 17.03 25.03 -27.59
CA LEU D 151 16.91 23.69 -27.01
C LEU D 151 18.28 23.02 -26.92
N LYS D 152 19.12 23.21 -27.93
CA LYS D 152 20.48 22.69 -27.88
C LYS D 152 21.23 23.24 -26.67
N ASP D 153 21.21 24.56 -26.51
CA ASP D 153 21.86 25.15 -25.35
C ASP D 153 21.30 24.58 -24.05
N ARG D 154 19.99 24.36 -23.99
CA ARG D 154 19.37 23.81 -22.79
C ARG D 154 19.92 22.43 -22.46
N LEU D 155 20.01 21.57 -23.46
CA LEU D 155 20.50 20.21 -23.23
C LEU D 155 21.96 20.23 -22.79
N ALA D 156 22.77 21.07 -23.44
CA ALA D 156 24.15 21.21 -23.02
C ALA D 156 24.25 21.67 -21.58
N LYS D 157 23.40 22.61 -21.18
CA LYS D 157 23.43 23.09 -19.80
C LYS D 157 23.04 22.00 -18.82
N TYR D 158 22.12 21.12 -19.21
CA TYR D 158 21.78 19.99 -18.35
C TYR D 158 23.00 19.09 -18.14
N GLU D 159 23.67 18.73 -19.23
CA GLU D 159 24.86 17.90 -19.10
C GLU D 159 25.93 18.59 -18.25
N TYR D 160 26.08 19.90 -18.40
CA TYR D 160 27.05 20.64 -17.60
C TYR D 160 26.69 20.58 -16.13
N SER D 161 25.41 20.67 -15.80
CA SER D 161 25.01 20.59 -14.39
C SER D 161 25.36 19.22 -13.82
N VAL D 162 25.11 18.17 -14.59
CA VAL D 162 25.48 16.83 -14.14
C VAL D 162 26.99 16.74 -13.88
N ALA D 163 27.78 17.24 -14.82
CA ALA D 163 29.23 17.19 -14.66
C ALA D 163 29.69 17.99 -13.46
N GLU D 164 29.04 19.12 -13.20
CA GLU D 164 29.39 19.91 -12.02
C GLU D 164 29.09 19.15 -10.73
N TYR D 165 27.95 18.44 -10.69
CA TYR D 165 27.68 17.63 -9.51
C TYR D 165 28.76 16.58 -9.32
N TYR D 166 29.08 15.85 -10.39
CA TYR D 166 30.07 14.78 -10.25
C TYR D 166 31.47 15.33 -10.00
N THR D 167 31.69 16.61 -10.26
CA THR D 167 32.94 17.24 -9.85
C THR D 167 32.93 17.56 -8.36
N GLU D 168 31.80 18.04 -7.85
CA GLU D 168 31.67 18.25 -6.41
C GLU D 168 31.86 16.93 -5.65
N ARG D 169 31.25 15.86 -6.14
CA ARG D 169 31.31 14.58 -5.44
C ARG D 169 32.75 14.09 -5.31
N GLY D 170 33.45 13.97 -6.44
CA GLY D 170 34.78 13.43 -6.45
C GLY D 170 34.99 12.40 -7.54
N ALA D 171 33.97 12.25 -8.39
CA ALA D 171 34.05 11.33 -9.51
C ALA D 171 34.72 12.01 -10.70
N TRP D 172 35.76 11.38 -11.23
CA TRP D 172 36.59 11.98 -12.27
C TRP D 172 36.53 11.24 -13.59
N VAL D 173 35.86 10.09 -13.66
CA VAL D 173 35.66 9.37 -14.90
C VAL D 173 34.33 9.72 -15.53
N ALA D 174 33.28 9.83 -14.71
CA ALA D 174 32.00 10.31 -15.19
C ALA D 174 32.13 11.71 -15.78
N VAL D 175 32.94 12.56 -15.14
CA VAL D 175 33.14 13.92 -15.62
C VAL D 175 33.69 13.91 -17.04
N VAL D 176 34.79 13.20 -17.26
CA VAL D 176 35.42 13.21 -18.58
C VAL D 176 34.52 12.53 -19.59
N ASN D 177 33.83 11.47 -19.19
CA ASN D 177 32.91 10.80 -20.12
C ASN D 177 31.82 11.75 -20.59
N ARG D 178 31.24 12.51 -19.66
CA ARG D 178 30.14 13.39 -20.02
C ARG D 178 30.63 14.60 -20.81
N VAL D 179 31.82 15.11 -20.49
CA VAL D 179 32.33 16.24 -21.25
C VAL D 179 32.71 15.80 -22.66
N GLU D 180 33.18 14.57 -22.81
CA GLU D 180 33.42 14.04 -24.15
C GLU D 180 32.11 13.86 -24.91
N GLY D 181 31.08 13.36 -24.23
CA GLY D 181 29.78 13.25 -24.86
C GLY D 181 29.24 14.60 -25.30
N MET D 182 29.55 15.66 -24.55
CA MET D 182 29.14 17.00 -24.95
C MET D 182 29.93 17.46 -26.16
N LEU D 183 31.25 17.37 -26.10
CA LEU D 183 32.09 17.70 -27.25
C LEU D 183 31.71 16.90 -28.49
N ARG D 184 31.03 15.77 -28.30
CA ARG D 184 30.55 14.95 -29.41
C ARG D 184 29.21 15.44 -29.93
N ASP D 185 28.22 15.58 -29.05
CA ASP D 185 26.87 15.95 -29.43
C ASP D 185 26.66 17.45 -29.50
N TYR D 186 27.11 18.19 -28.49
CA TYR D 186 26.91 19.64 -28.39
C TYR D 186 28.24 20.35 -28.32
N PRO D 187 28.99 20.39 -29.42
CA PRO D 187 30.29 21.05 -29.42
C PRO D 187 30.25 22.55 -29.63
N ASP D 188 29.19 23.05 -30.27
CA ASP D 188 29.13 24.44 -30.73
C ASP D 188 28.31 25.31 -29.80
N THR D 189 28.37 25.05 -28.50
CA THR D 189 27.65 25.82 -27.49
C THR D 189 28.64 26.50 -26.56
N GLN D 190 28.09 27.23 -25.59
CA GLN D 190 28.90 27.92 -24.60
C GLN D 190 29.10 27.11 -23.33
N ALA D 191 28.12 26.31 -22.94
CA ALA D 191 28.31 25.41 -21.80
C ALA D 191 29.52 24.51 -22.01
N THR D 192 29.64 23.94 -23.21
CA THR D 192 30.80 23.14 -23.55
C THR D 192 32.09 23.92 -23.32
N ARG D 193 32.16 25.15 -23.85
CA ARG D 193 33.32 26.00 -23.58
C ARG D 193 33.53 26.20 -22.09
N ASP D 194 32.45 26.14 -21.31
CA ASP D 194 32.52 26.32 -19.87
C ASP D 194 32.76 25.02 -19.12
N ALA D 195 32.87 23.89 -19.82
CA ALA D 195 33.01 22.59 -19.18
C ALA D 195 34.36 21.95 -19.40
N LEU D 196 35.17 22.45 -20.33
CA LEU D 196 36.50 21.90 -20.53
C LEU D 196 37.38 22.02 -19.29
N PRO D 197 37.37 23.12 -18.54
CA PRO D 197 38.13 23.17 -17.29
C PRO D 197 37.84 22.02 -16.35
N LEU D 198 36.59 21.56 -16.30
CA LEU D 198 36.25 20.43 -15.44
C LEU D 198 36.98 19.18 -15.90
N MET D 199 37.02 18.94 -17.20
CA MET D 199 37.73 17.78 -17.72
C MET D 199 39.22 17.90 -17.45
N GLU D 200 39.76 19.12 -17.54
CA GLU D 200 41.17 19.32 -17.22
C GLU D 200 41.44 18.97 -15.77
N ASN D 201 40.61 19.47 -14.85
CA ASN D 201 40.80 19.20 -13.43
C ASN D 201 40.68 17.71 -13.15
N ALA D 202 39.77 17.03 -13.84
CA ALA D 202 39.61 15.59 -13.64
C ALA D 202 40.84 14.83 -14.12
N TYR D 203 41.29 15.11 -15.33
CA TYR D 203 42.49 14.48 -15.84
C TYR D 203 43.70 14.75 -14.96
N ARG D 204 43.73 15.91 -14.30
CA ARG D 204 44.86 16.24 -13.43
C ARG D 204 44.76 15.55 -12.09
N GLN D 205 43.55 15.34 -11.57
CA GLN D 205 43.39 14.70 -10.27
C GLN D 205 43.73 13.22 -10.33
N MET D 206 43.46 12.56 -11.46
CA MET D 206 43.86 11.18 -11.66
C MET D 206 45.28 11.05 -12.18
N GLN D 207 46.05 12.15 -12.18
CA GLN D 207 47.46 12.17 -12.54
C GLN D 207 47.71 11.90 -14.01
N MET D 208 46.72 12.14 -14.87
CA MET D 208 46.90 12.05 -16.31
C MET D 208 47.07 13.47 -16.85
N ASN D 209 48.30 13.96 -16.76
CA ASN D 209 48.60 15.32 -17.17
C ASN D 209 48.81 15.44 -18.68
N ALA D 210 49.19 14.35 -19.33
CA ALA D 210 49.36 14.36 -20.78
C ALA D 210 48.07 14.64 -21.52
N GLN D 211 46.93 14.53 -20.85
CA GLN D 211 45.63 14.87 -21.43
C GLN D 211 45.12 16.21 -20.96
N ALA D 212 45.43 16.60 -19.72
CA ALA D 212 45.14 17.95 -19.27
C ALA D 212 45.86 18.97 -20.13
N GLU D 213 47.09 18.66 -20.56
CA GLU D 213 47.80 19.55 -21.47
C GLU D 213 47.04 19.70 -22.78
N LYS D 214 46.45 18.63 -23.27
CA LYS D 214 45.66 18.71 -24.50
C LYS D 214 44.42 19.56 -24.30
N VAL D 215 43.76 19.40 -23.16
CA VAL D 215 42.57 20.20 -22.88
C VAL D 215 42.94 21.67 -22.81
N ALA D 216 44.11 21.98 -22.25
CA ALA D 216 44.56 23.36 -22.19
C ALA D 216 44.91 23.88 -23.58
N LYS D 217 45.53 23.05 -24.41
CA LYS D 217 45.77 23.42 -25.80
C LYS D 217 44.47 23.81 -26.49
N ILE D 218 43.40 23.06 -26.23
CA ILE D 218 42.12 23.37 -26.83
C ILE D 218 41.58 24.69 -26.28
N ILE D 219 41.60 24.84 -24.96
CA ILE D 219 41.10 26.06 -24.33
C ILE D 219 41.79 27.28 -24.93
N ALA D 220 43.11 27.36 -24.76
CA ALA D 220 43.86 28.53 -25.16
C ALA D 220 43.74 28.86 -26.64
N ALA D 221 43.22 27.95 -27.45
CA ALA D 221 43.02 28.22 -28.87
C ALA D 221 41.65 28.80 -29.17
N ASN D 222 40.77 28.87 -28.18
CA ASN D 222 39.44 29.43 -28.34
C ASN D 222 39.26 30.71 -27.54
N SER D 223 39.50 30.65 -26.24
CA SER D 223 39.47 31.84 -25.39
C SER D 223 40.87 32.33 -25.10
N TYR E 9 32.30 9.53 7.03
CA TYR E 9 30.99 10.17 7.02
C TYR E 9 30.35 9.95 5.65
N ARG E 10 31.20 9.82 4.63
CA ARG E 10 30.79 9.66 3.25
C ARG E 10 30.88 8.20 2.84
N PRO E 11 30.20 7.83 1.76
CA PRO E 11 30.24 6.44 1.29
C PRO E 11 31.50 6.17 0.47
N ASP E 12 31.57 4.96 -0.06
CA ASP E 12 32.71 4.55 -0.87
C ASP E 12 32.56 5.11 -2.28
N ILE E 13 33.65 5.70 -2.79
CA ILE E 13 33.68 6.27 -4.12
C ILE E 13 34.55 5.37 -4.99
N ASN E 14 33.93 4.69 -5.94
CA ASN E 14 34.61 3.78 -6.83
C ASN E 14 34.53 4.31 -8.26
N GLN E 15 35.62 4.17 -9.01
CA GLN E 15 35.68 4.66 -10.37
C GLN E 15 36.56 3.75 -11.21
N GLY E 16 36.09 3.45 -12.41
CA GLY E 16 36.92 2.81 -13.40
C GLY E 16 36.73 1.31 -13.54
N ASN E 17 37.79 0.65 -13.97
CA ASN E 17 37.78 -0.78 -14.25
C ASN E 17 38.42 -1.55 -13.12
N TYR E 18 37.82 -2.69 -12.77
CA TYR E 18 38.38 -3.55 -11.73
C TYR E 18 39.45 -4.43 -12.35
N LEU E 19 40.70 -4.17 -12.00
CA LEU E 19 41.84 -4.97 -12.44
C LEU E 19 42.22 -5.94 -11.33
N THR E 20 42.28 -7.22 -11.67
CA THR E 20 42.45 -8.29 -10.69
C THR E 20 43.90 -8.69 -10.47
N ALA E 21 44.83 -8.06 -11.19
CA ALA E 21 46.27 -8.32 -11.05
C ALA E 21 46.68 -9.65 -11.69
N ASN E 22 45.70 -10.43 -12.12
CA ASN E 22 45.95 -11.63 -12.91
C ASN E 22 45.60 -11.44 -14.37
N ASP E 23 44.81 -10.44 -14.71
CA ASP E 23 44.55 -10.10 -16.10
C ASP E 23 45.65 -9.22 -16.67
N VAL E 24 46.15 -8.27 -15.87
CA VAL E 24 47.20 -7.37 -16.36
C VAL E 24 48.47 -8.13 -16.67
N SER E 25 48.59 -9.36 -16.18
CA SER E 25 49.71 -10.23 -16.53
C SER E 25 49.40 -11.14 -17.71
N LYS E 26 48.15 -11.17 -18.16
CA LYS E 26 47.76 -11.95 -19.33
C LYS E 26 47.99 -11.21 -20.64
N ILE E 27 48.36 -9.94 -20.59
CA ILE E 27 48.48 -9.10 -21.78
C ILE E 27 49.95 -8.97 -22.14
N ARG E 28 50.27 -9.31 -23.39
CA ARG E 28 51.61 -9.17 -23.93
C ARG E 28 51.59 -8.12 -25.04
N VAL E 29 52.78 -7.71 -25.46
CA VAL E 29 52.93 -6.73 -26.54
C VAL E 29 52.74 -7.47 -27.86
N GLY E 30 51.60 -7.25 -28.50
CA GLY E 30 51.30 -7.88 -29.77
C GLY E 30 49.84 -8.26 -29.91
N MET E 31 49.06 -8.02 -28.86
CA MET E 31 47.66 -8.39 -28.84
C MET E 31 46.79 -7.27 -29.37
N THR E 32 45.74 -7.63 -30.09
CA THR E 32 44.81 -6.67 -30.69
C THR E 32 43.84 -6.18 -29.62
N GLN E 33 42.79 -5.50 -30.06
CA GLN E 33 41.82 -4.92 -29.13
C GLN E 33 40.79 -5.94 -28.68
N GLN E 34 40.43 -6.89 -29.54
CA GLN E 34 39.46 -7.91 -29.14
C GLN E 34 40.01 -8.77 -28.02
N GLN E 35 41.30 -9.08 -28.07
CA GLN E 35 41.92 -9.92 -27.06
C GLN E 35 41.93 -9.22 -25.70
N VAL E 36 42.35 -7.96 -25.67
CA VAL E 36 42.38 -7.23 -24.42
C VAL E 36 40.98 -6.96 -23.92
N ALA E 37 40.01 -6.86 -24.83
CA ALA E 37 38.62 -6.69 -24.40
C ALA E 37 38.08 -7.96 -23.77
N TYR E 38 38.46 -9.12 -24.30
CA TYR E 38 38.07 -10.38 -23.68
C TYR E 38 38.73 -10.55 -22.32
N ALA E 39 40.00 -10.18 -22.22
CA ALA E 39 40.73 -10.38 -20.97
C ALA E 39 40.27 -9.41 -19.89
N LEU E 40 40.47 -8.11 -20.13
CA LEU E 40 40.22 -7.09 -19.12
C LEU E 40 38.82 -6.51 -19.19
N GLY E 41 38.34 -6.21 -20.38
CA GLY E 41 37.03 -5.62 -20.59
C GLY E 41 37.11 -4.37 -21.41
N THR E 42 35.97 -3.72 -21.55
CA THR E 42 35.88 -2.46 -22.28
C THR E 42 36.08 -1.30 -21.31
N PRO E 43 37.02 -0.39 -21.57
CA PRO E 43 37.28 0.69 -20.62
C PRO E 43 36.26 1.81 -20.71
N LEU E 44 36.19 2.57 -19.62
CA LEU E 44 35.28 3.70 -19.52
C LEU E 44 35.85 4.98 -20.12
N MET E 45 37.13 4.99 -20.50
CA MET E 45 37.76 6.19 -20.99
C MET E 45 38.78 5.84 -22.07
N SER E 46 39.13 6.85 -22.86
CA SER E 46 40.06 6.69 -23.97
C SER E 46 40.61 8.06 -24.31
N ASP E 47 41.28 8.16 -25.45
CA ASP E 47 41.79 9.43 -25.96
C ASP E 47 40.99 9.83 -27.19
N PRO E 48 40.01 10.72 -27.07
CA PRO E 48 39.24 11.13 -28.25
C PRO E 48 39.98 12.11 -29.14
N PHE E 49 41.12 12.63 -28.71
CA PHE E 49 41.87 13.62 -29.47
C PHE E 49 42.78 12.95 -30.50
N GLY E 50 42.15 12.16 -31.36
CA GLY E 50 42.84 11.56 -32.50
C GLY E 50 43.38 10.17 -32.26
N THR E 51 44.45 10.06 -31.47
CA THR E 51 45.14 8.79 -31.31
C THR E 51 44.23 7.74 -30.67
N ASN E 52 44.64 6.48 -30.80
CA ASN E 52 43.98 5.35 -30.16
C ASN E 52 44.84 4.92 -28.99
N THR E 53 44.34 5.12 -27.78
CA THR E 53 45.11 4.84 -26.57
C THR E 53 44.13 4.69 -25.42
N TRP E 54 44.07 3.51 -24.84
CA TRP E 54 43.09 3.22 -23.81
C TRP E 54 43.71 3.39 -22.43
N PHE E 55 42.88 3.76 -21.47
CA PHE E 55 43.30 3.97 -20.08
C PHE E 55 42.38 3.14 -19.19
N TYR E 56 42.95 2.12 -18.55
CA TYR E 56 42.23 1.36 -17.53
C TYR E 56 42.59 1.94 -16.18
N VAL E 57 41.64 2.66 -15.58
CA VAL E 57 41.81 3.28 -14.27
C VAL E 57 41.05 2.46 -13.26
N PHE E 58 41.63 2.30 -12.07
CA PHE E 58 41.03 1.53 -10.98
C PHE E 58 41.21 2.35 -9.72
N ARG E 59 40.16 3.08 -9.34
CA ARG E 59 40.21 4.05 -8.26
C ARG E 59 39.17 3.67 -7.22
N GLN E 60 39.59 3.62 -5.96
CA GLN E 60 38.66 3.33 -4.88
C GLN E 60 39.02 4.17 -3.67
N GLN E 61 37.99 4.73 -3.03
CA GLN E 61 38.15 5.69 -1.95
C GLN E 61 37.07 5.42 -0.93
N PRO E 62 37.35 4.58 0.07
CA PRO E 62 36.35 4.32 1.12
C PRO E 62 36.25 5.47 2.11
N GLY E 63 35.34 5.34 3.07
CA GLY E 63 35.06 6.42 4.00
C GLY E 63 36.25 6.83 4.85
N HIS E 64 36.83 8.00 4.54
CA HIS E 64 37.88 8.61 5.36
C HIS E 64 38.95 7.59 5.71
N GLU E 65 39.47 6.92 4.67
CA GLU E 65 40.55 5.97 4.84
C GLU E 65 41.64 6.09 3.79
N GLY E 66 41.43 6.86 2.73
CA GLY E 66 42.42 7.06 1.70
C GLY E 66 41.90 6.70 0.32
N VAL E 67 42.76 6.92 -0.67
CA VAL E 67 42.48 6.61 -2.06
C VAL E 67 43.53 5.63 -2.56
N THR E 68 43.10 4.73 -3.44
CA THR E 68 44.02 3.84 -4.15
C THR E 68 43.66 3.91 -5.62
N GLN E 69 44.64 4.24 -6.45
CA GLN E 69 44.43 4.39 -7.89
C GLN E 69 45.54 3.65 -8.64
N GLN E 70 45.15 2.64 -9.40
CA GLN E 70 46.03 1.95 -10.32
C GLN E 70 45.70 2.36 -11.74
N THR E 71 46.73 2.72 -12.52
CA THR E 71 46.55 3.16 -13.89
C THR E 71 47.28 2.22 -14.83
N LEU E 72 46.61 1.85 -15.92
CA LEU E 72 47.19 1.02 -16.97
C LEU E 72 46.91 1.68 -18.31
N THR E 73 47.92 2.29 -18.89
CA THR E 73 47.82 2.97 -20.18
C THR E 73 48.31 2.02 -21.27
N LEU E 74 47.43 1.73 -22.23
CA LEU E 74 47.75 0.86 -23.35
C LEU E 74 47.76 1.69 -24.63
N THR E 75 48.93 1.75 -25.27
CA THR E 75 49.13 2.53 -26.48
C THR E 75 49.18 1.57 -27.66
N PHE E 76 48.18 1.64 -28.52
CA PHE E 76 48.02 0.78 -29.67
C PHE E 76 48.67 1.43 -30.89
N ASN E 77 48.43 0.85 -32.06
CA ASN E 77 48.87 1.41 -33.34
C ASN E 77 47.66 1.62 -34.25
N SER E 78 47.94 2.01 -35.49
CA SER E 78 46.88 2.39 -36.42
C SER E 78 46.00 1.22 -36.82
N SER E 79 46.46 -0.01 -36.64
CA SER E 79 45.76 -1.20 -37.11
C SER E 79 45.43 -2.15 -35.96
N GLY E 80 45.01 -1.59 -34.82
CA GLY E 80 44.60 -2.40 -33.69
C GLY E 80 45.61 -3.44 -33.28
N VAL E 81 46.76 -3.00 -32.77
CA VAL E 81 47.80 -3.89 -32.29
C VAL E 81 48.58 -3.21 -31.18
N LEU E 82 48.66 -3.87 -30.02
CA LEU E 82 49.31 -3.27 -28.87
C LEU E 82 50.77 -2.96 -29.16
N THR E 83 51.23 -1.81 -28.64
CA THR E 83 52.58 -1.34 -28.93
C THR E 83 53.30 -0.91 -27.66
N ASN E 84 52.54 -0.49 -26.63
CA ASN E 84 53.17 -0.13 -25.37
C ASN E 84 52.22 -0.30 -24.20
N ILE E 85 52.76 -0.71 -23.07
CA ILE E 85 52.05 -0.86 -21.80
C ILE E 85 52.73 0.04 -20.78
N ASP E 86 51.94 0.64 -19.90
CA ASP E 86 52.49 1.45 -18.82
C ASP E 86 51.62 1.31 -17.59
N ASN E 87 52.19 0.82 -16.50
CA ASN E 87 51.46 0.53 -15.28
C ASN E 87 51.98 1.42 -14.16
N LYS E 88 51.10 2.21 -13.57
CA LYS E 88 51.38 2.97 -12.36
C LYS E 88 50.59 2.32 -11.24
N PRO E 89 51.23 1.56 -10.36
CA PRO E 89 50.48 0.81 -9.34
C PRO E 89 49.99 1.66 -8.18
N ALA E 90 50.68 2.77 -7.92
CA ALA E 90 50.30 3.69 -6.86
C ALA E 90 50.52 5.11 -7.33
N LEU E 91 49.75 6.03 -6.76
CA LEU E 91 49.72 7.41 -7.18
C LEU E 91 50.47 8.27 -6.16
N SER E 92 51.32 9.16 -6.65
CA SER E 92 52.11 10.03 -5.80
C SER E 92 51.37 11.30 -5.42
N TRP F 1 -6.30 13.11 17.90
CA TRP F 1 -6.65 13.22 16.48
C TRP F 1 -5.66 14.08 15.87
N ASN F 2 -5.24 13.84 14.50
CA ASN F 2 -4.23 14.59 13.63
C ASN F 2 -4.62 14.53 12.27
C UX8 F 3 -4.74 16.31 9.36
CA UX8 F 3 -5.70 15.65 10.16
CG UX8 F 3 -7.49 15.56 8.44
CE2 UX8 F 3 -7.35 15.82 6.31
CB UX8 F 3 -7.30 15.98 9.88
CD1 UX8 F 3 -8.03 14.49 7.86
CD2 UX8 F 3 -7.11 16.39 7.50
CE3 UX8 F 3 -6.52 17.58 7.61
CZ3 UX8 F 3 -6.15 18.28 6.50
CH2 UX8 F 3 -6.41 17.70 5.26
CZ2 UX8 F 3 -7.03 16.47 5.20
N UX8 F 3 -5.25 15.63 11.63
NE1 UX8 F 3 -7.93 14.66 6.55
O UX8 F 3 -4.39 17.46 9.63
O9 UX8 F 3 -7.73 14.97 10.77
HA UX8 F 3 -5.60 14.62 9.85
HB2 UX8 F 3 -7.63 16.98 10.04
HD1 UX8 F 3 -8.47 13.64 8.36
HE3 UX8 F 3 -6.32 17.99 8.59
HZ3 UX8 F 3 -5.66 19.24 6.58
HZ2 UX8 F 3 -7.22 16.00 4.22
H UX8 F 3 -5.30 16.48 12.14
HE1 UX8 F 3 -8.24 14.01 5.85
N SER F 4 -4.17 15.65 8.24
CA SER F 4 -3.15 16.26 7.33
C SER F 4 -3.85 16.49 6.14
N LYS F 5 -3.69 17.61 5.27
CA LYS F 5 -4.51 17.75 3.99
C LYS F 5 -3.64 18.38 2.89
N SER F 6 -2.86 17.48 2.30
CA SER F 6 -1.91 17.78 1.21
C SER F 6 -2.51 18.65 0.12
N PHE F 7 -2.19 19.95 0.18
CA PHE F 7 -2.71 20.87 -0.83
C PHE F 7 -1.82 20.79 -2.06
#